data_4ADC
#
_entry.id   4ADC
#
_cell.length_a   184.370
_cell.length_b   118.277
_cell.length_c   109.457
_cell.angle_alpha   90.00
_cell.angle_beta   96.80
_cell.angle_gamma   90.00
#
_symmetry.space_group_name_H-M   'C 1 2 1'
#
loop_
_entity.id
_entity.type
_entity.pdbx_description
1 polymer 'SUCCINYLORNITHINE TRANSAMINASE'
2 non-polymer "PYRIDOXAL-5'-PHOSPHATE"
3 non-polymer 'SODIUM ION'
4 non-polymer 'MAGNESIUM ION'
5 water water
#
_entity_poly.entity_id   1
_entity_poly.type   'polypeptide(L)'
_entity_poly.pdbx_seq_one_letter_code
;MSQPITRENFDEWMIPVYAPAPFIPVRGEGSRLWDQQGKEYIDFAGGIAVNALGHAHPELREALNEQASKFWHTGNGYTN
EPVLRLAKKLIDATFADRVFFCNSGAEANEAALKLARKFAHDRYGSHKSGIVAFKNAFHGRTLFTVSAGGQPAYSQDFAP
LPADIRHAAYNDINSASALIDDSTCAVIVEPIQGEGGVVPASNAFLQGLRELCNRHNALLIFDEVQTGVGRTGELYAYMH
YGVTPDLLTTAKALGGGFPVGALLATEECARVMTVGTHGTTYGGNPLASAVAGKVLELINTPEMLNGVKQRHDWFVERLN
TINHRYGLFSEVRGLGLLIGCVLNADYAGQAKQISQEAAKAGVMVLIAGGNVVRFAPALNVSEEEVTTGLDRFAAACEHF
VSRGSS
;
_entity_poly.pdbx_strand_id   A,B,C,D
#
# COMPACT_ATOMS: atom_id res chain seq x y z
N GLN A 3 44.04 28.76 3.14
CA GLN A 3 44.19 29.94 2.26
C GLN A 3 42.88 30.76 2.20
N PRO A 4 42.98 32.01 1.71
CA PRO A 4 41.84 32.80 1.22
C PRO A 4 41.10 32.15 0.03
N ILE A 5 39.89 32.64 -0.15
CA ILE A 5 38.94 32.09 -1.06
C ILE A 5 38.76 33.14 -2.16
N THR A 6 38.83 32.71 -3.43
CA THR A 6 38.71 33.67 -4.56
C THR A 6 37.60 33.23 -5.50
N ARG A 7 37.12 34.19 -6.30
CA ARG A 7 36.07 33.90 -7.23
C ARG A 7 36.56 32.78 -8.21
N GLU A 8 37.84 32.79 -8.51
N GLU A 8 37.85 32.81 -8.55
CA GLU A 8 38.39 31.85 -9.45
CA GLU A 8 38.37 31.79 -9.44
C GLU A 8 38.38 30.40 -8.84
C GLU A 8 38.11 30.42 -8.82
N ASN A 9 38.32 30.30 -7.51
CA ASN A 9 38.16 28.97 -6.84
C ASN A 9 36.78 28.29 -7.16
N PHE A 10 35.77 29.11 -7.44
CA PHE A 10 34.47 28.66 -7.66
C PHE A 10 34.47 27.87 -8.98
N ASP A 11 35.32 28.28 -9.91
CA ASP A 11 35.38 27.63 -11.19
C ASP A 11 36.21 26.40 -11.18
N GLU A 12 37.10 26.24 -10.23
CA GLU A 12 37.74 24.92 -10.04
C GLU A 12 36.99 23.99 -9.11
N TRP A 13 36.07 24.48 -8.25
CA TRP A 13 35.65 23.53 -7.16
C TRP A 13 34.21 23.08 -7.28
N MET A 14 33.37 23.79 -8.05
CA MET A 14 31.93 23.59 -8.01
C MET A 14 31.52 22.84 -9.28
N ILE A 15 30.66 21.82 -9.19
CA ILE A 15 30.09 21.28 -10.43
C ILE A 15 29.43 22.48 -11.17
N PRO A 16 29.75 22.72 -12.49
CA PRO A 16 29.48 24.07 -13.09
C PRO A 16 28.07 24.36 -13.50
N VAL A 17 27.11 24.18 -12.61
CA VAL A 17 25.74 24.42 -13.06
C VAL A 17 25.35 25.89 -12.96
N TYR A 18 26.10 26.64 -12.18
CA TYR A 18 25.87 28.09 -12.13
C TYR A 18 27.05 28.89 -12.56
N ALA A 19 26.82 30.06 -13.18
CA ALA A 19 27.91 31.10 -13.32
C ALA A 19 27.57 32.36 -12.42
N PRO A 20 28.03 32.35 -11.15
CA PRO A 20 27.54 33.34 -10.26
C PRO A 20 28.43 34.52 -10.51
N ALA A 21 27.93 35.58 -9.88
CA ALA A 21 28.45 36.94 -9.93
C ALA A 21 29.97 36.90 -9.80
N PRO A 22 30.66 37.86 -10.46
CA PRO A 22 32.15 37.99 -10.22
C PRO A 22 32.55 38.31 -8.72
N PHE A 23 31.66 38.89 -7.96
CA PHE A 23 31.98 39.24 -6.60
C PHE A 23 31.32 38.26 -5.57
N ILE A 24 31.86 38.22 -4.38
CA ILE A 24 31.42 37.30 -3.37
C ILE A 24 30.89 38.06 -2.13
N PRO A 25 29.58 37.96 -1.85
CA PRO A 25 28.94 38.61 -0.61
C PRO A 25 29.52 38.04 0.65
N VAL A 26 29.74 38.86 1.68
CA VAL A 26 30.28 38.40 2.99
C VAL A 26 29.41 38.78 4.18
N ARG A 27 28.58 39.79 4.07
CA ARG A 27 27.58 39.99 5.13
C ARG A 27 26.59 40.96 4.60
N GLY A 28 25.45 41.09 5.28
CA GLY A 28 24.43 42.02 4.79
C GLY A 28 23.53 42.42 5.96
N GLU A 29 22.62 43.40 5.75
CA GLU A 29 21.72 43.78 6.82
C GLU A 29 20.49 44.40 6.14
N GLY A 30 19.27 43.89 6.46
CA GLY A 30 18.03 44.28 5.73
C GLY A 30 18.24 44.02 4.23
N SER A 31 17.95 45.05 3.40
CA SER A 31 18.27 45.01 1.98
C SER A 31 19.62 45.59 1.50
N ARG A 32 20.60 45.71 2.35
CA ARG A 32 21.94 45.99 1.85
C ARG A 32 22.83 44.75 2.04
N LEU A 33 23.85 44.60 1.19
CA LEU A 33 24.73 43.44 1.22
C LEU A 33 26.10 43.92 0.76
N TRP A 34 27.14 43.31 1.25
CA TRP A 34 28.47 43.81 0.96
C TRP A 34 29.37 42.67 0.55
N ASP A 35 30.38 42.94 -0.30
CA ASP A 35 31.22 41.85 -0.80
C ASP A 35 32.54 41.89 -0.13
N GLN A 36 33.46 41.03 -0.54
CA GLN A 36 34.72 40.91 0.12
C GLN A 36 35.58 42.18 0.05
N GLN A 37 35.27 43.14 -0.81
CA GLN A 37 36.07 44.34 -0.75
C GLN A 37 35.33 45.61 -0.33
N GLY A 38 34.18 45.40 0.28
CA GLY A 38 33.56 46.47 0.99
C GLY A 38 32.60 47.12 0.09
N LYS A 39 32.45 46.58 -1.10
CA LYS A 39 31.53 47.25 -2.04
C LYS A 39 30.08 46.92 -1.57
N GLU A 40 29.17 47.90 -1.68
CA GLU A 40 27.84 47.86 -1.15
C GLU A 40 26.81 47.72 -2.25
N TYR A 41 25.84 46.81 -2.05
CA TYR A 41 24.80 46.58 -3.04
C TYR A 41 23.46 46.78 -2.38
N ILE A 42 22.49 47.24 -3.14
CA ILE A 42 21.14 47.12 -2.65
C ILE A 42 20.60 45.83 -3.25
N ASP A 43 19.97 45.00 -2.43
CA ASP A 43 19.64 43.67 -2.85
C ASP A 43 18.18 43.53 -3.19
N PHE A 44 17.88 43.54 -4.48
CA PHE A 44 16.48 43.41 -4.91
C PHE A 44 16.22 42.00 -5.46
N ALA A 45 17.24 41.14 -5.43
CA ALA A 45 17.12 39.70 -5.61
C ALA A 45 16.43 39.03 -4.42
N GLY A 46 16.90 39.40 -3.24
CA GLY A 46 16.20 39.01 -2.04
C GLY A 46 16.24 37.54 -1.82
N GLY A 47 17.42 36.97 -2.14
CA GLY A 47 17.62 35.57 -2.09
C GLY A 47 16.74 34.77 -3.08
N ILE A 48 16.42 35.33 -4.24
CA ILE A 48 15.38 34.80 -5.15
C ILE A 48 14.08 34.64 -4.40
N ALA A 49 13.56 35.74 -3.80
CA ALA A 49 12.23 35.73 -3.20
C ALA A 49 12.13 34.88 -1.95
N VAL A 50 13.25 34.77 -1.23
CA VAL A 50 13.44 33.92 -0.04
C VAL A 50 13.61 34.77 1.23
N ASN A 51 14.56 35.73 1.18
CA ASN A 51 14.87 36.62 2.31
C ASN A 51 13.75 37.67 2.59
N ALA A 52 12.54 37.20 2.93
CA ALA A 52 11.32 38.05 3.12
C ALA A 52 11.55 39.18 4.13
N LEU A 53 12.50 38.98 5.03
CA LEU A 53 12.79 39.87 6.17
C LEU A 53 14.22 40.45 6.04
N GLY A 54 14.81 40.32 4.85
CA GLY A 54 16.15 40.82 4.64
C GLY A 54 17.22 39.91 5.27
N HIS A 55 18.45 40.43 5.26
CA HIS A 55 19.64 39.71 5.70
C HIS A 55 19.82 39.82 7.19
N ALA A 56 20.44 38.79 7.78
CA ALA A 56 20.69 38.71 9.19
C ALA A 56 19.66 39.44 10.07
N HIS A 57 18.38 39.09 9.91
CA HIS A 57 17.37 39.67 10.77
C HIS A 57 17.61 39.24 12.23
N PRO A 58 17.69 40.23 13.16
CA PRO A 58 17.97 40.02 14.59
C PRO A 58 16.93 39.09 15.26
N GLU A 59 15.66 39.29 14.96
CA GLU A 59 14.67 38.32 15.43
C GLU A 59 14.77 36.90 14.92
N LEU A 60 15.11 36.74 13.64
CA LEU A 60 15.32 35.44 13.06
C LEU A 60 16.58 34.85 13.69
N ARG A 61 17.54 35.67 14.02
CA ARG A 61 18.73 35.16 14.65
C ARG A 61 18.50 34.63 16.03
N GLU A 62 17.68 35.36 16.77
CA GLU A 62 17.53 35.09 18.16
C GLU A 62 16.67 33.83 18.21
N ALA A 63 15.71 33.67 17.29
CA ALA A 63 14.92 32.40 17.32
C ALA A 63 15.83 31.26 16.94
N LEU A 64 16.69 31.50 15.96
CA LEU A 64 17.71 30.51 15.63
C LEU A 64 18.60 30.07 16.83
N ASN A 65 19.32 30.99 17.47
N ASN A 65 19.29 31.04 17.47
CA ASN A 65 20.24 30.58 18.53
CA ASN A 65 20.21 30.79 18.62
C ASN A 65 19.43 30.03 19.74
C ASN A 65 19.45 30.10 19.75
N GLU A 66 18.26 30.61 20.02
CA GLU A 66 17.46 30.06 21.13
C GLU A 66 17.09 28.59 20.93
N GLN A 67 16.51 28.24 19.77
CA GLN A 67 16.31 26.79 19.50
C GLN A 67 17.64 26.04 19.38
N ALA A 68 18.67 26.68 18.80
CA ALA A 68 19.97 25.93 18.57
C ALA A 68 20.66 25.50 19.86
N SER A 69 20.26 26.12 20.98
CA SER A 69 20.95 25.84 22.26
C SER A 69 20.17 24.84 23.07
N LYS A 70 19.06 24.34 22.50
CA LYS A 70 18.24 23.23 23.06
C LYS A 70 18.53 21.90 22.31
N PHE A 71 18.03 21.77 21.07
CA PHE A 71 18.43 20.69 20.12
C PHE A 71 18.01 21.10 18.72
N TRP A 72 18.73 20.51 17.75
CA TRP A 72 18.52 20.87 16.35
C TRP A 72 17.69 19.92 15.57
N HIS A 73 17.62 18.68 15.98
CA HIS A 73 17.21 17.61 15.07
C HIS A 73 17.21 16.29 15.87
N THR A 74 16.18 15.46 15.66
CA THR A 74 16.18 14.08 16.08
C THR A 74 15.77 13.24 14.91
N GLY A 75 15.17 13.83 13.85
CA GLY A 75 14.59 12.98 12.76
C GLY A 75 13.17 12.62 13.21
N ASN A 76 12.36 12.05 12.33
CA ASN A 76 10.96 12.05 12.55
C ASN A 76 10.33 10.90 13.36
N GLY A 77 11.17 10.05 13.94
CA GLY A 77 10.73 9.18 14.95
C GLY A 77 10.21 9.94 16.18
N TYR A 78 10.47 11.25 16.28
CA TYR A 78 10.06 12.05 17.50
C TYR A 78 9.55 13.41 17.06
N THR A 79 8.34 13.82 17.41
CA THR A 79 7.94 15.20 17.08
C THR A 79 8.67 16.29 18.02
N ASN A 80 8.43 17.59 17.82
CA ASN A 80 9.11 18.58 18.63
C ASN A 80 8.11 19.76 18.78
N GLU A 81 8.35 20.65 19.74
CA GLU A 81 7.35 21.74 19.92
C GLU A 81 7.31 22.73 18.78
N PRO A 82 8.50 23.23 18.32
CA PRO A 82 8.40 24.17 17.19
C PRO A 82 7.66 23.63 15.93
N VAL A 83 7.93 22.43 15.53
CA VAL A 83 7.25 21.99 14.32
C VAL A 83 5.74 21.93 14.51
N LEU A 84 5.25 21.49 15.70
CA LEU A 84 3.81 21.52 15.97
C LEU A 84 3.20 22.95 16.01
N ARG A 85 3.92 23.91 16.58
CA ARG A 85 3.43 25.26 16.61
C ARG A 85 3.39 25.79 15.17
N LEU A 86 4.36 25.38 14.35
CA LEU A 86 4.46 25.92 13.01
C LEU A 86 3.29 25.33 12.20
N ALA A 87 3.07 24.04 12.34
CA ALA A 87 1.83 23.41 11.74
C ALA A 87 0.56 24.15 12.11
N LYS A 88 0.40 24.48 13.42
CA LYS A 88 -0.82 25.21 13.83
C LYS A 88 -1.04 26.54 13.20
N LYS A 89 0.03 27.40 13.21
CA LYS A 89 0.02 28.68 12.49
C LYS A 89 -0.45 28.53 11.05
N LEU A 90 0.17 27.63 10.29
CA LEU A 90 -0.23 27.40 8.89
C LEU A 90 -1.66 26.92 8.79
N ILE A 91 -2.06 26.02 9.66
CA ILE A 91 -3.45 25.51 9.65
C ILE A 91 -4.46 26.65 9.94
N ASP A 92 -4.12 27.51 10.91
CA ASP A 92 -5.08 28.49 11.42
C ASP A 92 -5.20 29.54 10.36
N ALA A 93 -4.11 29.74 9.60
CA ALA A 93 -3.98 30.86 8.70
C ALA A 93 -4.46 30.51 7.27
N THR A 94 -4.60 29.25 6.92
CA THR A 94 -4.91 28.89 5.53
C THR A 94 -6.11 27.89 5.44
N PHE A 95 -6.56 27.55 4.20
CA PHE A 95 -7.46 26.45 4.01
C PHE A 95 -6.90 25.10 4.61
N ALA A 96 -5.59 24.97 4.91
CA ALA A 96 -5.03 23.63 5.29
C ALA A 96 -5.66 23.06 6.59
N ASP A 97 -5.67 21.74 6.72
CA ASP A 97 -6.00 21.07 7.95
C ASP A 97 -4.81 20.32 8.45
N ARG A 98 -3.86 20.03 7.57
CA ARG A 98 -2.67 19.29 7.97
C ARG A 98 -1.46 19.72 7.19
N VAL A 99 -0.26 19.42 7.72
CA VAL A 99 0.98 19.80 7.11
C VAL A 99 1.99 18.61 7.11
N PHE A 100 2.84 18.58 6.06
CA PHE A 100 4.04 17.79 6.03
C PHE A 100 5.23 18.78 5.88
N PHE A 101 6.35 18.60 6.59
CA PHE A 101 7.51 19.49 6.39
C PHE A 101 8.65 18.75 5.69
N CYS A 102 9.33 19.48 4.80
CA CYS A 102 10.47 19.00 4.02
C CYS A 102 11.50 20.14 3.92
N ASN A 103 12.46 20.09 3.02
CA ASN A 103 13.62 20.96 3.07
C ASN A 103 13.81 21.85 1.82
N SER A 104 12.89 21.81 0.86
CA SER A 104 13.03 22.56 -0.39
C SER A 104 11.71 22.63 -1.11
N GLY A 105 11.63 23.46 -2.15
CA GLY A 105 10.41 23.61 -2.91
C GLY A 105 10.12 22.33 -3.72
N ALA A 106 11.17 21.81 -4.40
CA ALA A 106 11.03 20.51 -5.05
C ALA A 106 10.52 19.39 -4.10
N GLU A 107 11.06 19.31 -2.90
CA GLU A 107 10.63 18.27 -2.00
C GLU A 107 9.17 18.46 -1.68
N ALA A 108 8.78 19.77 -1.52
CA ALA A 108 7.38 20.04 -1.24
C ALA A 108 6.49 19.56 -2.41
N ASN A 109 6.86 19.93 -3.62
CA ASN A 109 6.09 19.50 -4.81
C ASN A 109 6.17 17.93 -5.02
N GLU A 110 7.30 17.29 -4.71
CA GLU A 110 7.31 15.83 -4.72
C GLU A 110 6.19 15.26 -3.81
N ALA A 111 6.07 15.75 -2.60
CA ALA A 111 5.08 15.28 -1.70
C ALA A 111 3.68 15.52 -2.30
N ALA A 112 3.47 16.70 -2.91
CA ALA A 112 2.13 17.01 -3.37
C ALA A 112 1.68 16.05 -4.54
N LEU A 113 2.56 15.89 -5.51
CA LEU A 113 2.29 15.02 -6.64
C LEU A 113 2.19 13.57 -6.17
N LYS A 114 3.07 13.15 -5.25
CA LYS A 114 2.87 11.83 -4.65
C LYS A 114 1.47 11.61 -4.02
N LEU A 115 1.06 12.60 -3.24
CA LEU A 115 -0.16 12.46 -2.56
C LEU A 115 -1.31 12.31 -3.61
N ALA A 116 -1.34 13.18 -4.62
CA ALA A 116 -2.47 13.16 -5.57
C ALA A 116 -2.47 11.87 -6.35
N ARG A 117 -1.26 11.40 -6.72
CA ARG A 117 -1.21 10.04 -7.21
C ARG A 117 -1.85 8.95 -6.30
N LYS A 118 -1.44 8.90 -5.05
CA LYS A 118 -1.95 7.83 -4.24
C LYS A 118 -3.46 8.06 -4.00
N PHE A 119 -3.91 9.32 -3.84
CA PHE A 119 -5.30 9.58 -3.61
C PHE A 119 -6.16 9.00 -4.76
N ALA A 120 -5.84 9.37 -6.00
CA ALA A 120 -6.58 8.84 -7.13
C ALA A 120 -6.51 7.25 -7.22
N HIS A 121 -5.31 6.67 -7.12
N HIS A 121 -5.29 6.66 -7.08
CA HIS A 121 -5.17 5.25 -7.17
CA HIS A 121 -4.97 5.19 -7.09
C HIS A 121 -6.10 4.59 -6.17
C HIS A 121 -5.76 4.41 -6.08
N ASP A 122 -5.98 5.04 -4.92
CA ASP A 122 -6.76 4.44 -3.81
C ASP A 122 -8.24 4.59 -4.02
N ARG A 123 -8.72 5.72 -4.58
CA ARG A 123 -10.17 5.91 -4.68
C ARG A 123 -10.79 5.47 -6.03
N TYR A 124 -10.02 5.51 -7.13
CA TYR A 124 -10.57 5.22 -8.45
C TYR A 124 -9.89 4.07 -9.17
N GLY A 125 -8.63 3.83 -8.83
CA GLY A 125 -7.88 2.74 -9.41
C GLY A 125 -6.56 3.24 -10.04
N SER A 126 -5.67 2.30 -10.35
CA SER A 126 -4.30 2.50 -10.79
C SER A 126 -4.09 3.35 -12.07
N HIS A 127 -5.10 3.41 -12.91
CA HIS A 127 -5.02 4.07 -14.21
C HIS A 127 -5.21 5.57 -14.11
N LYS A 128 -5.79 6.07 -12.98
CA LYS A 128 -6.04 7.49 -12.86
C LYS A 128 -4.72 8.21 -12.36
N SER A 129 -3.80 8.54 -13.27
CA SER A 129 -2.45 8.98 -12.83
C SER A 129 -1.91 10.25 -13.49
N GLY A 130 -2.75 10.86 -14.34
CA GLY A 130 -2.41 11.98 -15.22
C GLY A 130 -2.06 13.22 -14.40
N ILE A 131 -0.90 13.84 -14.70
CA ILE A 131 -0.59 15.16 -14.16
C ILE A 131 -0.63 16.16 -15.31
N VAL A 132 -1.42 17.24 -15.12
CA VAL A 132 -1.40 18.37 -16.06
C VAL A 132 -0.73 19.55 -15.36
N ALA A 133 0.23 20.16 -16.04
CA ALA A 133 1.05 21.26 -15.57
C ALA A 133 1.07 22.23 -16.75
N PHE A 134 1.87 23.27 -16.68
CA PHE A 134 1.79 24.34 -17.69
C PHE A 134 3.15 24.70 -18.26
N LYS A 135 3.17 24.98 -19.58
CA LYS A 135 4.36 25.30 -20.30
C LYS A 135 4.92 26.44 -19.60
N ASN A 136 6.26 26.49 -19.50
CA ASN A 136 6.99 27.58 -18.79
C ASN A 136 7.00 27.48 -17.23
N ALA A 137 6.16 26.60 -16.67
CA ALA A 137 6.21 26.27 -15.21
C ALA A 137 7.56 25.89 -14.73
N PHE A 138 7.83 26.14 -13.43
CA PHE A 138 9.06 25.63 -12.81
C PHE A 138 8.61 25.01 -11.49
N HIS A 139 9.02 23.77 -11.21
CA HIS A 139 8.49 23.08 -10.01
C HIS A 139 9.58 22.41 -9.28
N GLY A 140 10.78 22.54 -9.82
CA GLY A 140 12.01 22.02 -9.18
C GLY A 140 12.80 21.13 -10.08
N ARG A 141 13.79 20.42 -9.49
CA ARG A 141 14.89 19.85 -10.28
C ARG A 141 15.09 18.37 -10.02
N THR A 142 14.29 17.80 -9.13
CA THR A 142 14.14 16.33 -8.98
C THR A 142 13.52 15.82 -10.31
N LEU A 143 13.89 14.64 -10.77
CA LEU A 143 13.31 14.12 -12.01
C LEU A 143 11.78 14.33 -12.06
N PHE A 144 11.05 14.05 -11.00
CA PHE A 144 9.61 14.20 -11.11
C PHE A 144 9.20 15.67 -11.24
N THR A 145 9.84 16.56 -10.46
CA THR A 145 9.35 17.92 -10.44
C THR A 145 9.82 18.68 -11.72
N VAL A 146 10.99 18.32 -12.23
CA VAL A 146 11.46 18.97 -13.47
C VAL A 146 10.71 18.44 -14.69
N SER A 147 10.10 17.25 -14.54
CA SER A 147 9.22 16.69 -15.56
C SER A 147 7.93 17.38 -15.50
N ALA A 148 7.56 17.79 -14.28
CA ALA A 148 6.30 18.49 -14.13
C ALA A 148 6.45 19.88 -14.66
N GLY A 149 7.65 20.42 -14.47
CA GLY A 149 8.02 21.73 -15.02
C GLY A 149 7.81 21.83 -16.51
N GLY A 150 7.37 22.98 -17.03
CA GLY A 150 7.17 23.17 -18.47
C GLY A 150 8.38 23.70 -19.26
N GLN A 151 9.58 23.23 -18.94
CA GLN A 151 10.72 23.64 -19.73
C GLN A 151 11.54 22.42 -20.14
N PRO A 152 11.15 21.76 -21.27
CA PRO A 152 11.76 20.51 -21.74
C PRO A 152 13.25 20.53 -21.80
N ALA A 153 13.90 21.69 -22.08
CA ALA A 153 15.37 21.75 -21.94
C ALA A 153 16.02 21.35 -20.60
N TYR A 154 15.28 21.36 -19.51
CA TYR A 154 15.80 20.95 -18.16
C TYR A 154 15.56 19.48 -17.80
N SER A 155 14.64 18.87 -18.54
CA SER A 155 14.21 17.50 -18.37
C SER A 155 14.84 16.55 -19.38
N GLN A 156 15.01 17.00 -20.64
CA GLN A 156 15.37 16.13 -21.81
C GLN A 156 16.56 15.13 -21.56
N ASP A 157 17.61 15.63 -20.94
CA ASP A 157 18.84 14.98 -20.78
C ASP A 157 18.78 13.78 -19.82
N PHE A 158 17.72 13.75 -19.01
CA PHE A 158 17.58 12.79 -17.89
C PHE A 158 16.50 11.68 -18.08
N ALA A 159 15.82 11.69 -19.23
CA ALA A 159 14.93 10.60 -19.75
C ALA A 159 15.55 9.22 -19.60
N PRO A 160 14.71 8.20 -19.38
CA PRO A 160 13.22 8.31 -19.37
C PRO A 160 12.63 9.00 -18.13
N LEU A 161 11.73 9.95 -18.41
CA LEU A 161 10.97 10.76 -17.49
C LEU A 161 9.73 10.05 -16.97
N PRO A 162 9.36 10.27 -15.72
CA PRO A 162 8.12 9.57 -15.32
C PRO A 162 7.00 9.86 -16.30
N ALA A 163 6.19 8.85 -16.74
CA ALA A 163 5.10 9.10 -17.74
C ALA A 163 3.80 9.75 -17.19
N ASP A 164 2.86 10.14 -18.04
CA ASP A 164 1.56 10.66 -17.62
C ASP A 164 1.60 12.09 -17.15
N ILE A 165 2.57 12.85 -17.63
CA ILE A 165 2.62 14.27 -17.45
C ILE A 165 2.38 14.98 -18.78
N ARG A 166 1.54 16.01 -18.82
CA ARG A 166 1.23 16.72 -20.06
C ARG A 166 1.15 18.17 -19.69
N HIS A 167 1.43 19.05 -20.66
CA HIS A 167 1.50 20.48 -20.45
C HIS A 167 0.57 21.26 -21.36
N ALA A 168 -0.23 22.12 -20.73
CA ALA A 168 -1.11 23.04 -21.36
C ALA A 168 -0.43 24.41 -21.34
N ALA A 169 -1.03 25.33 -22.11
CA ALA A 169 -0.58 26.70 -22.16
C ALA A 169 -1.16 27.49 -20.96
N TYR A 170 -0.27 28.24 -20.29
CA TYR A 170 -0.60 28.94 -19.11
C TYR A 170 -1.68 29.99 -19.43
N ASN A 171 -2.62 30.22 -18.51
CA ASN A 171 -3.69 31.25 -18.74
C ASN A 171 -4.58 30.91 -19.92
N ASP A 172 -4.48 29.68 -20.43
CA ASP A 172 -5.34 29.25 -21.54
C ASP A 172 -6.24 28.09 -21.10
N ILE A 173 -7.45 28.45 -20.75
CA ILE A 173 -8.42 27.55 -20.13
C ILE A 173 -8.77 26.36 -21.05
N ASN A 174 -8.98 26.60 -22.35
CA ASN A 174 -9.34 25.54 -23.32
C ASN A 174 -8.20 24.53 -23.52
N SER A 175 -6.98 25.05 -23.47
CA SER A 175 -5.79 24.23 -23.63
C SER A 175 -5.75 23.22 -22.48
N ALA A 176 -6.09 23.67 -21.27
CA ALA A 176 -5.97 22.82 -20.08
C ALA A 176 -7.12 21.91 -20.11
N SER A 177 -8.27 22.42 -20.49
CA SER A 177 -9.47 21.60 -20.62
C SER A 177 -9.34 20.37 -21.52
N ALA A 178 -8.60 20.54 -22.61
CA ALA A 178 -8.33 19.44 -23.53
C ALA A 178 -7.47 18.33 -22.93
N LEU A 179 -6.63 18.61 -21.93
CA LEU A 179 -5.73 17.59 -21.32
C LEU A 179 -6.24 16.96 -19.98
N ILE A 180 -7.29 17.55 -19.43
CA ILE A 180 -7.92 17.16 -18.17
C ILE A 180 -9.19 16.30 -18.45
N ASP A 181 -9.13 15.02 -18.07
CA ASP A 181 -10.24 14.10 -18.18
C ASP A 181 -10.27 13.28 -16.89
N ASP A 182 -11.27 12.40 -16.76
CA ASP A 182 -11.38 11.48 -15.62
C ASP A 182 -10.11 10.71 -15.25
N SER A 183 -9.10 10.75 -16.12
CA SER A 183 -7.83 10.04 -15.87
C SER A 183 -6.81 10.95 -15.21
N THR A 184 -7.20 12.19 -14.96
CA THR A 184 -6.23 13.12 -14.37
C THR A 184 -6.30 12.94 -12.88
N CYS A 185 -5.17 12.72 -12.24
CA CYS A 185 -5.15 12.87 -10.75
C CYS A 185 -4.83 14.27 -10.23
N ALA A 186 -3.95 15.01 -10.93
CA ALA A 186 -3.53 16.35 -10.44
C ALA A 186 -3.37 17.41 -11.52
N VAL A 187 -3.67 18.65 -11.15
CA VAL A 187 -3.32 19.76 -11.95
C VAL A 187 -2.45 20.61 -11.07
N ILE A 188 -1.19 20.82 -11.45
CA ILE A 188 -0.29 21.69 -10.71
C ILE A 188 -0.06 22.99 -11.47
N VAL A 189 -0.24 24.14 -10.78
CA VAL A 189 -0.09 25.46 -11.40
C VAL A 189 0.54 26.47 -10.41
N GLU A 190 1.47 27.32 -10.85
CA GLU A 190 1.93 28.42 -10.04
C GLU A 190 0.89 29.60 -10.24
N PRO A 191 0.43 30.27 -9.15
CA PRO A 191 -0.52 31.44 -9.34
C PRO A 191 0.09 32.65 -10.10
N ILE A 192 1.42 32.82 -10.01
CA ILE A 192 2.20 33.68 -10.93
C ILE A 192 3.40 32.84 -11.39
N GLN A 193 3.65 32.77 -12.70
CA GLN A 193 4.84 32.00 -13.12
C GLN A 193 6.07 32.82 -12.75
N GLY A 194 7.02 32.18 -12.08
CA GLY A 194 8.05 32.92 -11.44
C GLY A 194 9.23 32.97 -12.39
N GLU A 195 10.02 31.90 -12.43
N GLU A 195 10.03 31.90 -12.43
CA GLU A 195 11.17 31.82 -13.27
CA GLU A 195 11.14 31.71 -13.31
C GLU A 195 10.68 31.96 -14.71
C GLU A 195 10.65 32.01 -14.71
N GLY A 196 9.44 31.55 -15.02
CA GLY A 196 8.96 31.71 -16.39
C GLY A 196 8.57 33.12 -16.80
N GLY A 197 9.12 34.17 -16.16
CA GLY A 197 8.79 35.48 -16.58
C GLY A 197 7.88 36.40 -15.76
N VAL A 198 7.56 36.05 -14.50
CA VAL A 198 6.67 36.86 -13.65
C VAL A 198 5.32 37.11 -14.37
N VAL A 199 4.64 36.04 -14.70
CA VAL A 199 3.40 36.15 -15.45
C VAL A 199 2.29 35.73 -14.50
N PRO A 200 1.42 36.65 -14.09
CA PRO A 200 0.33 36.26 -13.20
C PRO A 200 -0.79 35.52 -13.88
N ALA A 201 -1.37 34.54 -13.17
CA ALA A 201 -2.61 33.93 -13.67
C ALA A 201 -3.66 35.02 -13.74
N SER A 202 -4.69 34.78 -14.51
CA SER A 202 -5.86 35.63 -14.47
C SER A 202 -6.88 34.93 -13.58
N ASN A 203 -7.77 35.72 -13.03
CA ASN A 203 -8.71 35.15 -12.10
C ASN A 203 -9.63 34.05 -12.78
N ALA A 204 -10.04 34.27 -14.03
CA ALA A 204 -10.85 33.30 -14.73
C ALA A 204 -10.02 32.02 -15.00
N PHE A 205 -8.72 32.14 -15.31
CA PHE A 205 -7.92 30.90 -15.55
C PHE A 205 -7.99 29.96 -14.32
N LEU A 206 -7.64 30.47 -13.13
CA LEU A 206 -7.63 29.65 -11.90
C LEU A 206 -9.00 29.05 -11.49
N GLN A 207 -10.01 29.89 -11.49
CA GLN A 207 -11.38 29.49 -11.25
C GLN A 207 -11.77 28.43 -12.26
N GLY A 208 -11.33 28.57 -13.50
CA GLY A 208 -11.58 27.49 -14.45
C GLY A 208 -10.81 26.18 -14.11
N LEU A 209 -9.56 26.26 -13.62
CA LEU A 209 -8.90 25.01 -13.26
C LEU A 209 -9.61 24.35 -12.07
N ARG A 210 -10.05 25.17 -11.11
CA ARG A 210 -10.83 24.71 -9.96
C ARG A 210 -12.10 23.91 -10.39
N GLU A 211 -12.88 24.47 -11.30
CA GLU A 211 -14.09 23.80 -11.91
C GLU A 211 -13.70 22.51 -12.64
N LEU A 212 -12.63 22.50 -13.41
CA LEU A 212 -12.25 21.30 -14.15
C LEU A 212 -11.83 20.17 -13.20
N CYS A 213 -10.99 20.49 -12.22
CA CYS A 213 -10.61 19.54 -11.17
C CYS A 213 -11.81 18.94 -10.47
N ASN A 214 -12.83 19.74 -10.21
CA ASN A 214 -14.01 19.22 -9.53
C ASN A 214 -14.79 18.28 -10.40
N ARG A 215 -14.92 18.64 -11.67
CA ARG A 215 -15.68 17.81 -12.57
C ARG A 215 -14.93 16.51 -12.79
N HIS A 216 -13.61 16.51 -12.81
CA HIS A 216 -12.93 15.27 -13.15
C HIS A 216 -12.26 14.58 -11.98
N ASN A 217 -12.65 15.00 -10.77
CA ASN A 217 -12.14 14.46 -9.50
C ASN A 217 -10.62 14.46 -9.53
N ALA A 218 -10.04 15.64 -9.72
CA ALA A 218 -8.61 15.74 -9.80
C ALA A 218 -8.24 16.72 -8.71
N LEU A 219 -7.06 16.56 -8.14
CA LEU A 219 -6.63 17.50 -7.06
C LEU A 219 -6.01 18.72 -7.71
N LEU A 220 -6.41 19.91 -7.25
CA LEU A 220 -5.75 21.13 -7.68
C LEU A 220 -4.63 21.52 -6.72
N ILE A 221 -3.41 21.56 -7.28
CA ILE A 221 -2.20 21.95 -6.50
C ILE A 221 -1.65 23.30 -6.84
N PHE A 222 -1.64 24.17 -5.84
CA PHE A 222 -0.99 25.44 -6.07
C PHE A 222 0.46 25.40 -5.66
N ASP A 223 1.34 25.67 -6.60
CA ASP A 223 2.76 25.75 -6.25
C ASP A 223 3.02 27.17 -5.83
N GLU A 224 3.10 27.36 -4.51
CA GLU A 224 3.24 28.73 -3.98
C GLU A 224 4.59 29.00 -3.39
N VAL A 225 5.52 28.21 -3.89
CA VAL A 225 6.85 28.30 -3.45
C VAL A 225 7.46 29.67 -3.64
N GLN A 226 7.12 30.30 -4.75
CA GLN A 226 7.61 31.61 -5.01
C GLN A 226 6.54 32.69 -4.64
N THR A 227 5.26 32.41 -4.82
CA THR A 227 4.26 33.48 -4.61
C THR A 227 3.77 33.59 -3.18
N GLY A 228 4.24 32.73 -2.29
CA GLY A 228 3.65 32.56 -0.96
C GLY A 228 4.40 33.32 0.11
N VAL A 229 3.93 33.11 1.36
CA VAL A 229 4.40 33.81 2.55
C VAL A 229 4.58 35.30 2.31
N GLY A 230 3.52 35.98 2.00
CA GLY A 230 3.49 37.45 1.93
C GLY A 230 3.81 38.09 0.56
N ARG A 231 4.27 37.32 -0.42
CA ARG A 231 4.95 37.88 -1.56
C ARG A 231 4.02 38.79 -2.36
N THR A 232 2.76 38.46 -2.42
CA THR A 232 1.85 39.18 -3.23
C THR A 232 1.10 40.26 -2.43
N GLY A 233 1.24 40.35 -1.09
CA GLY A 233 0.40 41.29 -0.32
C GLY A 233 -0.76 40.70 0.46
N GLU A 234 -1.09 39.44 0.16
CA GLU A 234 -1.78 38.52 1.09
C GLU A 234 -0.76 37.42 1.50
N LEU A 235 -1.12 36.58 2.48
CA LEU A 235 -0.19 35.59 2.96
C LEU A 235 0.21 34.64 1.77
N TYR A 236 -0.81 34.07 1.09
CA TYR A 236 -0.66 33.29 -0.12
C TYR A 236 -1.46 33.93 -1.26
N ALA A 237 -0.96 33.74 -2.48
CA ALA A 237 -1.57 34.31 -3.64
C ALA A 237 -2.96 33.71 -3.82
N TYR A 238 -3.22 32.51 -3.31
CA TYR A 238 -4.59 32.04 -3.50
C TYR A 238 -5.64 32.88 -2.80
N MET A 239 -5.23 33.58 -1.73
CA MET A 239 -6.19 34.43 -0.98
C MET A 239 -6.47 35.63 -1.87
N HIS A 240 -5.44 36.10 -2.62
CA HIS A 240 -5.61 37.19 -3.52
C HIS A 240 -6.55 36.82 -4.62
N TYR A 241 -6.36 35.70 -5.28
CA TYR A 241 -7.26 35.31 -6.37
C TYR A 241 -8.56 34.85 -5.89
N GLY A 242 -8.68 34.48 -4.62
CA GLY A 242 -9.96 33.91 -4.14
C GLY A 242 -10.36 32.54 -4.70
N VAL A 243 -9.39 31.65 -4.96
CA VAL A 243 -9.63 30.31 -5.47
C VAL A 243 -8.84 29.38 -4.54
N THR A 244 -9.46 28.31 -4.04
CA THR A 244 -8.87 27.48 -3.00
C THR A 244 -8.45 26.15 -3.56
N PRO A 245 -7.16 25.80 -3.40
CA PRO A 245 -6.63 24.53 -3.97
C PRO A 245 -6.90 23.36 -3.02
N ASP A 246 -6.67 22.12 -3.45
CA ASP A 246 -6.67 20.97 -2.51
C ASP A 246 -5.33 20.87 -1.82
N LEU A 247 -4.27 21.32 -2.50
CA LEU A 247 -2.93 21.13 -2.03
C LEU A 247 -2.11 22.37 -2.38
N LEU A 248 -1.32 22.82 -1.45
CA LEU A 248 -0.59 24.05 -1.66
C LEU A 248 0.82 23.80 -1.24
N THR A 249 1.81 24.15 -2.03
CA THR A 249 3.15 23.95 -1.56
C THR A 249 3.85 25.26 -1.25
N THR A 250 4.87 25.24 -0.38
CA THR A 250 5.42 26.48 0.22
C THR A 250 6.87 26.26 0.63
N ALA A 251 7.72 27.24 0.34
CA ALA A 251 9.13 27.06 0.68
C ALA A 251 9.68 28.47 0.58
N LYS A 252 10.88 28.66 0.02
CA LYS A 252 11.54 29.95 -0.15
C LYS A 252 11.45 30.77 1.11
N ALA A 253 10.57 31.80 1.08
CA ALA A 253 10.40 32.76 2.16
C ALA A 253 9.88 32.07 3.45
N LEU A 254 9.19 30.94 3.36
CA LEU A 254 8.83 30.26 4.61
C LEU A 254 9.90 30.34 5.73
N GLY A 255 11.16 30.18 5.39
CA GLY A 255 12.13 30.08 6.46
C GLY A 255 13.02 31.31 6.48
N GLY A 256 12.64 32.34 5.71
CA GLY A 256 13.44 33.59 5.64
C GLY A 256 14.91 33.38 5.40
N GLY A 257 15.23 32.26 4.74
CA GLY A 257 16.55 31.93 4.40
C GLY A 257 17.07 30.62 4.98
N PHE A 258 16.36 30.04 5.97
CA PHE A 258 16.68 28.72 6.49
C PHE A 258 15.96 27.70 5.59
N PRO A 259 16.64 26.55 5.19
CA PRO A 259 16.06 25.62 4.25
C PRO A 259 14.83 24.91 4.87
N VAL A 260 13.67 25.24 4.33
CA VAL A 260 12.49 24.64 4.84
C VAL A 260 11.49 24.57 3.69
N GLY A 261 10.58 23.61 3.72
CA GLY A 261 9.46 23.67 2.79
C GLY A 261 8.32 22.97 3.43
N ALA A 262 7.13 23.10 2.86
CA ALA A 262 6.03 22.28 3.43
C ALA A 262 4.93 22.01 2.46
N LEU A 263 4.06 21.06 2.76
CA LEU A 263 2.92 20.74 1.90
C LEU A 263 1.71 20.98 2.79
N LEU A 264 0.80 21.89 2.39
CA LEU A 264 -0.45 22.07 3.12
C LEU A 264 -1.60 21.27 2.42
N ALA A 265 -2.45 20.58 3.18
CA ALA A 265 -3.45 19.67 2.61
C ALA A 265 -4.76 19.77 3.37
N THR A 266 -5.88 19.49 2.71
CA THR A 266 -7.16 19.29 3.39
C THR A 266 -7.12 17.99 4.13
N GLU A 267 -7.93 17.90 5.18
CA GLU A 267 -8.09 16.63 5.96
C GLU A 267 -8.30 15.49 4.95
N GLU A 268 -9.27 15.60 4.04
CA GLU A 268 -9.53 14.48 3.09
C GLU A 268 -8.23 13.97 2.39
N CYS A 269 -7.38 14.90 1.93
CA CYS A 269 -6.19 14.53 1.18
C CYS A 269 -5.13 13.96 2.12
N ALA A 270 -5.00 14.59 3.28
CA ALA A 270 -4.02 14.20 4.24
C ALA A 270 -4.17 12.72 4.60
N ARG A 271 -5.43 12.28 4.86
CA ARG A 271 -5.89 10.91 5.28
CA ARG A 271 -5.61 10.96 5.45
C ARG A 271 -5.18 9.81 4.48
N VAL A 272 -4.92 10.10 3.21
CA VAL A 272 -4.42 9.04 2.36
C VAL A 272 -2.94 8.72 2.55
N MET A 273 -2.18 9.65 3.18
CA MET A 273 -0.78 9.36 3.42
C MET A 273 -0.55 8.66 4.75
N THR A 274 -0.76 7.36 4.77
CA THR A 274 -0.60 6.61 6.02
C THR A 274 0.88 6.36 6.38
N VAL A 275 1.10 5.69 7.50
CA VAL A 275 2.45 5.48 8.06
C VAL A 275 3.38 4.79 7.07
N GLY A 276 4.58 5.37 6.84
CA GLY A 276 5.64 4.78 6.03
C GLY A 276 5.53 5.08 4.51
N THR A 277 4.48 5.83 4.11
CA THR A 277 4.28 6.10 2.73
C THR A 277 4.97 7.33 2.14
N HIS A 278 5.55 8.15 2.99
CA HIS A 278 6.47 9.15 2.51
C HIS A 278 7.34 9.46 3.71
N GLY A 279 8.34 10.33 3.59
CA GLY A 279 9.19 10.60 4.73
C GLY A 279 10.34 11.51 4.36
N THR A 280 11.22 11.82 5.32
CA THR A 280 12.30 12.81 5.15
C THR A 280 13.19 12.79 6.38
N THR A 281 14.51 12.79 6.26
CA THR A 281 15.35 12.80 7.46
C THR A 281 15.25 14.16 8.24
N TYR A 282 15.48 15.24 7.54
CA TYR A 282 15.53 16.57 8.11
C TYR A 282 14.21 17.31 8.22
N GLY A 283 13.20 16.85 7.47
CA GLY A 283 12.01 17.72 7.37
C GLY A 283 11.34 17.81 8.73
N GLY A 284 10.76 18.96 9.08
CA GLY A 284 10.27 19.10 10.45
C GLY A 284 11.29 19.28 11.58
N ASN A 285 12.59 19.48 11.29
CA ASN A 285 13.46 19.67 12.45
C ASN A 285 13.06 20.89 13.26
N PRO A 286 13.39 20.89 14.57
CA PRO A 286 12.94 22.12 15.35
C PRO A 286 13.79 23.41 14.98
N LEU A 287 14.99 23.25 14.45
CA LEU A 287 15.75 24.53 14.13
C LEU A 287 14.99 25.31 12.99
N ALA A 288 14.71 24.64 11.84
CA ALA A 288 13.88 25.18 10.78
C ALA A 288 12.56 25.67 11.30
N SER A 289 11.96 24.86 12.18
CA SER A 289 10.59 25.14 12.60
C SER A 289 10.51 26.39 13.50
N ALA A 290 11.50 26.52 14.38
CA ALA A 290 11.60 27.74 15.18
C ALA A 290 11.81 28.93 14.26
N VAL A 291 12.65 28.84 13.24
CA VAL A 291 12.85 30.07 12.37
C VAL A 291 11.59 30.38 11.53
N ALA A 292 11.05 29.35 10.81
CA ALA A 292 9.80 29.52 10.04
C ALA A 292 8.67 30.05 10.88
N GLY A 293 8.59 29.57 12.13
CA GLY A 293 7.56 30.08 13.05
C GLY A 293 7.63 31.60 13.30
N LYS A 294 8.83 32.11 13.55
CA LYS A 294 9.11 33.50 13.71
C LYS A 294 8.87 34.30 12.39
N VAL A 295 9.34 33.74 11.26
CA VAL A 295 9.01 34.31 9.96
C VAL A 295 7.51 34.57 9.83
N LEU A 296 6.66 33.53 10.00
CA LEU A 296 5.20 33.72 9.90
C LEU A 296 4.64 34.71 10.92
N GLU A 297 5.13 34.62 12.15
CA GLU A 297 4.74 35.62 13.22
C GLU A 297 4.92 37.05 12.70
N LEU A 298 6.04 37.30 11.99
CA LEU A 298 6.39 38.64 11.55
C LEU A 298 5.81 39.06 10.19
N ILE A 299 5.48 38.10 9.33
CA ILE A 299 5.04 38.41 8.01
C ILE A 299 3.57 38.49 8.05
N ASN A 300 2.94 37.58 8.77
CA ASN A 300 1.50 37.51 8.66
C ASN A 300 0.89 38.54 9.60
N THR A 301 1.04 39.82 9.26
CA THR A 301 0.41 40.88 10.03
C THR A 301 -0.16 41.79 8.97
N PRO A 302 -1.28 42.53 9.30
CA PRO A 302 -1.90 43.48 8.41
C PRO A 302 -0.88 44.53 8.02
N GLU A 303 -0.06 44.98 8.99
CA GLU A 303 0.92 46.01 8.71
CA GLU A 303 0.96 46.01 8.71
C GLU A 303 1.94 45.58 7.64
N MET A 304 2.63 44.43 7.84
CA MET A 304 3.61 43.96 6.85
C MET A 304 3.02 43.72 5.46
N LEU A 305 1.82 43.13 5.42
CA LEU A 305 1.21 42.76 4.16
C LEU A 305 0.69 43.98 3.41
N ASN A 306 0.02 44.93 4.09
CA ASN A 306 -0.34 46.20 3.47
C ASN A 306 0.95 46.92 3.12
N GLY A 307 2.00 46.75 3.92
CA GLY A 307 3.30 47.38 3.56
C GLY A 307 3.85 46.74 2.24
N VAL A 308 3.45 45.49 1.93
CA VAL A 308 3.84 44.87 0.64
C VAL A 308 3.05 45.53 -0.52
N LYS A 309 1.76 45.79 -0.34
CA LYS A 309 0.97 46.50 -1.35
C LYS A 309 1.53 47.89 -1.68
N GLN A 310 2.00 48.59 -0.63
CA GLN A 310 2.57 49.92 -0.72
C GLN A 310 3.93 49.91 -1.49
N ARG A 311 4.83 49.06 -1.06
CA ARG A 311 6.05 48.80 -1.78
C ARG A 311 5.85 48.42 -3.26
N HIS A 312 4.79 47.69 -3.63
CA HIS A 312 4.56 47.37 -4.99
C HIS A 312 4.46 48.65 -5.72
N ASP A 313 3.70 49.64 -5.16
CA ASP A 313 3.47 50.95 -5.85
C ASP A 313 4.73 51.82 -5.87
N TRP A 314 5.55 51.78 -4.83
CA TRP A 314 6.79 52.54 -4.92
C TRP A 314 7.64 51.99 -6.02
N PHE A 315 7.73 50.64 -6.17
CA PHE A 315 8.54 50.07 -7.28
C PHE A 315 7.93 50.34 -8.66
N VAL A 316 6.64 50.03 -8.86
CA VAL A 316 6.03 50.20 -10.18
C VAL A 316 6.08 51.69 -10.65
N GLU A 317 5.76 52.66 -9.77
CA GLU A 317 5.87 54.10 -10.09
C GLU A 317 7.27 54.44 -10.56
N ARG A 318 8.26 53.96 -9.84
CA ARG A 318 9.59 54.41 -10.17
C ARG A 318 10.10 53.67 -11.44
N LEU A 319 9.76 52.40 -11.58
CA LEU A 319 10.23 51.64 -12.76
C LEU A 319 9.55 52.25 -14.02
N ASN A 320 8.31 52.70 -13.85
CA ASN A 320 7.62 53.43 -14.91
C ASN A 320 8.30 54.71 -15.33
N THR A 321 8.88 55.46 -14.41
CA THR A 321 9.53 56.73 -14.77
C THR A 321 10.94 56.51 -15.34
N ILE A 322 11.70 55.58 -14.77
CA ILE A 322 12.89 55.03 -15.44
C ILE A 322 12.67 54.63 -16.91
N ASN A 323 11.61 53.87 -17.18
CA ASN A 323 11.28 53.39 -18.49
C ASN A 323 10.95 54.60 -19.47
N HIS A 324 10.03 55.49 -19.08
N HIS A 324 10.04 55.48 -19.02
CA HIS A 324 9.77 56.71 -19.84
CA HIS A 324 9.68 56.74 -19.70
C HIS A 324 11.09 57.28 -20.22
C HIS A 324 10.90 57.56 -20.04
N ARG A 325 11.96 57.50 -19.25
CA ARG A 325 13.23 58.11 -19.59
C ARG A 325 14.01 57.23 -20.59
N TYR A 326 14.22 55.95 -20.30
CA TYR A 326 15.22 55.17 -21.06
C TYR A 326 14.71 54.21 -22.20
N GLY A 327 13.41 53.86 -22.19
CA GLY A 327 12.75 53.03 -23.23
C GLY A 327 13.36 51.65 -23.35
N LEU A 328 13.33 50.88 -22.25
CA LEU A 328 13.89 49.50 -22.17
C LEU A 328 12.76 48.46 -22.25
N PHE A 329 11.59 48.77 -21.72
CA PHE A 329 10.66 47.69 -21.40
C PHE A 329 9.40 48.06 -22.02
N SER A 330 8.57 47.06 -22.31
CA SER A 330 7.23 47.36 -22.79
C SER A 330 6.21 47.30 -21.68
N GLU A 331 6.61 46.78 -20.51
CA GLU A 331 5.63 46.48 -19.45
C GLU A 331 6.32 46.22 -18.09
N VAL A 332 5.71 46.75 -17.03
CA VAL A 332 6.04 46.35 -15.67
C VAL A 332 4.84 45.55 -15.09
N ARG A 333 5.03 44.29 -14.76
CA ARG A 333 3.91 43.44 -14.37
C ARG A 333 4.34 42.70 -13.09
N GLY A 334 3.40 41.92 -12.55
CA GLY A 334 3.54 41.14 -11.34
C GLY A 334 2.54 41.57 -10.28
N LEU A 335 2.83 41.26 -9.03
CA LEU A 335 1.86 41.43 -7.97
C LEU A 335 2.71 41.51 -6.72
N GLY A 336 2.33 42.36 -5.81
CA GLY A 336 3.17 42.56 -4.57
C GLY A 336 4.62 42.82 -4.89
N LEU A 337 5.51 42.06 -4.27
CA LEU A 337 6.87 42.32 -4.49
C LEU A 337 7.50 41.16 -5.26
N LEU A 338 6.71 40.51 -6.13
CA LEU A 338 7.29 39.73 -7.23
C LEU A 338 6.99 40.57 -8.53
N ILE A 339 8.00 41.29 -9.05
CA ILE A 339 7.74 42.13 -10.21
C ILE A 339 8.68 41.86 -11.41
N GLY A 340 8.10 41.78 -12.62
CA GLY A 340 8.90 41.67 -13.84
C GLY A 340 8.79 42.90 -14.75
N CYS A 341 9.94 43.37 -15.23
CA CYS A 341 10.07 44.34 -16.33
C CYS A 341 10.32 43.58 -17.65
N VAL A 342 9.32 43.60 -18.53
CA VAL A 342 9.40 42.97 -19.84
C VAL A 342 10.16 43.82 -20.81
N LEU A 343 11.28 43.32 -21.35
CA LEU A 343 12.09 44.07 -22.27
C LEU A 343 11.33 44.24 -23.64
N ASN A 344 11.63 45.36 -24.34
CA ASN A 344 11.04 45.60 -25.65
C ASN A 344 11.76 44.84 -26.80
N ALA A 345 11.21 45.08 -27.99
CA ALA A 345 11.68 44.42 -29.19
C ALA A 345 13.17 44.80 -29.38
N ASP A 346 13.51 46.07 -29.26
CA ASP A 346 14.91 46.40 -29.40
C ASP A 346 15.86 45.67 -28.43
N TYR A 347 15.41 45.40 -27.21
CA TYR A 347 16.31 44.88 -26.21
C TYR A 347 16.08 43.39 -25.80
N ALA A 348 15.18 42.69 -26.51
CA ALA A 348 14.79 41.37 -26.18
C ALA A 348 15.94 40.40 -26.09
N GLY A 349 15.89 39.54 -25.08
CA GLY A 349 16.94 38.53 -24.76
C GLY A 349 18.04 39.15 -23.92
N GLN A 350 17.93 40.42 -23.55
CA GLN A 350 19.07 41.10 -22.91
C GLN A 350 18.99 41.23 -21.38
N ALA A 351 18.04 40.47 -20.78
CA ALA A 351 17.78 40.69 -19.38
C ALA A 351 19.06 40.55 -18.56
N LYS A 352 19.87 39.52 -18.86
CA LYS A 352 21.06 39.23 -18.08
C LYS A 352 22.11 40.34 -18.21
N GLN A 353 22.20 41.00 -19.36
N GLN A 353 22.21 40.94 -19.41
CA GLN A 353 23.19 42.05 -19.44
CA GLN A 353 23.13 42.06 -19.62
C GLN A 353 22.80 43.27 -18.61
C GLN A 353 22.80 43.23 -18.67
N ILE A 354 21.50 43.57 -18.56
CA ILE A 354 21.00 44.66 -17.69
C ILE A 354 21.31 44.29 -16.24
N SER A 355 21.03 43.03 -15.90
CA SER A 355 21.28 42.55 -14.56
C SER A 355 22.75 42.67 -14.18
N GLN A 356 23.67 42.39 -15.10
CA GLN A 356 25.10 42.58 -14.87
C GLN A 356 25.54 44.01 -14.73
N GLU A 357 24.96 44.90 -15.58
CA GLU A 357 25.06 46.37 -15.43
C GLU A 357 24.58 46.83 -14.08
N ALA A 358 23.34 46.46 -13.74
CA ALA A 358 22.79 46.70 -12.38
C ALA A 358 23.86 46.39 -11.30
N ALA A 359 24.50 45.21 -11.37
CA ALA A 359 25.38 44.84 -10.29
C ALA A 359 26.59 45.75 -10.31
N LYS A 360 27.00 46.19 -11.50
CA LYS A 360 28.17 47.07 -11.53
C LYS A 360 27.79 48.40 -10.85
N ALA A 361 26.56 48.83 -11.09
CA ALA A 361 26.01 50.00 -10.45
C ALA A 361 25.63 49.82 -8.93
N GLY A 362 25.85 48.66 -8.31
CA GLY A 362 25.57 48.53 -6.88
C GLY A 362 24.14 48.07 -6.59
N VAL A 363 23.43 47.50 -7.56
CA VAL A 363 22.12 46.98 -7.26
C VAL A 363 21.92 45.60 -7.83
N MET A 364 21.42 44.67 -6.99
CA MET A 364 21.17 43.27 -7.36
C MET A 364 19.77 43.08 -7.82
N VAL A 365 19.68 42.67 -9.08
CA VAL A 365 18.39 42.27 -9.66
C VAL A 365 18.54 40.91 -10.34
N LEU A 366 17.39 40.27 -10.57
CA LEU A 366 17.34 38.94 -11.09
C LEU A 366 16.88 38.97 -12.55
N ILE A 367 17.00 37.87 -13.26
CA ILE A 367 16.19 37.75 -14.52
C ILE A 367 15.06 36.74 -14.31
N ALA A 368 14.23 36.53 -15.31
CA ALA A 368 13.29 35.44 -15.29
C ALA A 368 13.08 35.10 -16.72
N GLY A 369 14.01 34.33 -17.28
CA GLY A 369 14.11 34.15 -18.72
C GLY A 369 14.84 35.38 -19.23
N GLY A 370 15.36 35.29 -20.44
CA GLY A 370 16.27 36.31 -21.01
C GLY A 370 15.51 37.58 -21.39
N ASN A 371 14.20 37.57 -21.24
CA ASN A 371 13.48 38.72 -21.57
C ASN A 371 12.80 39.50 -20.40
N VAL A 372 13.07 39.13 -19.14
CA VAL A 372 12.39 39.83 -18.04
C VAL A 372 13.38 40.19 -16.94
N VAL A 373 13.33 41.41 -16.43
CA VAL A 373 14.22 41.75 -15.26
C VAL A 373 13.31 41.65 -14.10
N ARG A 374 13.73 40.88 -13.11
CA ARG A 374 12.81 40.48 -12.04
C ARG A 374 13.39 40.99 -10.69
N PHE A 375 12.47 41.58 -9.92
CA PHE A 375 12.63 42.16 -8.58
C PHE A 375 11.88 41.26 -7.61
N ALA A 376 12.56 40.67 -6.65
CA ALA A 376 11.90 39.99 -5.58
C ALA A 376 12.51 40.40 -4.25
N PRO A 377 12.30 41.67 -3.85
CA PRO A 377 13.11 42.20 -2.63
C PRO A 377 12.46 41.72 -1.33
N ALA A 378 13.15 41.88 -0.20
CA ALA A 378 12.58 41.66 1.17
C ALA A 378 11.25 42.31 1.31
N LEU A 379 10.35 41.69 2.06
CA LEU A 379 9.06 42.31 2.25
C LEU A 379 9.13 43.59 3.14
N ASN A 380 10.26 43.84 3.84
CA ASN A 380 10.44 44.97 4.74
C ASN A 380 11.49 45.88 4.20
N VAL A 381 11.73 45.82 2.91
CA VAL A 381 12.67 46.82 2.33
C VAL A 381 12.09 48.21 2.70
N SER A 382 12.99 49.09 3.18
CA SER A 382 12.62 50.45 3.56
C SER A 382 12.53 51.31 2.30
N GLU A 383 11.72 52.37 2.38
CA GLU A 383 11.59 53.34 1.34
C GLU A 383 12.95 53.86 0.86
N GLU A 384 13.85 54.13 1.80
CA GLU A 384 15.14 54.62 1.48
C GLU A 384 15.91 53.51 0.67
N GLU A 385 15.70 52.22 1.02
CA GLU A 385 16.43 51.22 0.29
C GLU A 385 15.85 51.10 -1.16
N VAL A 386 14.52 51.15 -1.30
CA VAL A 386 13.89 51.08 -2.59
C VAL A 386 14.45 52.20 -3.47
N THR A 387 14.63 53.36 -2.86
CA THR A 387 14.97 54.53 -3.63
C THR A 387 16.38 54.57 -3.99
N THR A 388 17.27 54.32 -3.04
CA THR A 388 18.63 54.27 -3.47
C THR A 388 18.92 53.11 -4.45
N GLY A 389 18.21 52.00 -4.32
CA GLY A 389 18.39 50.82 -5.22
C GLY A 389 17.98 51.12 -6.66
N LEU A 390 16.84 51.83 -6.77
CA LEU A 390 16.28 52.32 -7.98
C LEU A 390 17.10 53.48 -8.61
N ASP A 391 17.79 54.31 -7.81
CA ASP A 391 18.76 55.23 -8.35
C ASP A 391 19.83 54.45 -9.05
N ARG A 392 20.40 53.43 -8.43
CA ARG A 392 21.49 52.69 -9.06
C ARG A 392 20.99 51.92 -10.28
N PHE A 393 19.81 51.31 -10.22
CA PHE A 393 19.21 50.71 -11.40
C PHE A 393 19.01 51.79 -12.47
N ALA A 394 18.62 53.02 -12.10
CA ALA A 394 18.51 54.09 -13.11
C ALA A 394 19.84 54.30 -13.77
N ALA A 395 20.92 54.35 -12.98
CA ALA A 395 22.21 54.69 -13.56
C ALA A 395 22.66 53.52 -14.44
N ALA A 396 22.17 52.31 -14.14
CA ALA A 396 22.61 51.15 -14.91
C ALA A 396 21.85 51.14 -16.23
N CYS A 397 20.57 51.60 -16.24
CA CYS A 397 19.80 51.60 -17.47
C CYS A 397 20.37 52.60 -18.45
N GLU A 398 20.85 53.70 -17.88
CA GLU A 398 21.66 54.75 -18.44
C GLU A 398 22.82 54.18 -19.21
N HIS A 399 23.83 53.61 -18.53
CA HIS A 399 24.97 52.91 -19.17
C HIS A 399 24.52 51.91 -20.21
N PHE A 400 23.53 51.07 -19.88
CA PHE A 400 23.13 50.02 -20.76
C PHE A 400 22.56 50.58 -22.07
N VAL A 401 21.60 51.50 -22.00
CA VAL A 401 20.91 52.06 -23.17
C VAL A 401 21.84 52.89 -24.03
N SER A 402 23.05 53.12 -23.51
CA SER A 402 24.28 53.63 -24.16
C SER A 402 24.63 55.02 -23.69
N GLN B 3 1.75 28.91 23.41
CA GLN B 3 0.54 28.03 23.21
C GLN B 3 0.84 26.60 23.73
N PRO B 4 -0.15 25.91 24.33
CA PRO B 4 0.01 24.48 24.74
C PRO B 4 0.30 23.52 23.55
N ILE B 5 1.24 22.59 23.72
CA ILE B 5 1.57 21.66 22.63
C ILE B 5 1.60 20.28 23.26
N THR B 6 0.83 19.37 22.68
CA THR B 6 0.76 17.98 23.18
C THR B 6 0.88 16.97 22.06
N ARG B 7 1.29 15.75 22.42
CA ARG B 7 1.46 14.68 21.48
C ARG B 7 0.15 14.38 20.70
N GLU B 8 -1.01 14.61 21.30
CA GLU B 8 -2.26 14.35 20.59
C GLU B 8 -2.41 15.43 19.48
N ASN B 9 -1.79 16.58 19.64
CA ASN B 9 -1.79 17.57 18.54
C ASN B 9 -1.10 17.03 17.30
N PHE B 10 -0.13 16.14 17.47
CA PHE B 10 0.57 15.59 16.31
C PHE B 10 -0.41 14.84 15.39
N ASP B 11 -1.36 14.10 16.02
CA ASP B 11 -2.34 13.25 15.34
C ASP B 11 -3.36 14.10 14.73
N GLU B 12 -3.53 15.36 15.17
CA GLU B 12 -4.46 16.23 14.42
C GLU B 12 -3.79 17.17 13.36
N TRP B 13 -2.55 17.59 13.59
CA TRP B 13 -2.02 18.60 12.72
C TRP B 13 -1.16 18.10 11.56
N MET B 14 -0.51 16.95 11.71
CA MET B 14 0.47 16.47 10.78
C MET B 14 -0.11 15.44 9.75
N ILE B 15 0.23 15.60 8.46
CA ILE B 15 0.00 14.51 7.50
C ILE B 15 0.66 13.23 8.07
N PRO B 16 -0.14 12.13 8.24
CA PRO B 16 0.17 11.04 9.18
C PRO B 16 1.18 9.98 8.62
N VAL B 17 2.30 10.44 8.10
CA VAL B 17 3.21 9.49 7.57
C VAL B 17 4.14 8.85 8.60
N TYR B 18 4.11 9.38 9.82
CA TYR B 18 5.03 8.95 10.86
C TYR B 18 4.17 8.70 12.05
N ALA B 19 4.50 7.66 12.79
CA ALA B 19 3.88 7.46 14.14
C ALA B 19 4.98 7.63 15.21
N PRO B 20 5.21 8.85 15.70
CA PRO B 20 6.49 8.98 16.42
C PRO B 20 6.19 8.75 17.93
N ALA B 21 7.21 8.90 18.71
CA ALA B 21 7.20 8.53 20.06
C ALA B 21 6.10 9.22 20.79
N PRO B 22 5.65 8.59 21.86
CA PRO B 22 4.56 9.19 22.63
C PRO B 22 5.09 10.37 23.46
N PHE B 23 6.41 10.53 23.55
CA PHE B 23 6.94 11.67 24.31
C PHE B 23 7.61 12.72 23.37
N ILE B 24 7.64 13.97 23.79
CA ILE B 24 8.22 14.96 22.94
C ILE B 24 9.57 15.54 23.46
N PRO B 25 10.70 15.31 22.73
CA PRO B 25 11.97 16.05 23.13
C PRO B 25 11.84 17.58 23.17
N VAL B 26 12.49 18.19 24.18
CA VAL B 26 12.60 19.64 24.18
C VAL B 26 14.04 20.10 24.28
N ARG B 27 14.96 19.30 24.82
CA ARG B 27 16.37 19.65 24.66
C ARG B 27 17.33 18.51 24.91
N GLY B 28 18.60 18.70 24.51
CA GLY B 28 19.63 17.69 24.67
C GLY B 28 21.04 18.32 24.85
N GLU B 29 22.01 17.51 25.28
N GLU B 29 22.01 17.44 25.18
CA GLU B 29 23.39 17.95 25.30
CA GLU B 29 23.36 17.81 25.56
C GLU B 29 24.17 16.64 25.21
C GLU B 29 24.24 16.57 25.31
N GLY B 30 25.17 16.62 24.34
CA GLY B 30 25.97 15.43 24.04
C GLY B 30 24.93 14.35 23.59
N SER B 31 24.99 13.18 24.24
CA SER B 31 24.09 12.07 23.96
C SER B 31 22.96 11.87 25.00
N ARG B 32 22.52 12.96 25.65
CA ARG B 32 21.34 12.93 26.51
C ARG B 32 20.30 13.81 25.87
N LEU B 33 19.04 13.40 25.99
CA LEU B 33 17.95 14.20 25.53
C LEU B 33 16.82 14.11 26.59
N TRP B 34 16.04 15.15 26.69
CA TRP B 34 15.04 15.34 27.74
C TRP B 34 13.79 15.75 27.11
N ASP B 35 12.69 15.18 27.63
CA ASP B 35 11.40 15.42 27.00
C ASP B 35 10.61 16.49 27.78
N GLN B 36 9.36 16.77 27.41
CA GLN B 36 8.65 17.90 28.04
C GLN B 36 8.45 17.67 29.52
N GLN B 37 8.47 16.43 30.00
CA GLN B 37 8.23 16.26 31.43
C GLN B 37 9.46 16.11 32.23
N GLY B 38 10.57 16.29 31.57
CA GLY B 38 11.79 16.20 32.26
C GLY B 38 12.39 14.82 32.28
N LYS B 39 11.82 13.88 31.58
CA LYS B 39 12.40 12.56 31.61
C LYS B 39 13.67 12.56 30.78
N GLU B 40 14.65 11.78 31.22
CA GLU B 40 15.95 11.81 30.61
C GLU B 40 16.23 10.60 29.77
N TYR B 41 16.77 10.80 28.55
CA TYR B 41 17.07 9.64 27.65
C TYR B 41 18.49 9.72 27.25
N ILE B 42 19.13 8.54 27.18
CA ILE B 42 20.37 8.36 26.44
C ILE B 42 20.01 8.15 24.95
N ASP B 43 20.65 8.95 24.13
CA ASP B 43 20.23 8.96 22.71
C ASP B 43 21.13 8.08 21.85
N PHE B 44 20.76 6.82 21.62
CA PHE B 44 21.56 5.99 20.72
C PHE B 44 20.95 6.00 19.33
N ALA B 45 19.97 6.86 19.09
CA ALA B 45 19.42 6.93 17.73
C ALA B 45 20.17 7.93 16.92
N GLY B 46 20.84 8.89 17.58
CA GLY B 46 21.80 9.72 16.87
C GLY B 46 21.20 10.62 15.77
N GLY B 47 19.93 10.92 15.87
CA GLY B 47 19.29 11.71 14.82
C GLY B 47 19.05 10.83 13.57
N ILE B 48 19.09 9.54 13.75
CA ILE B 48 19.19 8.59 12.63
C ILE B 48 20.49 8.88 11.88
N ALA B 49 21.56 8.75 12.63
CA ALA B 49 22.91 8.86 12.10
C ALA B 49 23.30 10.24 11.54
N VAL B 50 22.52 11.26 11.93
CA VAL B 50 22.75 12.65 11.56
C VAL B 50 23.65 13.40 12.63
N ASN B 51 23.27 13.34 13.94
CA ASN B 51 23.88 14.26 14.99
C ASN B 51 25.20 13.69 15.40
N ALA B 52 26.20 13.84 14.52
CA ALA B 52 27.42 13.03 14.67
C ALA B 52 28.23 13.59 15.84
N LEU B 53 27.87 14.81 16.25
CA LEU B 53 28.54 15.41 17.40
C LEU B 53 27.54 15.69 18.51
N GLY B 54 26.35 15.10 18.44
CA GLY B 54 25.53 15.08 19.65
C GLY B 54 24.65 16.35 19.57
N HIS B 55 23.78 16.54 20.56
CA HIS B 55 22.83 17.62 20.65
C HIS B 55 23.53 18.90 21.10
N ALA B 56 23.11 20.02 20.47
CA ALA B 56 23.45 21.33 20.97
C ALA B 56 24.98 21.58 21.12
N HIS B 57 25.77 21.10 20.17
CA HIS B 57 27.24 21.16 20.33
C HIS B 57 27.66 22.62 20.35
N PRO B 58 28.39 23.04 21.40
CA PRO B 58 28.83 24.46 21.52
C PRO B 58 29.60 25.08 20.34
N GLU B 59 30.57 24.42 19.77
CA GLU B 59 31.23 24.84 18.51
C GLU B 59 30.33 24.95 17.29
N LEU B 60 29.34 24.01 17.13
CA LEU B 60 28.40 24.01 16.01
C LEU B 60 27.42 25.16 16.20
N ARG B 61 27.08 25.49 17.43
CA ARG B 61 26.31 26.72 17.66
C ARG B 61 27.14 27.96 17.48
N GLU B 62 28.41 27.93 17.92
CA GLU B 62 29.23 29.12 17.72
C GLU B 62 29.36 29.39 16.16
N ALA B 63 29.60 28.35 15.36
CA ALA B 63 29.75 28.50 13.88
C ALA B 63 28.41 28.93 13.26
N LEU B 64 27.32 28.45 13.82
CA LEU B 64 26.00 28.83 13.34
C LEU B 64 25.72 30.32 13.62
N ASN B 65 25.81 30.71 14.89
CA ASN B 65 25.61 32.08 15.29
C ASN B 65 26.59 33.02 14.59
N GLU B 66 27.83 32.61 14.47
CA GLU B 66 28.75 33.46 13.69
C GLU B 66 28.29 33.78 12.20
N GLN B 67 27.89 32.77 11.40
CA GLN B 67 27.51 33.05 10.03
C GLN B 67 26.14 33.68 10.06
N ALA B 68 25.36 33.37 11.07
CA ALA B 68 23.98 33.87 11.05
C ALA B 68 23.98 35.40 11.20
N SER B 69 24.98 35.90 11.90
CA SER B 69 25.09 37.30 12.09
C SER B 69 25.72 38.10 10.92
N LYS B 70 26.33 37.45 9.93
CA LYS B 70 26.76 38.11 8.67
C LYS B 70 25.66 37.99 7.59
N PHE B 71 25.44 36.77 7.05
CA PHE B 71 24.22 36.56 6.17
C PHE B 71 23.93 35.07 6.05
N TRP B 72 22.71 34.74 5.71
CA TRP B 72 22.28 33.30 5.66
C TRP B 72 22.16 32.76 4.30
N HIS B 73 21.72 33.59 3.34
CA HIS B 73 21.32 33.03 2.09
C HIS B 73 21.32 34.02 0.97
N THR B 74 21.63 33.61 -0.27
CA THR B 74 21.39 34.50 -1.43
C THR B 74 20.78 33.71 -2.58
N GLY B 75 20.94 32.42 -2.60
CA GLY B 75 20.54 31.62 -3.80
C GLY B 75 21.88 31.61 -4.57
N ASN B 76 21.97 30.77 -5.64
CA ASN B 76 23.27 30.47 -6.18
C ASN B 76 23.73 31.38 -7.32
N GLY B 77 23.01 32.50 -7.55
CA GLY B 77 23.48 33.53 -8.43
C GLY B 77 24.79 34.15 -7.91
N TYR B 78 25.13 33.90 -6.63
CA TYR B 78 26.25 34.52 -5.84
C TYR B 78 26.92 33.43 -4.98
N THR B 79 28.20 33.19 -5.09
CA THR B 79 28.77 32.21 -4.24
C THR B 79 29.12 32.84 -2.88
N ASN B 80 29.89 32.17 -2.01
CA ASN B 80 30.04 32.63 -0.62
C ASN B 80 31.25 31.88 -0.10
N GLU B 81 31.86 32.42 0.96
CA GLU B 81 33.11 31.88 1.39
C GLU B 81 33.04 30.53 2.07
N PRO B 82 32.09 30.37 3.01
CA PRO B 82 31.93 29.07 3.66
C PRO B 82 31.59 27.95 2.61
N VAL B 83 30.81 28.24 1.56
CA VAL B 83 30.54 27.07 0.66
C VAL B 83 31.78 26.59 -0.12
N LEU B 84 32.57 27.56 -0.57
CA LEU B 84 33.84 27.28 -1.20
C LEU B 84 34.81 26.54 -0.30
N ARG B 85 34.98 27.04 0.92
CA ARG B 85 35.86 26.39 1.92
C ARG B 85 35.36 24.95 2.19
N LEU B 86 34.07 24.81 2.44
CA LEU B 86 33.49 23.45 2.56
C LEU B 86 33.83 22.61 1.30
N ALA B 87 33.64 23.16 0.09
CA ALA B 87 33.91 22.38 -1.12
C ALA B 87 35.35 21.89 -1.13
N LYS B 88 36.27 22.77 -0.67
CA LYS B 88 37.64 22.47 -0.76
C LYS B 88 38.07 21.46 0.32
N LYS B 89 37.55 21.56 1.54
CA LYS B 89 37.71 20.45 2.50
C LYS B 89 37.30 19.12 1.86
N LEU B 90 36.17 19.13 1.18
CA LEU B 90 35.66 17.81 0.69
C LEU B 90 36.59 17.23 -0.42
N ILE B 91 37.02 18.11 -1.33
CA ILE B 91 37.93 17.79 -2.37
C ILE B 91 39.23 17.38 -1.75
N ASP B 92 39.75 18.13 -0.79
CA ASP B 92 41.02 17.77 -0.24
C ASP B 92 41.00 16.40 0.40
N ALA B 93 39.89 15.98 0.98
CA ALA B 93 39.83 14.77 1.83
C ALA B 93 39.36 13.51 1.12
N THR B 94 38.81 13.61 -0.09
CA THR B 94 38.27 12.40 -0.79
C THR B 94 38.75 12.32 -2.24
N PHE B 95 38.22 11.36 -3.01
CA PHE B 95 38.65 11.20 -4.39
C PHE B 95 38.11 12.33 -5.29
N ALA B 96 37.10 13.10 -4.80
CA ALA B 96 36.46 14.15 -5.58
C ALA B 96 37.33 15.33 -6.08
N ASP B 97 36.91 15.90 -7.22
CA ASP B 97 37.48 17.12 -7.77
C ASP B 97 36.48 18.27 -7.63
N ARG B 98 35.20 17.98 -7.69
CA ARG B 98 34.20 19.01 -7.53
C ARG B 98 33.02 18.50 -6.72
N VAL B 99 32.22 19.44 -6.18
CA VAL B 99 31.09 19.07 -5.40
C VAL B 99 29.89 19.91 -5.79
N PHE B 100 28.70 19.37 -5.55
CA PHE B 100 27.46 20.13 -5.75
C PHE B 100 26.76 20.07 -4.38
N PHE B 101 26.06 21.16 -3.98
CA PHE B 101 25.39 21.17 -2.66
C PHE B 101 23.89 21.28 -2.75
N CYS B 102 23.20 20.49 -1.92
CA CYS B 102 21.73 20.53 -1.90
C CYS B 102 21.23 20.40 -0.45
N ASN B 103 20.02 19.87 -0.23
CA ASN B 103 19.42 19.93 1.11
C ASN B 103 19.09 18.68 1.82
N SER B 104 19.31 17.54 1.17
CA SER B 104 18.85 16.32 1.68
C SER B 104 19.54 15.20 0.92
N GLY B 105 19.60 13.99 1.51
CA GLY B 105 20.19 12.87 0.86
C GLY B 105 19.36 12.54 -0.40
N ALA B 106 18.05 12.72 -0.37
CA ALA B 106 17.34 12.40 -1.63
C ALA B 106 17.82 13.40 -2.70
N GLU B 107 17.99 14.68 -2.34
CA GLU B 107 18.44 15.66 -3.40
C GLU B 107 19.84 15.29 -3.91
N ALA B 108 20.66 14.71 -3.03
CA ALA B 108 22.03 14.32 -3.40
C ALA B 108 22.02 13.23 -4.43
N ASN B 109 21.17 12.27 -4.20
CA ASN B 109 20.97 11.11 -5.06
C ASN B 109 20.29 11.53 -6.37
N GLU B 110 19.37 12.47 -6.37
CA GLU B 110 18.81 13.02 -7.63
C GLU B 110 20.00 13.59 -8.43
N ALA B 111 20.81 14.46 -7.81
CA ALA B 111 21.86 15.03 -8.55
C ALA B 111 22.78 13.94 -9.13
N ALA B 112 22.97 12.82 -8.42
CA ALA B 112 23.96 11.86 -8.92
C ALA B 112 23.30 11.05 -10.00
N LEU B 113 22.04 10.64 -9.82
CA LEU B 113 21.40 9.85 -10.87
C LEU B 113 21.22 10.73 -12.15
N LYS B 114 20.93 12.05 -12.02
CA LYS B 114 20.81 12.91 -13.21
C LYS B 114 22.18 13.01 -13.93
N LEU B 115 23.27 13.04 -13.17
CA LEU B 115 24.51 13.37 -13.75
C LEU B 115 24.87 12.07 -14.56
N ALA B 116 24.58 10.90 -13.99
CA ALA B 116 25.00 9.63 -14.61
C ALA B 116 24.25 9.50 -15.94
N ARG B 117 22.98 9.94 -15.95
CA ARG B 117 22.19 9.80 -17.16
C ARG B 117 22.70 10.73 -18.27
N LYS B 118 22.94 11.98 -17.91
CA LYS B 118 23.39 12.97 -18.90
C LYS B 118 24.74 12.52 -19.43
N PHE B 119 25.61 12.10 -18.53
CA PHE B 119 26.93 11.63 -18.93
C PHE B 119 26.79 10.55 -20.01
N ALA B 120 26.02 9.50 -19.72
CA ALA B 120 25.81 8.37 -20.67
C ALA B 120 25.36 8.88 -22.03
N HIS B 121 24.29 9.65 -21.98
CA HIS B 121 23.60 10.24 -23.09
C HIS B 121 24.53 11.05 -23.99
N ASP B 122 25.37 11.91 -23.42
CA ASP B 122 26.29 12.76 -24.12
C ASP B 122 27.46 12.00 -24.73
N ARG B 123 27.95 10.94 -24.10
CA ARG B 123 29.11 10.23 -24.65
C ARG B 123 28.70 9.00 -25.57
N TYR B 124 27.47 8.46 -25.43
CA TYR B 124 27.12 7.23 -26.12
C TYR B 124 25.74 7.24 -26.78
N GLY B 125 24.81 8.08 -26.31
CA GLY B 125 23.53 8.24 -26.94
C GLY B 125 22.46 8.02 -25.90
N SER B 126 21.29 8.54 -26.15
CA SER B 126 20.21 8.67 -25.20
C SER B 126 19.56 7.32 -24.84
N HIS B 127 20.12 6.24 -25.37
CA HIS B 127 19.53 4.94 -25.21
C HIS B 127 20.14 4.30 -23.95
N LYS B 128 21.28 4.88 -23.52
CA LYS B 128 22.01 4.30 -22.40
C LYS B 128 21.56 4.97 -21.09
N SER B 129 20.50 4.41 -20.47
CA SER B 129 19.76 5.07 -19.42
C SER B 129 19.58 4.23 -18.15
N GLY B 130 20.14 3.04 -18.20
CA GLY B 130 19.80 2.03 -17.24
C GLY B 130 20.47 2.27 -15.92
N ILE B 131 19.67 2.14 -14.89
CA ILE B 131 20.15 2.25 -13.52
C ILE B 131 20.02 0.92 -12.78
N VAL B 132 21.12 0.46 -12.18
CA VAL B 132 21.00 -0.77 -11.39
C VAL B 132 21.22 -0.39 -9.95
N ALA B 133 20.22 -0.75 -9.11
CA ALA B 133 20.21 -0.54 -7.66
C ALA B 133 20.12 -1.91 -6.98
N PHE B 134 19.80 -1.96 -5.68
CA PHE B 134 19.81 -3.25 -4.98
C PHE B 134 18.62 -3.49 -4.11
N LYS B 135 18.05 -4.70 -4.13
CA LYS B 135 16.88 -4.97 -3.25
C LYS B 135 17.15 -4.49 -1.81
N ASN B 136 16.12 -3.85 -1.21
CA ASN B 136 16.28 -3.35 0.18
C ASN B 136 17.15 -2.10 0.38
N ALA B 137 17.66 -1.52 -0.73
CA ALA B 137 18.31 -0.25 -0.68
C ALA B 137 17.25 0.81 -0.29
N PHE B 138 17.76 1.83 0.42
CA PHE B 138 17.01 3.09 0.58
C PHE B 138 17.88 4.24 0.08
N HIS B 139 17.30 5.08 -0.79
CA HIS B 139 17.98 6.22 -1.35
C HIS B 139 17.17 7.47 -1.36
N GLY B 140 15.95 7.46 -0.76
CA GLY B 140 15.22 8.70 -0.61
C GLY B 140 13.76 8.59 -0.97
N ARG B 141 13.02 9.67 -0.76
CA ARG B 141 11.61 9.59 -1.00
C ARG B 141 11.07 10.32 -2.24
N THR B 142 11.95 10.98 -3.04
CA THR B 142 11.47 11.60 -4.28
C THR B 142 11.07 10.43 -5.20
N LEU B 143 10.32 10.72 -6.25
CA LEU B 143 9.85 9.63 -7.06
C LEU B 143 11.03 8.85 -7.63
N PHE B 144 12.07 9.55 -8.12
CA PHE B 144 13.20 8.92 -8.77
C PHE B 144 13.96 8.08 -7.75
N THR B 145 14.17 8.61 -6.54
CA THR B 145 15.11 7.94 -5.61
C THR B 145 14.31 6.81 -4.92
N VAL B 146 13.01 7.03 -4.68
CA VAL B 146 12.29 5.89 -4.05
C VAL B 146 12.13 4.75 -5.12
N SER B 147 12.10 5.09 -6.40
CA SER B 147 12.11 4.09 -7.49
C SER B 147 13.46 3.40 -7.58
N ALA B 148 14.55 4.08 -7.15
CA ALA B 148 15.86 3.45 -7.19
C ALA B 148 16.08 2.55 -5.95
N GLY B 149 15.35 2.86 -4.89
CA GLY B 149 15.56 2.14 -3.64
C GLY B 149 14.75 0.88 -3.94
N GLY B 150 15.11 -0.18 -3.22
CA GLY B 150 14.54 -1.46 -3.40
C GLY B 150 13.57 -1.91 -2.36
N GLN B 151 12.59 -1.07 -2.03
CA GLN B 151 11.41 -1.45 -1.23
C GLN B 151 10.25 -1.02 -2.07
N PRO B 152 9.73 -1.95 -2.94
CA PRO B 152 8.62 -1.57 -3.83
C PRO B 152 7.43 -1.07 -3.06
N ALA B 153 7.27 -1.51 -1.82
CA ALA B 153 6.17 -0.96 -1.03
C ALA B 153 6.21 0.56 -0.92
N TYR B 154 7.37 1.20 -0.99
CA TYR B 154 7.48 2.65 -0.94
C TYR B 154 7.17 3.41 -2.27
N SER B 155 7.27 2.71 -3.41
CA SER B 155 6.99 3.29 -4.70
C SER B 155 5.75 2.93 -5.41
N GLN B 156 5.14 1.76 -5.13
CA GLN B 156 4.08 1.28 -6.05
C GLN B 156 2.89 2.21 -6.14
N ASP B 157 2.57 2.94 -5.04
CA ASP B 157 1.37 3.79 -5.03
C ASP B 157 1.40 4.98 -5.98
N PHE B 158 2.61 5.28 -6.47
CA PHE B 158 2.92 6.53 -7.09
C PHE B 158 3.28 6.35 -8.53
N ALA B 159 3.11 5.11 -9.03
CA ALA B 159 3.23 4.76 -10.49
C ALA B 159 2.40 5.67 -11.46
N PRO B 160 2.88 5.85 -12.72
CA PRO B 160 4.06 5.22 -13.33
C PRO B 160 5.39 5.84 -12.85
N LEU B 161 6.37 4.97 -12.61
CA LEU B 161 7.63 5.36 -12.04
C LEU B 161 8.58 5.65 -13.17
N PRO B 162 9.62 6.45 -12.92
CA PRO B 162 10.59 6.60 -13.95
C PRO B 162 11.10 5.23 -14.46
N ALA B 163 11.22 5.03 -15.79
CA ALA B 163 11.54 3.68 -16.33
C ALA B 163 13.05 3.39 -16.34
N ASP B 164 13.43 2.17 -16.73
CA ASP B 164 14.82 1.72 -16.82
C ASP B 164 15.53 1.62 -15.46
N ILE B 165 14.82 1.24 -14.41
CA ILE B 165 15.50 0.91 -13.18
C ILE B 165 15.50 -0.63 -12.88
N ARG B 166 16.64 -1.21 -12.54
CA ARG B 166 16.56 -2.62 -12.12
C ARG B 166 17.28 -2.84 -10.78
N HIS B 167 16.73 -3.81 -10.04
CA HIS B 167 17.28 -4.29 -8.74
C HIS B 167 17.82 -5.67 -8.72
N ALA B 168 19.06 -5.76 -8.31
CA ALA B 168 19.83 -6.98 -8.20
C ALA B 168 19.87 -7.32 -6.73
N ALA B 169 20.48 -8.44 -6.34
CA ALA B 169 20.54 -8.75 -4.91
C ALA B 169 21.80 -8.18 -4.28
N TYR B 170 21.69 -7.65 -3.07
CA TYR B 170 22.82 -7.02 -2.41
C TYR B 170 23.86 -8.12 -2.18
N ASN B 171 25.12 -7.77 -2.28
CA ASN B 171 26.16 -8.72 -1.98
C ASN B 171 26.24 -9.94 -2.97
N ASP B 172 25.50 -9.88 -4.06
CA ASP B 172 25.42 -11.00 -5.02
C ASP B 172 25.88 -10.48 -6.38
N ILE B 173 27.14 -10.75 -6.71
CA ILE B 173 27.79 -10.11 -7.81
C ILE B 173 27.23 -10.65 -9.17
N ASN B 174 26.70 -11.87 -9.14
CA ASN B 174 26.09 -12.47 -10.36
C ASN B 174 24.75 -11.91 -10.55
N SER B 175 24.11 -11.54 -9.45
CA SER B 175 22.81 -10.87 -9.60
C SER B 175 22.97 -9.54 -10.35
N ALA B 176 23.98 -8.76 -9.92
CA ALA B 176 24.40 -7.48 -10.47
C ALA B 176 24.86 -7.68 -11.90
N SER B 177 25.87 -8.53 -12.09
CA SER B 177 26.32 -8.87 -13.40
C SER B 177 25.16 -9.13 -14.38
N ALA B 178 24.14 -9.90 -14.00
CA ALA B 178 23.06 -10.14 -15.00
C ALA B 178 22.26 -8.89 -15.38
N LEU B 179 22.33 -7.77 -14.61
CA LEU B 179 21.48 -6.59 -14.98
C LEU B 179 22.33 -5.45 -15.56
N ILE B 180 23.62 -5.54 -15.47
CA ILE B 180 24.48 -4.45 -15.92
C ILE B 180 25.02 -4.82 -17.30
N ASP B 181 24.72 -3.96 -18.27
CA ASP B 181 25.19 -4.15 -19.64
C ASP B 181 25.54 -2.76 -20.29
N ASP B 182 25.74 -2.71 -21.59
CA ASP B 182 26.26 -1.52 -22.21
C ASP B 182 25.19 -0.44 -22.26
N SER B 183 23.96 -0.80 -21.93
CA SER B 183 22.88 0.16 -21.75
C SER B 183 22.83 0.77 -20.35
N THR B 184 23.68 0.31 -19.45
CA THR B 184 23.67 0.82 -18.08
C THR B 184 24.46 2.19 -18.02
N CYS B 185 23.84 3.22 -17.43
CA CYS B 185 24.50 4.51 -17.10
C CYS B 185 25.00 4.51 -15.68
N ALA B 186 24.27 3.84 -14.79
CA ALA B 186 24.74 3.86 -13.33
C ALA B 186 24.43 2.64 -12.54
N VAL B 187 25.28 2.43 -11.57
CA VAL B 187 24.99 1.45 -10.53
C VAL B 187 25.18 2.21 -9.26
N ILE B 188 24.17 2.12 -8.41
CA ILE B 188 24.14 2.91 -7.18
C ILE B 188 24.03 1.92 -6.04
N VAL B 189 24.85 2.10 -5.04
CA VAL B 189 24.81 1.11 -3.96
C VAL B 189 25.17 1.76 -2.58
N GLU B 190 24.51 1.31 -1.50
CA GLU B 190 24.96 1.72 -0.22
C GLU B 190 26.16 0.85 0.27
N PRO B 191 27.25 1.44 0.75
CA PRO B 191 28.34 0.59 1.21
C PRO B 191 27.97 -0.27 2.42
N ILE B 192 27.01 0.24 3.24
CA ILE B 192 26.27 -0.61 4.20
C ILE B 192 24.84 -0.25 3.97
N GLN B 193 24.01 -1.24 3.60
CA GLN B 193 22.58 -0.98 3.63
C GLN B 193 22.14 -0.61 5.07
N GLY B 194 21.54 0.58 5.19
CA GLY B 194 21.29 1.16 6.49
C GLY B 194 19.90 0.77 6.91
N GLU B 195 18.94 1.51 6.38
CA GLU B 195 17.55 1.24 6.59
C GLU B 195 17.22 -0.25 6.34
N GLY B 196 17.85 -0.90 5.36
CA GLY B 196 17.56 -2.33 5.16
C GLY B 196 18.24 -3.33 6.08
N GLY B 197 18.71 -2.94 7.25
CA GLY B 197 19.07 -3.95 8.20
C GLY B 197 20.47 -3.88 8.70
N VAL B 198 21.23 -2.84 8.39
CA VAL B 198 22.64 -2.71 8.74
C VAL B 198 23.47 -3.86 8.12
N VAL B 199 23.32 -4.03 6.80
CA VAL B 199 23.97 -5.15 6.06
C VAL B 199 25.27 -4.64 5.43
N PRO B 200 26.43 -4.96 6.00
CA PRO B 200 27.61 -4.48 5.23
C PRO B 200 27.90 -5.19 3.88
N ALA B 201 28.40 -4.43 2.92
CA ALA B 201 28.82 -4.99 1.62
C ALA B 201 30.04 -5.87 1.90
N SER B 202 30.27 -6.90 1.12
CA SER B 202 31.60 -7.50 1.19
C SER B 202 32.60 -6.74 0.33
N ASN B 203 33.87 -6.91 0.62
CA ASN B 203 34.86 -6.33 -0.23
C ASN B 203 34.81 -6.80 -1.69
N ALA B 204 34.78 -8.11 -1.92
CA ALA B 204 34.64 -8.67 -3.29
C ALA B 204 33.42 -8.08 -4.06
N PHE B 205 32.31 -7.90 -3.38
CA PHE B 205 31.11 -7.36 -3.99
C PHE B 205 31.27 -5.92 -4.58
N LEU B 206 31.89 -5.04 -3.80
CA LEU B 206 32.12 -3.70 -4.24
C LEU B 206 33.22 -3.57 -5.33
N GLN B 207 34.33 -4.36 -5.22
CA GLN B 207 35.30 -4.48 -6.31
C GLN B 207 34.65 -5.05 -7.58
N GLY B 208 33.74 -6.01 -7.42
CA GLY B 208 33.04 -6.60 -8.52
C GLY B 208 32.23 -5.55 -9.26
N LEU B 209 31.52 -4.68 -8.53
CA LEU B 209 30.75 -3.58 -9.20
C LEU B 209 31.69 -2.54 -9.82
N ARG B 210 32.85 -2.28 -9.22
CA ARG B 210 33.75 -1.31 -9.81
C ARG B 210 34.23 -1.88 -11.18
N GLU B 211 34.50 -3.19 -11.25
CA GLU B 211 35.04 -3.83 -12.47
C GLU B 211 33.88 -3.88 -13.47
N LEU B 212 32.68 -4.19 -13.03
CA LEU B 212 31.59 -4.24 -13.96
C LEU B 212 31.28 -2.86 -14.64
N CYS B 213 31.49 -1.78 -13.86
CA CYS B 213 31.12 -0.40 -14.27
C CYS B 213 32.18 0.04 -15.25
N ASN B 214 33.43 -0.29 -14.90
CA ASN B 214 34.52 -0.16 -15.87
C ASN B 214 34.30 -0.89 -17.20
N ARG B 215 33.87 -2.16 -17.19
CA ARG B 215 33.71 -2.93 -18.43
C ARG B 215 32.56 -2.34 -19.24
N HIS B 216 31.50 -1.95 -18.58
CA HIS B 216 30.34 -1.47 -19.33
C HIS B 216 30.16 0.03 -19.48
N ASN B 217 31.15 0.81 -19.00
CA ASN B 217 31.10 2.23 -19.03
C ASN B 217 29.85 2.84 -18.29
N ALA B 218 29.68 2.43 -17.04
CA ALA B 218 28.61 2.90 -16.19
C ALA B 218 29.28 3.59 -15.02
N LEU B 219 28.65 4.66 -14.53
CA LEU B 219 29.15 5.32 -13.32
C LEU B 219 28.82 4.50 -12.08
N LEU B 220 29.82 4.34 -11.24
CA LEU B 220 29.58 3.64 -9.96
C LEU B 220 29.25 4.72 -8.88
N ILE B 221 28.09 4.59 -8.25
CA ILE B 221 27.64 5.59 -7.28
C ILE B 221 27.56 4.94 -5.89
N PHE B 222 28.40 5.42 -4.96
CA PHE B 222 28.28 5.07 -3.56
C PHE B 222 27.34 6.11 -2.87
N ASP B 223 26.14 5.68 -2.49
CA ASP B 223 25.26 6.39 -1.59
C ASP B 223 25.81 6.24 -0.17
N GLU B 224 26.66 7.19 0.22
CA GLU B 224 27.16 7.27 1.59
C GLU B 224 26.40 8.31 2.48
N VAL B 225 25.10 8.49 2.21
CA VAL B 225 24.31 9.37 3.06
C VAL B 225 24.28 8.90 4.52
N GLN B 226 24.21 7.57 4.74
CA GLN B 226 24.27 7.02 6.11
C GLN B 226 25.62 6.58 6.59
N THR B 227 26.41 6.00 5.70
N THR B 227 26.39 5.94 5.69
CA THR B 227 27.73 5.55 6.04
CA THR B 227 27.77 5.53 5.95
C THR B 227 28.82 6.67 6.08
C THR B 227 28.83 6.66 6.06
N GLY B 228 28.46 7.88 5.63
CA GLY B 228 29.43 9.02 5.54
C GLY B 228 29.89 9.75 6.80
N VAL B 229 30.93 10.60 6.67
CA VAL B 229 31.32 11.57 7.66
C VAL B 229 31.62 10.84 9.00
N GLY B 230 32.57 9.89 8.98
CA GLY B 230 33.11 9.34 10.20
C GLY B 230 32.37 8.15 10.72
N ARG B 231 31.12 7.95 10.25
CA ARG B 231 30.26 6.86 10.73
C ARG B 231 31.00 5.52 10.88
N THR B 232 31.75 5.12 9.84
CA THR B 232 32.42 3.78 9.92
C THR B 232 33.75 3.70 10.58
N GLY B 233 34.35 4.81 11.03
CA GLY B 233 35.68 4.82 11.60
C GLY B 233 36.66 5.38 10.56
N GLU B 234 36.23 5.50 9.30
CA GLU B 234 36.93 6.32 8.30
C GLU B 234 36.07 7.51 7.86
N LEU B 235 36.65 8.53 7.27
CA LEU B 235 35.80 9.64 6.84
C LEU B 235 34.56 9.15 6.01
N TYR B 236 34.80 8.23 5.07
CA TYR B 236 33.72 7.64 4.24
C TYR B 236 34.08 6.17 4.11
N ALA B 237 33.05 5.34 4.11
CA ALA B 237 33.13 3.92 3.91
C ALA B 237 33.98 3.45 2.74
N TYR B 238 33.88 4.12 1.62
CA TYR B 238 34.66 3.69 0.48
C TYR B 238 36.11 3.58 0.86
N MET B 239 36.53 4.38 1.84
CA MET B 239 37.93 4.33 2.26
C MET B 239 38.26 3.07 3.07
N HIS B 240 37.27 2.59 3.82
CA HIS B 240 37.40 1.33 4.58
C HIS B 240 37.56 0.23 3.56
N TYR B 241 36.75 0.29 2.51
CA TYR B 241 36.71 -0.81 1.58
C TYR B 241 37.77 -0.77 0.45
N GLY B 242 38.57 0.29 0.32
CA GLY B 242 39.48 0.47 -0.79
C GLY B 242 38.93 0.46 -2.24
N VAL B 243 37.63 0.73 -2.43
CA VAL B 243 37.02 0.79 -3.76
C VAL B 243 36.51 2.20 -4.02
N THR B 244 36.90 2.80 -5.12
CA THR B 244 36.60 4.18 -5.32
C THR B 244 35.46 4.44 -6.32
N PRO B 245 34.42 5.17 -5.91
CA PRO B 245 33.32 5.32 -6.83
C PRO B 245 33.56 6.41 -7.86
N ASP B 246 32.64 6.62 -8.76
CA ASP B 246 32.76 7.81 -9.64
C ASP B 246 32.01 9.02 -9.06
N LEU B 247 30.98 8.76 -8.26
CA LEU B 247 30.15 9.77 -7.65
C LEU B 247 29.91 9.27 -6.19
N LEU B 248 29.86 10.16 -5.21
CA LEU B 248 29.51 9.74 -3.88
C LEU B 248 28.51 10.74 -3.39
N THR B 249 27.42 10.31 -2.77
CA THR B 249 26.51 11.29 -2.21
C THR B 249 26.65 11.30 -0.65
N THR B 250 26.42 12.43 -0.01
CA THR B 250 26.71 12.56 1.42
C THR B 250 25.62 13.48 1.94
N ALA B 251 25.04 13.19 3.10
CA ALA B 251 24.11 14.12 3.71
C ALA B 251 24.14 13.76 5.19
N LYS B 252 22.98 13.59 5.84
CA LYS B 252 22.92 13.33 7.32
C LYS B 252 23.96 14.02 8.20
N ALA B 253 25.01 13.31 8.55
CA ALA B 253 26.00 13.82 9.51
C ALA B 253 26.89 14.93 8.97
N LEU B 254 26.96 15.05 7.63
CA LEU B 254 27.67 16.18 7.02
C LEU B 254 27.36 17.50 7.79
N GLY B 255 26.09 17.68 8.13
CA GLY B 255 25.62 18.97 8.71
C GLY B 255 25.51 18.94 10.24
N GLY B 256 25.94 17.86 10.89
CA GLY B 256 25.71 17.70 12.33
C GLY B 256 24.32 18.03 12.84
N GLY B 257 23.27 17.91 11.99
CA GLY B 257 21.91 18.37 12.39
C GLY B 257 21.31 19.48 11.50
N PHE B 258 22.15 20.26 10.86
CA PHE B 258 21.65 21.28 9.94
C PHE B 258 21.27 20.63 8.58
N PRO B 259 20.19 21.07 7.91
CA PRO B 259 19.94 20.39 6.57
C PRO B 259 20.95 20.74 5.47
N VAL B 260 21.67 19.73 4.99
CA VAL B 260 22.69 19.93 4.01
C VAL B 260 22.92 18.56 3.34
N GLY B 261 23.34 18.56 2.07
CA GLY B 261 23.84 17.34 1.45
C GLY B 261 24.76 17.72 0.31
N ALA B 262 25.53 16.74 -0.22
CA ALA B 262 26.47 17.08 -1.30
C ALA B 262 26.57 15.92 -2.27
N LEU B 263 26.97 16.22 -3.53
CA LEU B 263 27.35 15.25 -4.52
C LEU B 263 28.83 15.46 -4.75
N LEU B 264 29.60 14.38 -4.58
CA LEU B 264 31.04 14.42 -4.82
C LEU B 264 31.32 13.78 -6.19
N ALA B 265 32.05 14.47 -7.07
CA ALA B 265 32.28 13.96 -8.45
C ALA B 265 33.78 14.12 -8.83
N THR B 266 34.23 13.30 -9.79
CA THR B 266 35.56 13.41 -10.43
C THR B 266 35.31 14.48 -11.45
N GLU B 267 36.41 15.14 -11.85
CA GLU B 267 36.45 16.17 -12.86
C GLU B 267 35.66 15.78 -14.08
N GLU B 268 35.91 14.60 -14.60
CA GLU B 268 35.24 14.19 -15.88
CA GLU B 268 35.28 14.08 -15.84
C GLU B 268 33.76 14.06 -15.73
N CYS B 269 33.26 13.60 -14.58
CA CYS B 269 31.80 13.59 -14.44
C CYS B 269 31.25 15.01 -14.22
N ALA B 270 32.01 15.86 -13.51
CA ALA B 270 31.46 17.16 -13.13
C ALA B 270 31.30 17.99 -14.41
N ARG B 271 32.26 17.89 -15.31
CA ARG B 271 32.30 18.61 -16.58
CA ARG B 271 32.23 18.75 -16.48
C ARG B 271 30.95 18.51 -17.29
N VAL B 272 30.27 17.39 -17.11
CA VAL B 272 29.01 17.14 -17.86
C VAL B 272 27.85 18.11 -17.47
N MET B 273 27.83 18.63 -16.25
CA MET B 273 26.63 19.41 -15.81
C MET B 273 26.95 20.87 -16.04
N THR B 274 26.45 21.41 -17.16
CA THR B 274 26.91 22.71 -17.64
C THR B 274 25.81 23.70 -17.17
N VAL B 275 25.94 24.98 -17.54
CA VAL B 275 25.13 26.05 -16.92
C VAL B 275 23.67 25.80 -17.12
N GLY B 276 22.95 25.70 -16.02
CA GLY B 276 21.47 25.61 -16.00
C GLY B 276 20.91 24.19 -16.09
N THR B 277 21.78 23.19 -16.24
CA THR B 277 21.32 21.82 -16.36
C THR B 277 20.80 21.26 -15.03
N HIS B 278 21.15 21.92 -13.94
CA HIS B 278 20.61 21.54 -12.61
C HIS B 278 20.69 22.75 -11.67
N GLY B 279 20.04 22.66 -10.50
CA GLY B 279 20.27 23.58 -9.39
C GLY B 279 19.32 23.45 -8.21
N THR B 280 19.32 24.42 -7.30
CA THR B 280 18.55 24.36 -6.05
C THR B 280 18.47 25.74 -5.44
N THR B 281 17.30 26.17 -4.92
CA THR B 281 17.28 27.43 -4.26
C THR B 281 18.25 27.51 -3.02
N TYR B 282 18.11 26.60 -2.07
CA TYR B 282 18.81 26.70 -0.82
C TYR B 282 20.19 26.09 -0.81
N GLY B 283 20.49 25.18 -1.76
CA GLY B 283 21.75 24.43 -1.66
C GLY B 283 22.99 25.34 -1.65
N GLY B 284 23.92 25.01 -0.79
CA GLY B 284 25.10 25.81 -0.71
C GLY B 284 25.01 27.15 -0.05
N ASN B 285 23.93 27.48 0.68
CA ASN B 285 23.87 28.73 1.47
C ASN B 285 25.01 28.78 2.46
N PRO B 286 25.38 29.95 2.91
CA PRO B 286 26.55 29.97 3.83
C PRO B 286 26.26 29.48 5.27
N LEU B 287 25.02 29.60 5.77
CA LEU B 287 24.68 29.00 7.08
C LEU B 287 25.02 27.49 7.13
N ALA B 288 24.38 26.68 6.26
CA ALA B 288 24.70 25.27 6.12
C ALA B 288 26.17 24.97 5.96
N SER B 289 26.78 25.65 5.01
CA SER B 289 28.23 25.43 4.71
C SER B 289 29.10 25.79 5.92
N ALA B 290 28.72 26.82 6.64
CA ALA B 290 29.48 27.17 7.83
C ALA B 290 29.40 26.09 8.89
N VAL B 291 28.24 25.42 9.06
CA VAL B 291 28.10 24.38 10.07
C VAL B 291 28.83 23.11 9.64
N ALA B 292 28.60 22.72 8.36
CA ALA B 292 29.23 21.50 7.81
C ALA B 292 30.71 21.60 7.83
N GLY B 293 31.25 22.72 7.29
CA GLY B 293 32.68 23.14 7.49
C GLY B 293 33.18 22.79 8.91
N LYS B 294 32.45 23.24 9.92
CA LYS B 294 32.81 22.92 11.33
C LYS B 294 32.74 21.42 11.69
N VAL B 295 31.65 20.72 11.26
CA VAL B 295 31.54 19.29 11.46
C VAL B 295 32.79 18.62 10.87
N LEU B 296 33.07 18.90 9.61
CA LEU B 296 34.21 18.20 8.97
C LEU B 296 35.48 18.38 9.74
N GLU B 297 35.69 19.61 10.19
CA GLU B 297 36.87 19.94 10.96
C GLU B 297 36.98 19.10 12.28
N LEU B 298 35.85 18.84 12.93
CA LEU B 298 35.83 18.21 14.26
C LEU B 298 35.79 16.72 14.12
N ILE B 299 35.12 16.24 13.08
CA ILE B 299 35.10 14.82 12.80
C ILE B 299 36.27 14.24 12.01
N ASN B 300 36.77 14.94 11.02
CA ASN B 300 37.88 14.38 10.22
C ASN B 300 39.21 14.54 10.91
N THR B 301 39.41 13.83 12.02
CA THR B 301 40.72 13.86 12.74
C THR B 301 41.07 12.46 13.17
N PRO B 302 42.35 12.17 13.36
CA PRO B 302 42.65 10.80 13.77
C PRO B 302 42.08 10.43 15.16
N GLU B 303 41.78 11.40 16.01
CA GLU B 303 41.28 11.10 17.35
CA GLU B 303 41.27 11.10 17.37
C GLU B 303 39.79 10.70 17.32
N MET B 304 38.99 11.45 16.56
CA MET B 304 37.58 11.17 16.44
C MET B 304 37.42 9.86 15.76
N LEU B 305 38.12 9.72 14.63
CA LEU B 305 37.91 8.56 13.78
C LEU B 305 38.42 7.33 14.51
N ASN B 306 39.61 7.36 15.14
CA ASN B 306 40.01 6.17 15.95
C ASN B 306 39.05 5.94 17.10
N GLY B 307 38.54 7.06 17.65
CA GLY B 307 37.53 7.01 18.73
C GLY B 307 36.28 6.26 18.32
N VAL B 308 35.92 6.37 17.03
CA VAL B 308 34.73 5.67 16.51
C VAL B 308 35.01 4.17 16.49
N LYS B 309 36.24 3.77 16.14
CA LYS B 309 36.68 2.32 16.28
C LYS B 309 36.63 1.75 17.72
N GLN B 310 37.22 2.46 18.65
CA GLN B 310 37.05 2.20 20.05
C GLN B 310 35.56 2.11 20.48
N ARG B 311 34.72 3.09 20.15
CA ARG B 311 33.34 3.10 20.58
C ARG B 311 32.59 1.89 20.01
N HIS B 312 32.94 1.45 18.80
CA HIS B 312 32.37 0.23 18.22
C HIS B 312 32.60 -0.92 19.16
N ASP B 313 33.81 -0.99 19.71
CA ASP B 313 34.13 -2.12 20.65
C ASP B 313 33.36 -2.06 21.95
N TRP B 314 33.15 -0.85 22.47
CA TRP B 314 32.29 -0.69 23.67
C TRP B 314 30.93 -1.23 23.43
N PHE B 315 30.31 -0.80 22.35
CA PHE B 315 28.97 -1.26 22.01
C PHE B 315 28.95 -2.78 21.83
N VAL B 316 29.84 -3.32 21.00
CA VAL B 316 29.77 -4.76 20.71
C VAL B 316 30.13 -5.65 21.97
N GLU B 317 31.13 -5.26 22.76
CA GLU B 317 31.54 -6.06 23.90
C GLU B 317 30.32 -6.21 24.86
N ARG B 318 29.69 -5.06 25.15
CA ARG B 318 28.50 -5.01 25.96
C ARG B 318 27.22 -5.59 25.34
N LEU B 319 26.99 -5.46 24.05
CA LEU B 319 25.76 -6.05 23.44
C LEU B 319 25.85 -7.57 23.56
N ASN B 320 27.08 -8.08 23.40
CA ASN B 320 27.38 -9.49 23.52
C ASN B 320 27.06 -10.01 24.91
N THR B 321 27.57 -9.33 25.94
CA THR B 321 27.16 -9.73 27.27
C THR B 321 25.64 -9.56 27.57
N ILE B 322 24.95 -8.51 27.05
CA ILE B 322 23.47 -8.54 27.10
C ILE B 322 22.96 -9.76 26.37
N ASN B 323 23.54 -10.04 25.21
CA ASN B 323 22.98 -11.13 24.42
C ASN B 323 23.18 -12.48 25.13
N HIS B 324 24.33 -12.62 25.80
CA HIS B 324 24.61 -13.84 26.55
C HIS B 324 23.52 -14.01 27.63
N ARG B 325 23.07 -12.94 28.29
N ARG B 325 23.09 -12.94 28.30
CA ARG B 325 21.97 -13.10 29.23
CA ARG B 325 21.97 -13.03 29.24
C ARG B 325 20.59 -13.35 28.65
C ARG B 325 20.61 -13.36 28.62
N TYR B 326 20.21 -12.68 27.56
CA TYR B 326 18.85 -12.84 27.09
C TYR B 326 18.58 -13.65 25.85
N GLY B 327 19.65 -14.10 25.15
CA GLY B 327 19.53 -14.80 23.87
C GLY B 327 18.54 -14.18 22.86
N LEU B 328 18.76 -12.93 22.48
CA LEU B 328 17.81 -12.16 21.66
C LEU B 328 18.22 -12.15 20.18
N PHE B 329 19.52 -12.08 19.92
CA PHE B 329 20.11 -11.76 18.62
C PHE B 329 20.99 -12.91 18.06
N SER B 330 20.82 -13.28 16.79
CA SER B 330 21.67 -14.31 16.17
C SER B 330 23.03 -13.69 15.87
N GLU B 331 23.13 -12.37 15.89
CA GLU B 331 24.31 -11.68 15.38
C GLU B 331 24.25 -10.20 15.68
N VAL B 332 25.44 -9.63 15.82
CA VAL B 332 25.66 -8.21 16.01
C VAL B 332 26.56 -7.80 14.85
N ARG B 333 26.08 -6.91 13.97
CA ARG B 333 26.83 -6.59 12.76
C ARG B 333 26.99 -5.05 12.51
N GLY B 334 27.82 -4.68 11.55
CA GLY B 334 27.96 -3.29 11.16
C GLY B 334 29.40 -2.93 11.28
N LEU B 335 29.69 -1.65 11.31
CA LEU B 335 31.05 -1.14 11.23
C LEU B 335 31.09 0.21 11.97
N GLY B 336 32.16 0.51 12.72
CA GLY B 336 32.19 1.71 13.57
C GLY B 336 30.84 1.98 14.28
N LEU B 337 30.18 3.13 13.99
CA LEU B 337 29.01 3.36 14.79
C LEU B 337 27.73 3.24 14.05
N LEU B 338 27.73 2.33 13.07
CA LEU B 338 26.42 1.88 12.57
C LEU B 338 26.38 0.42 12.87
N ILE B 339 25.50 0.06 13.80
CA ILE B 339 25.43 -1.27 14.43
C ILE B 339 24.02 -1.85 14.46
N GLY B 340 23.83 -3.06 13.92
CA GLY B 340 22.53 -3.71 13.88
C GLY B 340 22.59 -4.98 14.74
N CYS B 341 21.62 -5.13 15.61
CA CYS B 341 21.52 -6.36 16.37
C CYS B 341 20.40 -7.17 15.69
N VAL B 342 20.75 -8.35 15.17
CA VAL B 342 19.75 -9.16 14.37
C VAL B 342 18.96 -10.15 15.25
N LEU B 343 17.67 -9.93 15.35
CA LEU B 343 16.85 -10.77 16.19
C LEU B 343 16.88 -12.24 15.75
N ASN B 344 16.99 -13.15 16.73
CA ASN B 344 16.63 -14.57 16.64
C ASN B 344 15.28 -14.88 16.14
N ALA B 345 15.19 -16.03 15.49
CA ALA B 345 13.91 -16.54 15.05
C ALA B 345 12.80 -16.51 16.12
N ASP B 346 13.10 -16.74 17.41
CA ASP B 346 12.03 -16.69 18.43
C ASP B 346 11.50 -15.23 18.69
N TYR B 347 12.27 -14.23 18.23
CA TYR B 347 11.94 -12.82 18.38
C TYR B 347 11.86 -12.10 17.04
N ALA B 348 11.81 -12.87 15.95
CA ALA B 348 11.61 -12.34 14.61
C ALA B 348 10.47 -11.29 14.57
N GLY B 349 10.73 -10.15 13.91
CA GLY B 349 9.69 -9.09 13.64
C GLY B 349 9.37 -8.24 14.88
N GLN B 350 10.16 -8.37 15.94
CA GLN B 350 9.85 -7.61 17.16
C GLN B 350 10.83 -6.49 17.48
N ALA B 351 11.78 -6.15 16.60
CA ALA B 351 12.63 -4.98 16.83
C ALA B 351 11.88 -3.69 17.31
N LYS B 352 10.73 -3.33 16.74
CA LYS B 352 10.09 -2.10 17.17
C LYS B 352 9.60 -2.19 18.66
N GLN B 353 8.98 -3.33 19.01
CA GLN B 353 8.62 -3.59 20.42
C GLN B 353 9.82 -3.45 21.27
N ILE B 354 10.96 -3.97 20.89
CA ILE B 354 12.15 -3.73 21.73
C ILE B 354 12.48 -2.24 21.87
N SER B 355 12.44 -1.53 20.76
CA SER B 355 12.77 -0.15 20.75
C SER B 355 11.77 0.71 21.61
N GLN B 356 10.51 0.31 21.64
CA GLN B 356 9.55 0.91 22.56
C GLN B 356 9.91 0.66 24.03
N GLU B 357 10.33 -0.54 24.36
CA GLU B 357 10.58 -0.90 25.72
C GLU B 357 11.83 -0.05 26.13
N ALA B 358 12.81 0.03 25.22
CA ALA B 358 14.05 0.78 25.50
C ALA B 358 13.69 2.23 25.76
N ALA B 359 12.73 2.80 25.00
CA ALA B 359 12.33 4.19 25.29
C ALA B 359 11.74 4.29 26.70
N LYS B 360 10.75 3.43 27.01
CA LYS B 360 10.26 3.40 28.40
C LYS B 360 11.41 3.39 29.41
N ALA B 361 12.51 2.67 29.17
CA ALA B 361 13.55 2.51 30.18
C ALA B 361 14.57 3.71 30.11
N GLY B 362 14.26 4.77 29.31
CA GLY B 362 15.21 5.92 29.02
C GLY B 362 16.42 5.71 28.10
N VAL B 363 16.26 4.83 27.10
CA VAL B 363 17.23 4.78 26.04
C VAL B 363 16.54 4.81 24.65
N MET B 364 16.99 5.72 23.78
CA MET B 364 16.50 5.80 22.41
C MET B 364 17.34 4.94 21.48
N VAL B 365 16.70 3.96 20.84
CA VAL B 365 17.37 3.21 19.78
C VAL B 365 16.50 3.13 18.54
N LEU B 366 17.12 2.73 17.43
CA LEU B 366 16.37 2.59 16.19
C LEU B 366 15.99 1.13 15.80
N ILE B 367 15.22 1.05 14.73
CA ILE B 367 15.13 -0.21 13.99
C ILE B 367 15.70 -0.08 12.57
N ALA B 368 15.85 -1.19 11.86
CA ALA B 368 16.26 -1.14 10.51
C ALA B 368 15.53 -2.30 9.88
N GLY B 369 14.25 -2.12 9.60
CA GLY B 369 13.36 -3.28 9.27
C GLY B 369 12.98 -3.92 10.62
N GLY B 370 11.89 -4.71 10.63
CA GLY B 370 11.38 -5.26 11.87
C GLY B 370 12.25 -6.30 12.57
N ASN B 371 13.35 -6.71 11.95
CA ASN B 371 14.21 -7.69 12.58
C ASN B 371 15.55 -7.26 13.11
N VAL B 372 15.88 -5.98 12.93
CA VAL B 372 17.16 -5.45 13.38
C VAL B 372 16.91 -4.29 14.38
N VAL B 373 17.52 -4.39 15.53
CA VAL B 373 17.63 -3.18 16.46
C VAL B 373 18.88 -2.39 16.04
N ARG B 374 18.73 -1.11 15.64
CA ARG B 374 19.87 -0.27 15.14
C ARG B 374 20.34 0.78 16.15
N PHE B 375 21.64 0.95 16.22
CA PHE B 375 22.29 1.91 17.09
C PHE B 375 23.08 2.87 16.21
N ALA B 376 22.85 4.16 16.31
CA ALA B 376 23.64 5.02 15.42
C ALA B 376 24.07 6.26 16.22
N PRO B 377 24.73 6.06 17.38
CA PRO B 377 24.90 7.23 18.22
C PRO B 377 25.93 8.24 17.65
N ALA B 378 25.95 9.41 18.30
CA ALA B 378 26.96 10.44 18.15
C ALA B 378 28.34 9.75 18.16
N LEU B 379 29.21 10.12 17.23
CA LEU B 379 30.61 9.68 17.13
C LEU B 379 31.36 10.25 18.33
N ASN B 380 30.84 11.32 18.96
CA ASN B 380 31.57 11.69 20.16
C ASN B 380 30.96 11.19 21.49
N VAL B 381 30.00 10.26 21.47
CA VAL B 381 29.37 9.76 22.67
C VAL B 381 30.42 9.35 23.69
N SER B 382 30.15 9.63 24.97
CA SER B 382 31.18 9.40 25.99
C SER B 382 31.13 7.96 26.46
N GLU B 383 32.24 7.51 27.08
CA GLU B 383 32.21 6.19 27.70
C GLU B 383 31.11 6.05 28.78
N GLU B 384 30.90 7.07 29.63
CA GLU B 384 29.74 7.03 30.56
C GLU B 384 28.36 6.93 29.87
N GLU B 385 28.18 7.65 28.77
CA GLU B 385 26.89 7.63 28.08
C GLU B 385 26.62 6.28 27.43
N VAL B 386 27.65 5.68 26.83
CA VAL B 386 27.55 4.31 26.31
C VAL B 386 27.13 3.33 27.42
N THR B 387 27.86 3.35 28.55
N THR B 387 27.86 3.29 28.56
CA THR B 387 27.62 2.39 29.62
CA THR B 387 27.51 2.33 29.65
C THR B 387 26.27 2.56 30.38
C THR B 387 26.07 2.55 30.15
N THR B 388 25.76 3.80 30.51
CA THR B 388 24.46 4.10 31.09
C THR B 388 23.38 3.74 30.10
N GLY B 389 23.56 4.12 28.84
CA GLY B 389 22.53 3.70 27.85
C GLY B 389 22.36 2.18 27.67
N LEU B 390 23.49 1.43 27.61
CA LEU B 390 23.39 -0.01 27.61
C LEU B 390 22.81 -0.63 28.92
N ASP B 391 23.19 -0.11 30.11
CA ASP B 391 22.48 -0.52 31.36
C ASP B 391 20.98 -0.42 31.11
N ARG B 392 20.49 0.70 30.49
CA ARG B 392 19.03 0.83 30.31
C ARG B 392 18.50 -0.06 29.18
N PHE B 393 19.31 -0.17 28.13
CA PHE B 393 18.95 -1.12 27.14
C PHE B 393 18.93 -2.52 27.78
N ALA B 394 19.89 -2.84 28.63
CA ALA B 394 19.84 -4.18 29.33
C ALA B 394 18.58 -4.33 30.20
N ALA B 395 18.22 -3.26 30.94
CA ALA B 395 17.01 -3.32 31.71
C ALA B 395 15.81 -3.66 30.82
N ALA B 396 15.79 -3.04 29.64
CA ALA B 396 14.66 -3.02 28.75
C ALA B 396 14.55 -4.39 28.12
N CYS B 397 15.69 -4.95 27.65
CA CYS B 397 15.75 -6.40 27.35
C CYS B 397 15.12 -7.34 28.45
N GLU B 398 15.53 -7.20 29.71
CA GLU B 398 14.94 -8.01 30.82
C GLU B 398 13.40 -7.93 30.86
N HIS B 399 12.83 -6.71 30.80
CA HIS B 399 11.36 -6.58 30.80
C HIS B 399 10.78 -7.25 29.61
N PHE B 400 11.37 -7.01 28.44
CA PHE B 400 10.86 -7.54 27.17
C PHE B 400 10.77 -9.06 27.16
N VAL B 401 11.83 -9.72 27.67
CA VAL B 401 11.84 -11.21 27.76
C VAL B 401 10.76 -11.84 28.69
N SER B 402 10.17 -11.10 29.63
CA SER B 402 8.83 -11.41 30.21
C SER B 402 7.75 -10.52 29.61
N GLN C 3 -26.31 -43.74 -14.76
CA GLN C 3 -26.45 -44.90 -13.82
C GLN C 3 -26.56 -44.39 -12.34
N PRO C 4 -26.55 -45.29 -11.33
CA PRO C 4 -27.04 -44.89 -9.99
C PRO C 4 -25.93 -44.50 -8.98
N ILE C 5 -26.36 -43.93 -7.85
CA ILE C 5 -25.43 -43.43 -6.80
C ILE C 5 -25.58 -44.17 -5.45
N THR C 6 -24.45 -44.61 -4.94
CA THR C 6 -24.39 -45.43 -3.77
C THR C 6 -23.45 -44.71 -2.77
N ARG C 7 -23.62 -45.01 -1.49
CA ARG C 7 -22.72 -44.52 -0.50
C ARG C 7 -21.32 -45.16 -0.68
N GLU C 8 -21.20 -46.27 -1.40
CA GLU C 8 -19.86 -46.82 -1.62
C GLU C 8 -19.10 -45.91 -2.62
N ASN C 9 -19.81 -45.28 -3.58
CA ASN C 9 -19.19 -44.25 -4.46
C ASN C 9 -18.44 -43.11 -3.72
N PHE C 10 -18.99 -42.67 -2.58
CA PHE C 10 -18.38 -41.63 -1.81
C PHE C 10 -16.95 -42.01 -1.45
N ASP C 11 -16.72 -43.22 -0.97
CA ASP C 11 -15.35 -43.72 -0.72
C ASP C 11 -14.45 -43.84 -1.97
N GLU C 12 -15.07 -44.05 -3.13
CA GLU C 12 -14.34 -44.20 -4.38
C GLU C 12 -13.86 -42.82 -4.86
N TRP C 13 -14.75 -41.79 -4.78
CA TRP C 13 -14.60 -40.55 -5.55
C TRP C 13 -14.27 -39.30 -4.80
N MET C 14 -14.34 -39.34 -3.47
CA MET C 14 -14.18 -38.14 -2.68
C MET C 14 -12.85 -38.16 -1.93
N ILE C 15 -12.12 -37.03 -1.94
CA ILE C 15 -10.96 -36.87 -1.05
C ILE C 15 -11.50 -37.10 0.36
N PRO C 16 -10.92 -38.07 1.12
CA PRO C 16 -11.55 -38.60 2.34
C PRO C 16 -11.47 -37.68 3.59
N VAL C 17 -11.81 -36.40 3.43
CA VAL C 17 -11.77 -35.46 4.55
C VAL C 17 -12.94 -35.66 5.55
N TYR C 18 -14.02 -36.30 5.05
CA TYR C 18 -15.19 -36.64 5.89
C TYR C 18 -15.58 -38.09 5.92
N ALA C 19 -16.13 -38.51 7.06
CA ALA C 19 -16.74 -39.85 7.17
C ALA C 19 -18.22 -39.67 7.45
N PRO C 20 -19.02 -39.40 6.40
CA PRO C 20 -20.41 -39.02 6.47
C PRO C 20 -21.36 -40.22 6.56
N ALA C 21 -22.64 -39.93 6.83
CA ALA C 21 -23.66 -40.92 7.18
C ALA C 21 -23.67 -42.04 6.15
N PRO C 22 -24.05 -43.23 6.60
CA PRO C 22 -24.27 -44.39 5.73
C PRO C 22 -25.48 -44.22 4.79
N PHE C 23 -26.29 -43.21 5.02
CA PHE C 23 -27.37 -42.97 4.12
C PHE C 23 -27.16 -41.66 3.38
N ILE C 24 -27.90 -41.50 2.27
CA ILE C 24 -27.80 -40.28 1.48
C ILE C 24 -29.11 -39.53 1.45
N PRO C 25 -29.14 -38.34 2.02
CA PRO C 25 -30.44 -37.62 1.86
C PRO C 25 -30.80 -37.33 0.37
N VAL C 26 -32.08 -37.10 0.07
CA VAL C 26 -32.45 -36.81 -1.31
C VAL C 26 -33.44 -35.66 -1.28
N ARG C 27 -34.15 -35.47 -0.18
CA ARG C 27 -35.05 -34.33 -0.07
C ARG C 27 -35.50 -34.03 1.37
N GLY C 28 -36.05 -32.83 1.60
CA GLY C 28 -36.36 -32.45 2.98
C GLY C 28 -37.47 -31.40 2.96
N GLU C 29 -38.10 -31.10 4.10
CA GLU C 29 -39.17 -30.07 4.18
C GLU C 29 -39.24 -29.72 5.66
N GLY C 30 -39.08 -28.41 5.93
CA GLY C 30 -38.79 -27.88 7.31
C GLY C 30 -37.76 -28.77 7.98
N SER C 31 -38.17 -29.42 9.06
CA SER C 31 -37.14 -30.12 9.85
C SER C 31 -37.08 -31.65 9.70
N ARG C 32 -37.73 -32.18 8.64
CA ARG C 32 -37.68 -33.57 8.22
C ARG C 32 -36.89 -33.70 6.92
N LEU C 33 -36.15 -34.79 6.84
CA LEU C 33 -35.30 -35.08 5.70
C LEU C 33 -35.45 -36.60 5.45
N TRP C 34 -35.60 -36.97 4.18
CA TRP C 34 -35.68 -38.38 3.76
C TRP C 34 -34.51 -38.82 2.94
N ASP C 35 -34.06 -40.07 3.13
CA ASP C 35 -32.94 -40.62 2.32
C ASP C 35 -33.40 -41.41 1.05
N GLN C 36 -32.44 -42.04 0.35
CA GLN C 36 -32.75 -42.68 -0.97
C GLN C 36 -33.74 -43.81 -0.87
N GLN C 37 -33.83 -44.38 0.35
CA GLN C 37 -34.71 -45.51 0.60
C GLN C 37 -36.02 -45.10 1.26
N GLY C 38 -36.34 -43.82 1.30
CA GLY C 38 -37.59 -43.40 1.94
C GLY C 38 -37.61 -43.23 3.46
N LYS C 39 -36.58 -43.65 4.16
CA LYS C 39 -36.49 -43.38 5.60
C LYS C 39 -36.57 -41.89 5.94
N GLU C 40 -37.38 -41.56 6.96
CA GLU C 40 -37.54 -40.21 7.47
C GLU C 40 -36.60 -39.88 8.65
N TYR C 41 -35.89 -38.75 8.62
CA TYR C 41 -35.19 -38.27 9.81
C TYR C 41 -35.76 -36.90 10.23
N ILE C 42 -35.81 -36.66 11.54
CA ILE C 42 -35.96 -35.28 12.04
C ILE C 42 -34.52 -34.68 12.04
N ASP C 43 -34.40 -33.50 11.48
CA ASP C 43 -33.10 -32.93 11.29
C ASP C 43 -32.85 -31.90 12.37
N PHE C 44 -32.08 -32.29 13.37
CA PHE C 44 -31.69 -31.36 14.44
C PHE C 44 -30.25 -30.84 14.22
N ALA C 45 -29.55 -31.31 13.17
CA ALA C 45 -28.24 -30.80 12.81
C ALA C 45 -28.38 -29.49 12.07
N GLY C 46 -29.51 -29.23 11.43
CA GLY C 46 -29.91 -27.91 10.95
C GLY C 46 -28.89 -27.46 9.90
N GLY C 47 -28.18 -28.44 9.32
CA GLY C 47 -27.12 -28.16 8.30
C GLY C 47 -25.88 -27.58 8.93
N ILE C 48 -25.64 -27.97 10.19
CA ILE C 48 -24.65 -27.35 11.09
C ILE C 48 -24.98 -25.87 11.32
N ALA C 49 -26.23 -25.59 11.70
CA ALA C 49 -26.64 -24.26 12.09
C ALA C 49 -26.70 -23.34 10.83
N VAL C 50 -27.01 -23.92 9.66
CA VAL C 50 -27.14 -23.19 8.39
C VAL C 50 -28.58 -23.01 7.93
N ASN C 51 -29.41 -24.06 8.05
CA ASN C 51 -30.75 -23.99 7.45
C ASN C 51 -31.68 -23.37 8.47
N ALA C 52 -31.42 -22.11 8.80
CA ALA C 52 -32.18 -21.42 9.81
C ALA C 52 -33.69 -21.50 9.56
N LEU C 53 -34.08 -21.69 8.29
CA LEU C 53 -35.51 -21.74 7.91
C LEU C 53 -36.02 -23.15 7.42
N GLY C 54 -35.19 -24.16 7.65
CA GLY C 54 -35.47 -25.56 7.38
C GLY C 54 -35.18 -25.91 5.93
N HIS C 55 -35.56 -27.11 5.49
CA HIS C 55 -35.18 -27.53 4.12
C HIS C 55 -36.13 -26.99 3.13
N ALA C 56 -35.66 -26.60 1.94
CA ALA C 56 -36.55 -26.26 0.80
C ALA C 56 -37.65 -25.27 1.18
N HIS C 57 -37.34 -24.27 1.98
CA HIS C 57 -38.32 -23.25 2.34
C HIS C 57 -38.99 -22.65 1.12
N PRO C 58 -40.33 -22.69 1.02
CA PRO C 58 -41.02 -22.09 -0.18
C PRO C 58 -40.70 -20.62 -0.48
N GLU C 59 -40.41 -19.82 0.54
CA GLU C 59 -40.05 -18.40 0.23
C GLU C 59 -38.61 -18.17 -0.20
N LEU C 60 -37.70 -18.90 0.45
CA LEU C 60 -36.34 -19.02 -0.07
C LEU C 60 -36.27 -19.47 -1.57
N ARG C 61 -37.11 -20.44 -1.98
CA ARG C 61 -37.11 -21.01 -3.33
C ARG C 61 -37.67 -19.99 -4.36
N GLU C 62 -38.69 -19.26 -3.94
CA GLU C 62 -39.28 -18.19 -4.72
C GLU C 62 -38.24 -17.07 -4.95
N ALA C 63 -37.57 -16.59 -3.88
CA ALA C 63 -36.61 -15.51 -4.05
C ALA C 63 -35.50 -16.00 -4.94
N LEU C 64 -35.00 -17.22 -4.73
CA LEU C 64 -33.95 -17.73 -5.56
C LEU C 64 -34.36 -17.85 -7.05
N ASN C 65 -35.53 -18.38 -7.32
N ASN C 65 -35.55 -18.39 -7.29
CA ASN C 65 -35.97 -18.56 -8.68
CA ASN C 65 -36.07 -18.56 -8.63
C ASN C 65 -36.23 -17.19 -9.37
C ASN C 65 -36.20 -17.19 -9.32
N GLU C 66 -36.83 -16.23 -8.64
CA GLU C 66 -37.11 -14.88 -9.12
CA GLU C 66 -37.08 -14.92 -9.22
C GLU C 66 -35.80 -14.16 -9.56
N GLN C 67 -34.81 -14.17 -8.66
CA GLN C 67 -33.57 -13.54 -9.03
C GLN C 67 -32.88 -14.34 -10.15
N ALA C 68 -32.94 -15.68 -10.11
CA ALA C 68 -32.33 -16.51 -11.21
C ALA C 68 -32.95 -16.31 -12.60
N SER C 69 -34.16 -15.76 -12.66
CA SER C 69 -34.78 -15.45 -13.95
C SER C 69 -34.23 -14.14 -14.53
N LYS C 70 -33.44 -13.41 -13.73
CA LYS C 70 -33.02 -12.05 -14.06
C LYS C 70 -31.54 -12.09 -14.45
N PHE C 71 -30.63 -12.03 -13.47
CA PHE C 71 -29.25 -12.54 -13.70
C PHE C 71 -28.67 -13.09 -12.36
N TRP C 72 -27.69 -13.98 -12.45
CA TRP C 72 -27.07 -14.55 -11.26
C TRP C 72 -25.74 -13.88 -10.83
N HIS C 73 -25.02 -13.27 -11.79
CA HIS C 73 -23.57 -13.08 -11.60
C HIS C 73 -23.00 -12.23 -12.70
N THR C 74 -22.16 -11.25 -12.29
CA THR C 74 -21.40 -10.39 -13.21
C THR C 74 -19.99 -10.23 -12.72
N GLY C 75 -19.77 -10.27 -11.42
CA GLY C 75 -18.46 -10.07 -10.85
C GLY C 75 -18.48 -8.67 -10.27
N ASN C 76 -17.44 -8.27 -9.51
CA ASN C 76 -17.53 -7.02 -8.79
C ASN C 76 -17.07 -5.77 -9.54
N GLY C 77 -16.87 -5.90 -10.86
CA GLY C 77 -16.87 -4.75 -11.72
C GLY C 77 -18.20 -3.99 -11.73
N TYR C 78 -19.29 -4.63 -11.29
CA TYR C 78 -20.63 -4.10 -11.46
C TYR C 78 -21.36 -4.48 -10.16
N THR C 79 -22.03 -3.52 -9.55
CA THR C 79 -22.74 -3.78 -8.33
C THR C 79 -24.17 -4.22 -8.76
N ASN C 80 -25.07 -4.50 -7.84
CA ASN C 80 -26.41 -4.91 -8.26
C ASN C 80 -27.37 -4.52 -7.23
N GLU C 81 -28.66 -4.55 -7.55
CA GLU C 81 -29.65 -4.10 -6.55
C GLU C 81 -29.78 -5.06 -5.39
N PRO C 82 -29.71 -6.38 -5.63
CA PRO C 82 -29.98 -7.12 -4.39
C PRO C 82 -28.86 -7.06 -3.37
N VAL C 83 -27.61 -6.94 -3.85
CA VAL C 83 -26.49 -6.87 -2.92
C VAL C 83 -26.54 -5.58 -2.12
N LEU C 84 -26.89 -4.51 -2.80
CA LEU C 84 -27.15 -3.24 -2.10
C LEU C 84 -28.29 -3.30 -1.05
N ARG C 85 -29.44 -3.91 -1.37
CA ARG C 85 -30.52 -4.03 -0.40
C ARG C 85 -30.10 -4.85 0.81
N LEU C 86 -29.40 -5.95 0.54
CA LEU C 86 -28.84 -6.79 1.58
C LEU C 86 -27.83 -5.97 2.44
N ALA C 87 -26.96 -5.16 1.83
CA ALA C 87 -26.05 -4.29 2.65
C ALA C 87 -26.85 -3.34 3.56
N LYS C 88 -27.81 -2.63 2.99
CA LYS C 88 -28.62 -1.71 3.77
C LYS C 88 -29.34 -2.44 4.92
N LYS C 89 -29.87 -3.64 4.68
CA LYS C 89 -30.61 -4.36 5.72
C LYS C 89 -29.74 -4.65 6.93
N LEU C 90 -28.47 -4.90 6.67
CA LEU C 90 -27.60 -5.42 7.67
C LEU C 90 -27.07 -4.21 8.46
N ILE C 91 -26.89 -3.12 7.72
CA ILE C 91 -26.42 -1.85 8.23
C ILE C 91 -27.55 -1.28 9.11
N ASP C 92 -28.79 -1.32 8.65
CA ASP C 92 -29.85 -0.82 9.48
C ASP C 92 -29.99 -1.63 10.74
N ALA C 93 -29.59 -2.90 10.72
CA ALA C 93 -29.96 -3.76 11.83
C ALA C 93 -28.83 -4.04 12.86
N THR C 94 -27.65 -3.47 12.65
CA THR C 94 -26.50 -3.76 13.51
C THR C 94 -25.71 -2.50 13.74
N PHE C 95 -24.61 -2.59 14.51
CA PHE C 95 -23.62 -1.50 14.65
C PHE C 95 -22.87 -1.19 13.35
N ALA C 96 -22.99 -2.05 12.33
CA ALA C 96 -22.17 -1.81 11.11
C ALA C 96 -22.54 -0.54 10.31
N ASP C 97 -21.55 0.03 9.59
CA ASP C 97 -21.83 1.13 8.65
C ASP C 97 -21.64 0.60 7.24
N ARG C 98 -20.81 -0.42 7.09
CA ARG C 98 -20.46 -0.92 5.75
C ARG C 98 -20.23 -2.43 5.76
N VAL C 99 -20.41 -3.08 4.59
CA VAL C 99 -20.33 -4.56 4.52
C VAL C 99 -19.46 -5.00 3.37
N PHE C 100 -18.78 -6.13 3.47
CA PHE C 100 -18.16 -6.78 2.32
C PHE C 100 -18.75 -8.21 2.32
N PHE C 101 -18.98 -8.74 1.12
CA PHE C 101 -19.61 -10.05 0.89
C PHE C 101 -18.64 -11.03 0.24
N CYS C 102 -18.62 -12.23 0.79
CA CYS C 102 -17.80 -13.35 0.23
C CYS C 102 -18.69 -14.63 0.33
N ASN C 103 -18.03 -15.78 0.39
CA ASN C 103 -18.71 -17.05 0.03
C ASN C 103 -18.70 -18.09 1.15
N SER C 104 -18.00 -17.81 2.27
CA SER C 104 -17.97 -18.76 3.33
C SER C 104 -17.55 -18.04 4.58
N GLY C 105 -17.61 -18.75 5.71
CA GLY C 105 -17.21 -18.19 6.99
C GLY C 105 -15.70 -18.01 7.01
N ALA C 106 -14.92 -18.95 6.50
CA ALA C 106 -13.45 -18.71 6.39
C ALA C 106 -13.18 -17.38 5.61
N GLU C 107 -13.83 -17.23 4.47
CA GLU C 107 -13.58 -16.03 3.69
C GLU C 107 -13.98 -14.82 4.50
N ALA C 108 -15.07 -14.91 5.25
CA ALA C 108 -15.47 -13.75 5.99
C ALA C 108 -14.38 -13.42 7.06
N ASN C 109 -13.77 -14.43 7.69
CA ASN C 109 -12.78 -14.19 8.71
C ASN C 109 -11.42 -13.76 8.10
N GLU C 110 -11.07 -14.33 6.95
CA GLU C 110 -9.96 -13.77 6.15
C GLU C 110 -10.15 -12.23 5.95
N ALA C 111 -11.31 -11.85 5.41
CA ALA C 111 -11.57 -10.42 5.23
C ALA C 111 -11.33 -9.66 6.57
N ALA C 112 -11.76 -10.21 7.73
CA ALA C 112 -11.71 -9.42 8.98
C ALA C 112 -10.27 -9.29 9.47
N LEU C 113 -9.48 -10.36 9.40
CA LEU C 113 -8.11 -10.38 9.92
C LEU C 113 -7.21 -9.53 9.00
N LYS C 114 -7.41 -9.62 7.70
CA LYS C 114 -6.70 -8.75 6.71
C LYS C 114 -6.99 -7.31 7.03
N LEU C 115 -8.26 -6.95 7.21
CA LEU C 115 -8.60 -5.53 7.48
C LEU C 115 -7.90 -5.05 8.79
N ALA C 116 -7.84 -5.94 9.80
CA ALA C 116 -7.28 -5.54 11.09
C ALA C 116 -5.81 -5.33 10.96
N ARG C 117 -5.15 -6.22 10.25
CA ARG C 117 -3.75 -6.01 10.00
C ARG C 117 -3.51 -4.68 9.26
N LYS C 118 -4.24 -4.48 8.17
CA LYS C 118 -3.96 -3.28 7.37
C LYS C 118 -4.17 -2.00 8.21
N PHE C 119 -5.23 -2.00 9.02
CA PHE C 119 -5.60 -0.84 9.81
C PHE C 119 -4.45 -0.46 10.78
N ALA C 120 -3.93 -1.48 11.47
CA ALA C 120 -2.89 -1.31 12.40
C ALA C 120 -1.60 -0.86 11.66
N HIS C 121 -1.33 -1.46 10.52
CA HIS C 121 -0.14 -1.15 9.74
C HIS C 121 -0.16 0.31 9.35
N ASP C 122 -1.28 0.77 8.81
CA ASP C 122 -1.41 2.16 8.40
C ASP C 122 -1.48 3.25 9.51
N ARG C 123 -1.98 2.95 10.71
CA ARG C 123 -2.11 4.00 11.72
C ARG C 123 -0.87 3.95 12.67
N TYR C 124 -0.24 2.78 12.83
CA TYR C 124 0.78 2.54 13.86
C TYR C 124 2.05 1.97 13.29
N GLY C 125 1.97 1.11 12.27
CA GLY C 125 3.24 0.56 11.72
C GLY C 125 3.25 -0.96 11.58
N SER C 126 4.18 -1.49 10.78
CA SER C 126 4.03 -2.90 10.37
C SER C 126 4.43 -3.85 11.45
N HIS C 127 4.90 -3.34 12.57
CA HIS C 127 5.19 -4.19 13.69
C HIS C 127 3.86 -4.58 14.40
N LYS C 128 2.79 -3.78 14.32
CA LYS C 128 1.57 -4.06 15.05
C LYS C 128 0.68 -5.10 14.28
N SER C 129 1.06 -6.37 14.41
CA SER C 129 0.48 -7.41 13.58
C SER C 129 -0.20 -8.57 14.40
N GLY C 130 -0.08 -8.52 15.75
CA GLY C 130 -0.41 -9.65 16.64
C GLY C 130 -1.90 -10.02 16.56
N ILE C 131 -2.17 -11.30 16.31
CA ILE C 131 -3.58 -11.74 16.45
C ILE C 131 -3.75 -12.62 17.68
N VAL C 132 -4.74 -12.22 18.44
CA VAL C 132 -5.05 -12.96 19.65
C VAL C 132 -6.36 -13.74 19.50
N ALA C 133 -6.24 -15.05 19.58
CA ALA C 133 -7.43 -15.93 19.46
C ALA C 133 -7.53 -16.80 20.73
N PHE C 134 -8.50 -17.73 20.75
CA PHE C 134 -8.72 -18.59 21.94
C PHE C 134 -8.56 -20.07 21.69
N LYS C 135 -7.93 -20.80 22.61
CA LYS C 135 -7.94 -22.30 22.50
C LYS C 135 -9.36 -22.92 22.28
N ASN C 136 -9.43 -24.01 21.49
CA ASN C 136 -10.72 -24.61 21.04
C ASN C 136 -11.55 -23.77 20.06
N ALA C 137 -11.06 -22.58 19.69
CA ALA C 137 -11.66 -21.79 18.59
C ALA C 137 -11.75 -22.56 17.25
N PHE C 138 -12.78 -22.22 16.50
CA PHE C 138 -12.80 -22.60 15.12
C PHE C 138 -13.18 -21.35 14.28
N HIS C 139 -12.31 -21.02 13.33
CA HIS C 139 -12.52 -19.83 12.46
C HIS C 139 -12.52 -20.11 10.95
N GLY C 140 -12.18 -21.33 10.54
CA GLY C 140 -12.26 -21.69 9.08
C GLY C 140 -11.14 -22.67 8.82
N ARG C 141 -10.97 -23.03 7.55
CA ARG C 141 -9.93 -24.02 7.12
C ARG C 141 -8.88 -23.50 6.17
N THR C 142 -9.00 -22.25 5.76
CA THR C 142 -7.87 -21.58 5.06
C THR C 142 -6.67 -21.54 5.99
N LEU C 143 -5.50 -21.49 5.43
CA LEU C 143 -4.31 -21.50 6.23
C LEU C 143 -4.38 -20.40 7.32
N PHE C 144 -4.72 -19.19 6.94
CA PHE C 144 -4.81 -18.11 7.93
C PHE C 144 -5.84 -18.36 9.06
N THR C 145 -7.04 -18.86 8.71
CA THR C 145 -8.11 -18.97 9.67
C THR C 145 -7.98 -20.26 10.48
N VAL C 146 -7.37 -21.32 9.93
CA VAL C 146 -7.16 -22.51 10.71
C VAL C 146 -6.03 -22.21 11.68
N SER C 147 -5.15 -21.29 11.32
CA SER C 147 -4.05 -20.88 12.18
C SER C 147 -4.63 -20.05 13.29
N ALA C 148 -5.57 -19.14 13.00
CA ALA C 148 -6.27 -18.43 14.04
C ALA C 148 -7.06 -19.41 14.91
N GLY C 149 -7.47 -20.55 14.37
CA GLY C 149 -8.27 -21.42 15.17
C GLY C 149 -7.47 -21.97 16.33
N GLY C 150 -8.17 -22.52 17.30
CA GLY C 150 -7.55 -23.04 18.51
C GLY C 150 -7.31 -24.55 18.62
N GLN C 151 -7.33 -25.27 17.53
CA GLN C 151 -6.98 -26.63 17.67
C GLN C 151 -5.78 -26.97 16.80
N PRO C 152 -4.60 -27.05 17.43
CA PRO C 152 -3.36 -27.21 16.63
C PRO C 152 -3.36 -28.51 15.82
N ALA C 153 -4.17 -29.49 16.23
CA ALA C 153 -4.32 -30.72 15.45
C ALA C 153 -4.70 -30.38 13.99
N TYR C 154 -5.49 -29.32 13.76
CA TYR C 154 -5.91 -28.98 12.37
C TYR C 154 -4.94 -28.08 11.49
N SER C 155 -3.89 -27.53 12.11
CA SER C 155 -2.90 -26.66 11.49
C SER C 155 -1.49 -27.30 11.41
N GLN C 156 -1.09 -28.08 12.43
CA GLN C 156 0.19 -28.82 12.49
C GLN C 156 0.84 -29.21 11.17
N ASP C 157 0.10 -29.98 10.39
CA ASP C 157 0.58 -30.62 9.15
C ASP C 157 0.97 -29.72 7.99
N PHE C 158 0.50 -28.46 8.03
CA PHE C 158 0.56 -27.55 6.91
C PHE C 158 1.57 -26.40 7.05
N ALA C 159 2.35 -26.39 8.15
CA ALA C 159 3.40 -25.39 8.41
C ALA C 159 4.44 -25.15 7.28
N PRO C 160 5.10 -23.97 7.29
CA PRO C 160 5.05 -22.96 8.38
C PRO C 160 3.75 -22.16 8.36
N LEU C 161 3.23 -21.78 9.52
CA LEU C 161 1.96 -21.11 9.50
C LEU C 161 2.14 -19.60 9.54
N PRO C 162 1.12 -18.82 9.15
CA PRO C 162 1.29 -17.36 9.31
C PRO C 162 1.57 -16.98 10.78
N ALA C 163 2.61 -16.18 11.01
CA ALA C 163 3.10 -15.91 12.37
C ALA C 163 2.34 -14.77 13.00
N ASP C 164 2.77 -14.39 14.22
CA ASP C 164 2.12 -13.41 15.10
C ASP C 164 0.68 -13.80 15.52
N ILE C 165 0.49 -15.08 15.80
CA ILE C 165 -0.84 -15.56 16.33
C ILE C 165 -0.70 -16.25 17.68
N ARG C 166 -1.54 -15.85 18.62
CA ARG C 166 -1.44 -16.44 19.95
C ARG C 166 -2.81 -16.90 20.40
N HIS C 167 -2.79 -17.92 21.25
CA HIS C 167 -4.06 -18.41 21.84
C HIS C 167 -4.13 -18.34 23.32
N ALA C 168 -5.05 -17.55 23.84
CA ALA C 168 -5.43 -17.49 25.24
C ALA C 168 -6.59 -18.49 25.52
N ALA C 169 -6.72 -18.84 26.81
CA ALA C 169 -7.83 -19.65 27.31
C ALA C 169 -9.17 -18.91 27.27
N TYR C 170 -10.16 -19.61 26.74
CA TYR C 170 -11.46 -19.05 26.51
C TYR C 170 -12.10 -18.74 27.85
N ASN C 171 -12.92 -17.70 27.93
CA ASN C 171 -13.51 -17.32 29.18
C ASN C 171 -12.48 -16.91 30.29
N ASP C 172 -11.18 -16.85 29.98
CA ASP C 172 -10.17 -16.46 30.98
C ASP C 172 -9.46 -15.15 30.60
N ILE C 173 -9.97 -14.07 31.21
CA ILE C 173 -9.55 -12.70 30.97
C ILE C 173 -8.07 -12.42 31.26
N ASN C 174 -7.49 -13.02 32.31
CA ASN C 174 -6.04 -12.89 32.56
C ASN C 174 -5.25 -13.61 31.48
N SER C 175 -5.79 -14.71 30.95
CA SER C 175 -5.05 -15.40 29.93
C SER C 175 -4.94 -14.51 28.65
N ALA C 176 -6.02 -13.76 28.41
CA ALA C 176 -6.21 -12.91 27.24
C ALA C 176 -5.29 -11.73 27.47
N SER C 177 -5.42 -11.18 28.66
CA SER C 177 -4.74 -10.00 29.08
C SER C 177 -3.25 -10.22 28.98
N ALA C 178 -2.71 -11.35 29.46
CA ALA C 178 -1.27 -11.61 29.22
C ALA C 178 -0.83 -11.49 27.73
N LEU C 179 -1.73 -11.79 26.77
CA LEU C 179 -1.32 -11.93 25.35
C LEU C 179 -1.58 -10.68 24.44
N ILE C 180 -2.54 -9.80 24.83
CA ILE C 180 -2.88 -8.56 24.18
C ILE C 180 -1.93 -7.39 24.68
N ASP C 181 -1.41 -6.59 23.74
CA ASP C 181 -0.50 -5.50 24.07
C ASP C 181 -0.51 -4.49 22.94
N ASP C 182 0.49 -3.63 22.89
CA ASP C 182 0.47 -2.53 21.94
C ASP C 182 0.72 -3.00 20.51
N SER C 183 1.41 -4.13 20.35
CA SER C 183 1.49 -4.74 19.03
C SER C 183 0.39 -5.76 18.59
N THR C 184 -0.72 -5.82 19.28
CA THR C 184 -1.84 -6.59 18.92
C THR C 184 -2.69 -5.83 17.92
N CYS C 185 -2.98 -6.45 16.77
CA CYS C 185 -3.91 -5.73 15.88
C CYS C 185 -5.31 -6.25 16.06
N ALA C 186 -5.40 -7.48 16.57
CA ALA C 186 -6.76 -8.09 16.58
C ALA C 186 -6.97 -9.15 17.63
N VAL C 187 -8.11 -9.04 18.26
CA VAL C 187 -8.58 -10.16 19.09
C VAL C 187 -9.82 -10.73 18.40
N ILE C 188 -9.75 -11.97 17.97
CA ILE C 188 -10.95 -12.57 17.25
C ILE C 188 -11.60 -13.61 18.20
N VAL C 189 -12.90 -13.47 18.46
CA VAL C 189 -13.51 -14.43 19.42
C VAL C 189 -14.90 -14.88 18.96
N GLU C 190 -15.30 -16.13 19.19
CA GLU C 190 -16.74 -16.53 19.01
C GLU C 190 -17.54 -16.25 20.24
N PRO C 191 -18.70 -15.58 20.14
CA PRO C 191 -19.42 -15.31 21.39
C PRO C 191 -19.87 -16.60 22.13
N ILE C 192 -20.08 -17.70 21.37
CA ILE C 192 -20.16 -19.04 21.90
C ILE C 192 -19.20 -19.88 21.04
N GLN C 193 -18.27 -20.62 21.66
CA GLN C 193 -17.44 -21.53 20.90
C GLN C 193 -18.35 -22.69 20.47
N GLY C 194 -18.58 -22.82 19.14
CA GLY C 194 -19.43 -23.81 18.52
C GLY C 194 -18.80 -25.19 18.38
N GLU C 195 -18.00 -25.45 17.34
CA GLU C 195 -17.28 -26.74 17.24
C GLU C 195 -16.58 -27.04 18.54
N GLY C 196 -16.18 -26.02 19.27
CA GLY C 196 -15.40 -26.21 20.49
C GLY C 196 -16.08 -26.89 21.66
N GLY C 197 -17.41 -27.02 21.62
CA GLY C 197 -18.15 -27.80 22.64
C GLY C 197 -19.44 -27.08 23.02
N VAL C 198 -19.87 -26.12 22.20
CA VAL C 198 -20.95 -25.23 22.54
C VAL C 198 -20.69 -24.52 23.93
N VAL C 199 -19.55 -23.80 24.04
CA VAL C 199 -19.20 -23.09 25.27
C VAL C 199 -19.54 -21.59 25.26
N PRO C 200 -20.62 -21.19 25.94
CA PRO C 200 -20.95 -19.78 25.80
C PRO C 200 -19.96 -18.93 26.65
N ALA C 201 -19.92 -17.65 26.38
CA ALA C 201 -18.91 -16.81 27.04
C ALA C 201 -19.57 -16.00 28.15
N SER C 202 -18.81 -15.71 29.20
CA SER C 202 -19.32 -14.77 30.21
C SER C 202 -19.37 -13.35 29.63
N ASN C 203 -20.44 -12.65 30.00
CA ASN C 203 -20.66 -11.24 29.71
C ASN C 203 -19.41 -10.42 30.15
N ALA C 204 -18.81 -10.83 31.27
CA ALA C 204 -17.59 -10.20 31.80
C ALA C 204 -16.34 -10.43 30.91
N PHE C 205 -16.17 -11.63 30.37
CA PHE C 205 -15.00 -11.93 29.51
C PHE C 205 -15.08 -11.10 28.23
N LEU C 206 -16.24 -11.13 27.62
CA LEU C 206 -16.44 -10.23 26.48
C LEU C 206 -16.12 -8.77 26.76
N GLN C 207 -16.80 -8.16 27.72
CA GLN C 207 -16.50 -6.81 28.25
C GLN C 207 -14.99 -6.64 28.54
N GLY C 208 -14.39 -7.61 29.22
CA GLY C 208 -12.94 -7.65 29.40
C GLY C 208 -12.14 -7.38 28.09
N LEU C 209 -12.56 -8.09 27.02
CA LEU C 209 -11.88 -8.01 25.72
C LEU C 209 -12.21 -6.67 25.04
N ARG C 210 -13.46 -6.20 25.15
CA ARG C 210 -13.76 -4.87 24.66
C ARG C 210 -12.87 -3.79 25.29
N GLU C 211 -12.60 -3.88 26.60
CA GLU C 211 -11.77 -2.94 27.32
C GLU C 211 -10.35 -3.11 26.88
N LEU C 212 -9.82 -4.34 26.92
CA LEU C 212 -8.46 -4.63 26.46
C LEU C 212 -8.17 -4.10 25.01
N CYS C 213 -9.03 -4.41 24.05
CA CYS C 213 -8.99 -3.87 22.68
C CYS C 213 -8.96 -2.35 22.68
N ASN C 214 -9.86 -1.72 23.41
CA ASN C 214 -9.77 -0.27 23.58
C ASN C 214 -8.37 0.30 24.08
N ARG C 215 -7.78 -0.28 25.13
CA ARG C 215 -6.58 0.27 25.77
C ARG C 215 -5.35 0.01 24.89
N HIS C 216 -5.42 -1.02 24.05
CA HIS C 216 -4.25 -1.38 23.23
C HIS C 216 -4.41 -1.11 21.75
N ASN C 217 -5.45 -0.40 21.40
CA ASN C 217 -5.65 -0.05 20.02
C ASN C 217 -5.68 -1.30 19.06
N ALA C 218 -6.43 -2.30 19.48
CA ALA C 218 -6.60 -3.51 18.72
C ALA C 218 -8.05 -3.63 18.35
N LEU C 219 -8.33 -4.19 17.18
CA LEU C 219 -9.75 -4.31 16.82
C LEU C 219 -10.33 -5.60 17.39
N LEU C 220 -11.55 -5.46 17.92
CA LEU C 220 -12.27 -6.67 18.46
C LEU C 220 -13.15 -7.30 17.35
N ILE C 221 -12.77 -8.48 16.88
CA ILE C 221 -13.59 -9.22 15.86
C ILE C 221 -14.47 -10.34 16.54
N PHE C 222 -15.77 -10.20 16.49
CA PHE C 222 -16.63 -11.36 16.83
C PHE C 222 -16.89 -12.27 15.62
N ASP C 223 -16.43 -13.53 15.69
CA ASP C 223 -16.77 -14.53 14.72
C ASP C 223 -18.20 -15.09 15.09
N GLU C 224 -19.20 -14.59 14.35
CA GLU C 224 -20.60 -14.96 14.57
C GLU C 224 -21.11 -15.84 13.41
N VAL C 225 -20.21 -16.65 12.88
CA VAL C 225 -20.51 -17.42 11.70
C VAL C 225 -21.58 -18.47 12.12
N GLN C 226 -21.34 -19.16 13.28
CA GLN C 226 -22.26 -20.07 13.97
C GLN C 226 -23.29 -19.40 14.85
N THR C 227 -22.95 -18.30 15.55
CA THR C 227 -23.88 -17.66 16.54
C THR C 227 -24.85 -16.67 15.96
N GLY C 228 -24.65 -16.24 14.71
CA GLY C 228 -25.46 -15.17 14.15
C GLY C 228 -26.75 -15.55 13.47
N VAL C 229 -27.44 -14.53 12.95
CA VAL C 229 -28.73 -14.70 12.25
C VAL C 229 -29.77 -15.49 13.08
N GLY C 230 -30.02 -14.99 14.31
CA GLY C 230 -31.11 -15.46 15.17
C GLY C 230 -30.73 -16.69 15.98
N ARG C 231 -29.55 -17.24 15.75
CA ARG C 231 -29.22 -18.44 16.42
C ARG C 231 -29.49 -18.31 17.92
N THR C 232 -29.17 -17.18 18.55
CA THR C 232 -29.26 -17.11 20.02
C THR C 232 -30.61 -16.56 20.50
N GLY C 233 -31.47 -16.12 19.63
CA GLY C 233 -32.66 -15.40 20.11
C GLY C 233 -32.64 -13.90 19.89
N GLU C 234 -31.45 -13.35 19.59
CA GLU C 234 -31.30 -12.02 19.02
C GLU C 234 -30.76 -12.24 17.62
N LEU C 235 -30.90 -11.25 16.73
CA LEU C 235 -30.22 -11.25 15.44
C LEU C 235 -28.78 -11.69 15.53
N TYR C 236 -27.97 -11.03 16.38
CA TYR C 236 -26.58 -11.49 16.62
C TYR C 236 -26.35 -11.59 18.11
N ALA C 237 -25.42 -12.43 18.50
CA ALA C 237 -25.24 -12.72 19.88
C ALA C 237 -24.64 -11.51 20.60
N TYR C 238 -24.03 -10.57 19.81
CA TYR C 238 -23.31 -9.50 20.44
C TYR C 238 -24.46 -8.71 21.09
N MET C 239 -25.65 -8.80 20.48
CA MET C 239 -26.76 -8.00 21.01
C MET C 239 -27.28 -8.63 22.31
N HIS C 240 -27.04 -9.91 22.51
CA HIS C 240 -27.47 -10.54 23.75
C HIS C 240 -26.48 -10.17 24.83
N TYR C 241 -25.20 -10.29 24.52
CA TYR C 241 -24.18 -9.94 25.46
C TYR C 241 -24.01 -8.42 25.75
N GLY C 242 -24.61 -7.53 24.93
CA GLY C 242 -24.37 -6.08 25.07
C GLY C 242 -22.96 -5.51 24.77
N VAL C 243 -21.98 -6.36 24.41
CA VAL C 243 -20.67 -5.89 23.92
C VAL C 243 -20.61 -5.73 22.37
N THR C 244 -20.07 -4.59 21.91
CA THR C 244 -20.02 -4.26 20.51
C THR C 244 -18.61 -4.43 19.93
N PRO C 245 -18.46 -5.25 18.88
CA PRO C 245 -17.22 -5.44 18.25
C PRO C 245 -16.89 -4.33 17.25
N ASP C 246 -15.68 -4.27 16.74
CA ASP C 246 -15.45 -3.34 15.68
C ASP C 246 -15.80 -4.00 14.32
N LEU C 247 -15.52 -5.31 14.23
CA LEU C 247 -15.74 -6.13 13.05
C LEU C 247 -16.68 -7.32 13.47
N LEU C 248 -17.59 -7.76 12.61
CA LEU C 248 -18.32 -9.00 12.86
C LEU C 248 -18.42 -9.76 11.54
N THR C 249 -18.01 -11.03 11.59
CA THR C 249 -18.21 -11.87 10.47
C THR C 249 -19.47 -12.77 10.67
N THR C 250 -20.19 -12.98 9.59
CA THR C 250 -21.45 -13.70 9.61
C THR C 250 -21.44 -14.56 8.32
N ALA C 251 -21.93 -15.79 8.40
CA ALA C 251 -22.05 -16.74 7.25
C ALA C 251 -23.17 -17.79 7.57
N LYS C 252 -22.90 -19.08 7.42
CA LYS C 252 -23.89 -20.16 7.77
C LYS C 252 -25.35 -19.74 7.49
N ALA C 253 -26.13 -19.50 8.53
CA ALA C 253 -27.54 -19.11 8.41
C ALA C 253 -27.88 -17.87 7.58
N LEU C 254 -26.93 -16.96 7.38
CA LEU C 254 -27.17 -15.76 6.52
C LEU C 254 -27.86 -16.10 5.18
N GLY C 255 -27.40 -17.20 4.60
CA GLY C 255 -27.89 -17.68 3.27
C GLY C 255 -29.03 -18.70 3.32
N GLY C 256 -29.39 -19.23 4.52
CA GLY C 256 -30.49 -20.21 4.62
C GLY C 256 -30.09 -21.51 3.93
N GLY C 257 -28.80 -21.64 3.65
CA GLY C 257 -28.28 -22.77 2.88
C GLY C 257 -27.62 -22.38 1.55
N PHE C 258 -27.89 -21.17 0.99
CA PHE C 258 -27.13 -20.67 -0.16
C PHE C 258 -25.70 -20.25 0.32
N PRO C 259 -24.63 -20.64 -0.40
CA PRO C 259 -23.28 -20.17 0.10
C PRO C 259 -23.11 -18.64 0.12
N VAL C 260 -22.90 -18.06 1.31
CA VAL C 260 -22.76 -16.60 1.42
C VAL C 260 -22.05 -16.26 2.75
N GLY C 261 -21.21 -15.22 2.76
CA GLY C 261 -20.54 -14.73 4.00
C GLY C 261 -20.56 -13.21 3.94
N ALA C 262 -20.25 -12.53 5.04
CA ALA C 262 -20.16 -11.10 5.03
C ALA C 262 -19.26 -10.71 6.20
N LEU C 263 -18.47 -9.67 5.95
CA LEU C 263 -17.73 -8.97 7.00
C LEU C 263 -18.55 -7.66 7.23
N LEU C 264 -19.02 -7.43 8.47
CA LEU C 264 -19.69 -6.19 8.90
C LEU C 264 -18.66 -5.24 9.58
N ALA C 265 -18.60 -3.96 9.21
CA ALA C 265 -17.59 -3.06 9.85
C ALA C 265 -18.11 -1.67 10.16
N THR C 266 -17.47 -1.04 11.15
CA THR C 266 -17.69 0.39 11.43
C THR C 266 -17.11 1.21 10.27
N GLU C 267 -17.63 2.42 10.03
CA GLU C 267 -17.09 3.28 9.01
C GLU C 267 -15.57 3.47 9.10
N GLU C 268 -15.09 3.81 10.31
CA GLU C 268 -13.63 4.02 10.54
CA GLU C 268 -13.69 4.01 10.60
C GLU C 268 -12.84 2.86 10.02
N CYS C 269 -13.34 1.64 10.16
CA CYS C 269 -12.57 0.43 9.82
C CYS C 269 -12.65 0.15 8.32
N ALA C 270 -13.82 0.43 7.78
CA ALA C 270 -14.08 0.25 6.37
C ALA C 270 -13.15 1.12 5.53
N ARG C 271 -12.88 2.35 6.00
CA ARG C 271 -12.08 3.41 5.31
CA ARG C 271 -12.15 3.32 5.19
C ARG C 271 -10.74 2.85 4.82
N VAL C 272 -10.16 1.97 5.59
CA VAL C 272 -8.84 1.43 5.39
C VAL C 272 -8.64 0.59 4.13
N MET C 273 -9.73 -0.04 3.68
CA MET C 273 -9.74 -1.00 2.53
C MET C 273 -10.08 -0.32 1.19
N THR C 274 -9.09 0.39 0.65
CA THR C 274 -9.19 1.16 -0.60
C THR C 274 -9.30 0.24 -1.86
N VAL C 275 -9.36 0.85 -3.03
CA VAL C 275 -9.61 0.07 -4.25
C VAL C 275 -8.51 -0.97 -4.51
N GLY C 276 -8.87 -2.25 -4.58
CA GLY C 276 -7.89 -3.27 -4.99
C GLY C 276 -7.23 -4.05 -3.86
N THR C 277 -7.46 -3.65 -2.63
CA THR C 277 -6.72 -4.24 -1.52
C THR C 277 -7.23 -5.61 -1.08
N HIS C 278 -8.34 -6.06 -1.67
CA HIS C 278 -9.07 -7.32 -1.35
C HIS C 278 -10.13 -7.51 -2.42
N GLY C 279 -10.49 -8.74 -2.69
CA GLY C 279 -11.69 -8.96 -3.48
C GLY C 279 -12.18 -10.38 -3.44
N THR C 280 -13.15 -10.66 -4.29
CA THR C 280 -13.70 -11.99 -4.47
C THR C 280 -14.39 -12.03 -5.84
N THR C 281 -14.22 -13.11 -6.60
CA THR C 281 -15.10 -13.31 -7.85
C THR C 281 -16.59 -13.44 -7.57
N TYR C 282 -16.90 -14.37 -6.67
CA TYR C 282 -18.33 -14.54 -6.33
C TYR C 282 -19.04 -13.59 -5.34
N GLY C 283 -18.35 -12.57 -4.80
N GLY C 283 -18.30 -13.07 -4.33
CA GLY C 283 -19.02 -11.22 -4.55
CA GLY C 283 -18.85 -12.11 -3.32
C GLY C 283 -19.95 -11.73 -3.56
C GLY C 283 -20.00 -11.39 -3.97
N GLY C 284 -21.18 -11.25 -3.36
CA GLY C 284 -21.78 -9.96 -3.58
C GLY C 284 -22.67 -10.30 -4.83
N ASN C 285 -22.51 -11.46 -5.46
CA ASN C 285 -23.53 -11.87 -6.56
C ASN C 285 -25.00 -11.73 -6.15
N PRO C 286 -25.88 -11.44 -7.13
CA PRO C 286 -27.25 -11.08 -6.75
C PRO C 286 -28.11 -12.33 -6.40
N LEU C 287 -27.66 -13.50 -6.80
CA LEU C 287 -28.40 -14.68 -6.40
C LEU C 287 -28.20 -14.91 -4.88
N ALA C 288 -26.95 -14.90 -4.41
CA ALA C 288 -26.66 -14.98 -2.98
C ALA C 288 -27.42 -13.89 -2.20
N SER C 289 -27.42 -12.71 -2.77
CA SER C 289 -27.95 -11.53 -2.10
C SER C 289 -29.46 -11.55 -1.98
N ALA C 290 -30.13 -12.00 -3.04
CA ALA C 290 -31.57 -12.07 -3.09
C ALA C 290 -32.06 -13.11 -2.04
N VAL C 291 -31.41 -14.27 -1.95
CA VAL C 291 -31.65 -15.23 -0.90
C VAL C 291 -31.40 -14.73 0.53
N ALA C 292 -30.18 -14.21 0.82
CA ALA C 292 -29.79 -13.75 2.20
C ALA C 292 -30.75 -12.64 2.64
N GLY C 293 -31.13 -11.81 1.68
CA GLY C 293 -32.04 -10.75 1.87
C GLY C 293 -33.36 -11.24 2.32
N LYS C 294 -33.89 -12.31 1.71
CA LYS C 294 -35.16 -12.84 2.16
C LYS C 294 -34.99 -13.57 3.53
N VAL C 295 -33.92 -14.35 3.71
CA VAL C 295 -33.60 -14.92 5.04
C VAL C 295 -33.75 -13.85 6.17
N LEU C 296 -33.16 -12.66 6.03
CA LEU C 296 -33.23 -11.63 7.07
C LEU C 296 -34.64 -11.09 7.18
N GLU C 297 -35.36 -10.98 6.08
CA GLU C 297 -36.75 -10.55 6.23
C GLU C 297 -37.47 -11.51 7.16
N LEU C 298 -37.08 -12.77 7.12
CA LEU C 298 -37.92 -13.80 7.75
C LEU C 298 -37.47 -14.09 9.14
N ILE C 299 -36.21 -13.79 9.44
CA ILE C 299 -35.65 -14.27 10.68
C ILE C 299 -35.57 -13.12 11.68
N ASN C 300 -35.37 -11.92 11.15
CA ASN C 300 -35.34 -10.72 11.95
C ASN C 300 -36.75 -10.25 12.23
N THR C 301 -37.52 -11.04 12.95
CA THR C 301 -38.84 -10.56 13.39
C THR C 301 -38.90 -10.90 14.86
N PRO C 302 -39.53 -10.00 15.65
CA PRO C 302 -39.77 -10.27 17.08
C PRO C 302 -40.39 -11.68 17.32
N GLU C 303 -41.34 -12.12 16.46
CA GLU C 303 -41.98 -13.43 16.60
CA GLU C 303 -41.99 -13.43 16.62
C GLU C 303 -41.02 -14.61 16.37
N MET C 304 -40.23 -14.57 15.28
CA MET C 304 -39.20 -15.61 15.06
C MET C 304 -38.20 -15.65 16.17
N LEU C 305 -37.67 -14.47 16.51
CA LEU C 305 -36.59 -14.39 17.49
C LEU C 305 -37.11 -14.78 18.88
N ASN C 306 -38.27 -14.28 19.27
CA ASN C 306 -38.89 -14.78 20.55
C ASN C 306 -39.17 -16.27 20.47
N GLY C 307 -39.65 -16.72 19.28
CA GLY C 307 -39.86 -18.16 19.02
C GLY C 307 -38.64 -19.05 19.31
N VAL C 308 -37.49 -18.51 18.93
CA VAL C 308 -36.22 -19.17 19.20
C VAL C 308 -35.96 -19.27 20.68
N LYS C 309 -36.35 -18.28 21.45
CA LYS C 309 -36.13 -18.41 22.90
C LYS C 309 -37.11 -19.44 23.53
N GLN C 310 -38.34 -19.47 23.01
CA GLN C 310 -39.29 -20.47 23.40
C GLN C 310 -38.76 -21.88 23.04
N ARG C 311 -38.24 -22.08 21.83
CA ARG C 311 -37.84 -23.43 21.45
C ARG C 311 -36.65 -23.95 22.26
N HIS C 312 -35.83 -22.99 22.75
CA HIS C 312 -34.70 -23.27 23.65
C HIS C 312 -35.24 -24.02 24.87
N ASP C 313 -36.32 -23.47 25.41
CA ASP C 313 -36.98 -24.11 26.52
C ASP C 313 -37.54 -25.49 26.20
N TRP C 314 -38.23 -25.61 25.05
CA TRP C 314 -38.70 -26.92 24.64
C TRP C 314 -37.54 -27.88 24.63
N PHE C 315 -36.36 -27.52 24.08
CA PHE C 315 -35.29 -28.51 24.01
C PHE C 315 -34.74 -28.82 25.37
N VAL C 316 -34.58 -27.80 26.21
CA VAL C 316 -33.85 -27.99 27.49
C VAL C 316 -34.70 -28.76 28.47
N GLU C 317 -35.96 -28.37 28.62
CA GLU C 317 -36.89 -29.09 29.54
C GLU C 317 -36.76 -30.59 29.20
N ARG C 318 -36.91 -30.92 27.92
CA ARG C 318 -37.01 -32.31 27.53
C ARG C 318 -35.71 -33.07 27.62
N LEU C 319 -34.61 -32.40 27.25
CA LEU C 319 -33.26 -32.96 27.36
C LEU C 319 -32.99 -33.24 28.84
N ASN C 320 -33.52 -32.39 29.72
CA ASN C 320 -33.37 -32.66 31.15
C ASN C 320 -34.06 -33.94 31.52
N THR C 321 -35.32 -34.07 31.06
CA THR C 321 -36.11 -35.30 31.32
C THR C 321 -35.36 -36.55 30.82
N ILE C 322 -34.82 -36.47 29.60
CA ILE C 322 -34.04 -37.57 29.06
C ILE C 322 -32.84 -37.87 29.94
N ASN C 323 -32.19 -36.81 30.41
CA ASN C 323 -31.08 -36.99 31.35
C ASN C 323 -31.46 -37.63 32.74
N HIS C 324 -32.57 -37.16 33.30
CA HIS C 324 -33.17 -37.87 34.45
C HIS C 324 -33.34 -39.36 34.27
N ARG C 325 -33.96 -39.81 33.15
CA ARG C 325 -34.06 -41.25 32.90
C ARG C 325 -32.70 -41.85 32.70
N TYR C 326 -31.81 -41.21 31.92
CA TYR C 326 -30.66 -41.97 31.38
C TYR C 326 -29.33 -41.62 31.97
N GLY C 327 -29.28 -40.48 32.69
CA GLY C 327 -28.06 -40.01 33.31
C GLY C 327 -26.77 -39.93 32.45
N LEU C 328 -26.86 -39.38 31.22
CA LEU C 328 -25.74 -39.33 30.27
C LEU C 328 -24.85 -38.11 30.41
N PHE C 329 -25.47 -37.01 30.82
CA PHE C 329 -24.90 -35.72 30.67
C PHE C 329 -24.68 -35.06 31.99
N SER C 330 -23.46 -34.54 32.16
CA SER C 330 -23.13 -33.68 33.31
C SER C 330 -23.84 -32.36 33.19
N GLU C 331 -24.19 -31.90 31.98
CA GLU C 331 -24.72 -30.53 31.80
C GLU C 331 -25.35 -30.37 30.43
N VAL C 332 -26.29 -29.42 30.30
CA VAL C 332 -26.90 -29.05 29.05
C VAL C 332 -26.77 -27.53 29.01
N ARG C 333 -25.93 -26.99 28.10
CA ARG C 333 -25.63 -25.56 27.98
C ARG C 333 -25.93 -25.03 26.57
N GLY C 334 -25.76 -23.69 26.43
CA GLY C 334 -25.95 -23.00 25.17
C GLY C 334 -26.94 -21.85 25.25
N LEU C 335 -27.37 -21.35 24.10
CA LEU C 335 -28.31 -20.23 24.08
C LEU C 335 -29.12 -20.45 22.84
N GLY C 336 -30.35 -19.97 22.88
CA GLY C 336 -31.30 -20.15 21.77
C GLY C 336 -31.17 -21.55 21.19
N LEU C 337 -30.93 -21.65 19.88
CA LEU C 337 -30.95 -22.94 19.26
C LEU C 337 -29.56 -23.46 18.89
N LEU C 338 -28.65 -23.14 19.81
CA LEU C 338 -27.32 -23.72 19.80
C LEU C 338 -27.17 -24.33 21.17
N ILE C 339 -27.37 -25.64 21.25
CA ILE C 339 -27.44 -26.38 22.52
C ILE C 339 -26.44 -27.49 22.57
N GLY C 340 -25.73 -27.65 23.67
CA GLY C 340 -24.74 -28.74 23.76
C GLY C 340 -25.05 -29.57 24.99
N CYS C 341 -25.00 -30.88 24.84
CA CYS C 341 -25.24 -31.79 25.95
C CYS C 341 -23.87 -32.29 26.27
N VAL C 342 -23.44 -32.02 27.49
CA VAL C 342 -22.07 -32.39 27.84
C VAL C 342 -22.11 -33.73 28.56
N LEU C 343 -21.38 -34.69 28.02
CA LEU C 343 -21.38 -36.07 28.50
C LEU C 343 -20.68 -36.18 29.85
N ASN C 344 -21.28 -36.86 30.83
N ASN C 344 -21.32 -36.93 30.78
CA ASN C 344 -20.62 -37.05 32.12
CA ASN C 344 -20.79 -37.38 32.08
C ASN C 344 -19.45 -38.01 31.99
C ASN C 344 -19.42 -38.03 31.96
N ALA C 345 -18.74 -38.20 33.09
CA ALA C 345 -17.42 -38.84 33.09
C ALA C 345 -17.52 -40.31 32.66
N ASP C 346 -18.56 -40.98 33.13
CA ASP C 346 -18.95 -42.30 32.68
C ASP C 346 -18.92 -42.51 31.16
N TYR C 347 -19.49 -41.56 30.39
CA TYR C 347 -19.59 -41.62 28.89
C TYR C 347 -18.60 -40.78 28.06
N ALA C 348 -17.56 -40.29 28.71
CA ALA C 348 -16.60 -39.40 28.08
C ALA C 348 -16.15 -39.89 26.69
N GLY C 349 -16.21 -38.97 25.73
CA GLY C 349 -15.63 -39.21 24.41
C GLY C 349 -16.51 -40.01 23.46
N GLN C 350 -17.74 -40.31 23.88
CA GLN C 350 -18.64 -41.14 23.07
C GLN C 350 -19.76 -40.39 22.34
N ALA C 351 -19.59 -39.08 22.07
CA ALA C 351 -20.64 -38.27 21.36
C ALA C 351 -20.99 -38.82 19.96
N LYS C 352 -19.96 -39.26 19.27
CA LYS C 352 -20.09 -39.76 17.95
C LYS C 352 -21.03 -40.97 17.97
N GLN C 353 -20.75 -41.91 18.88
CA GLN C 353 -21.60 -43.11 19.06
C GLN C 353 -23.07 -42.79 19.42
N ILE C 354 -23.31 -41.91 20.38
CA ILE C 354 -24.67 -41.41 20.59
C ILE C 354 -25.22 -40.81 19.31
N SER C 355 -24.41 -40.01 18.64
CA SER C 355 -24.87 -39.40 17.39
C SER C 355 -25.31 -40.41 16.29
N GLN C 356 -24.55 -41.52 16.16
CA GLN C 356 -24.77 -42.58 15.18
C GLN C 356 -26.00 -43.45 15.54
N GLU C 357 -26.15 -43.71 16.86
CA GLU C 357 -27.38 -44.33 17.39
C GLU C 357 -28.57 -43.43 17.12
N ALA C 358 -28.40 -42.14 17.27
CA ALA C 358 -29.53 -41.28 16.97
C ALA C 358 -30.02 -41.35 15.53
N ALA C 359 -29.09 -41.46 14.56
CA ALA C 359 -29.45 -41.51 13.13
C ALA C 359 -30.21 -42.78 12.84
N LYS C 360 -29.69 -43.88 13.41
CA LYS C 360 -30.35 -45.17 13.41
C LYS C 360 -31.79 -45.10 13.86
N ALA C 361 -32.08 -44.33 14.91
CA ALA C 361 -33.46 -44.12 15.41
C ALA C 361 -34.27 -43.04 14.66
N GLY C 362 -33.65 -42.40 13.64
CA GLY C 362 -34.33 -41.33 12.83
C GLY C 362 -34.20 -39.89 13.33
N VAL C 363 -33.11 -39.58 14.00
CA VAL C 363 -32.92 -38.19 14.33
C VAL C 363 -31.47 -37.80 14.09
N MET C 364 -31.26 -36.76 13.30
CA MET C 364 -29.89 -36.28 13.03
C MET C 364 -29.46 -35.28 14.17
N VAL C 365 -28.37 -35.58 14.85
CA VAL C 365 -27.85 -34.59 15.81
C VAL C 365 -26.36 -34.36 15.45
N LEU C 366 -25.69 -33.31 15.95
CA LEU C 366 -24.21 -33.18 15.75
C LEU C 366 -23.40 -33.63 16.97
N ILE C 367 -22.09 -33.61 16.84
CA ILE C 367 -21.23 -33.61 18.01
C ILE C 367 -20.51 -32.26 18.00
N ALA C 368 -19.75 -31.95 19.08
CA ALA C 368 -19.00 -30.67 19.19
C ALA C 368 -17.77 -31.04 19.99
N GLY C 369 -16.83 -31.70 19.32
CA GLY C 369 -15.77 -32.48 20.00
C GLY C 369 -16.40 -33.79 20.46
N GLY C 370 -15.59 -34.72 20.96
CA GLY C 370 -15.97 -36.09 21.26
C GLY C 370 -16.82 -36.27 22.52
N ASN C 371 -17.15 -35.18 23.17
CA ASN C 371 -17.73 -35.25 24.44
C ASN C 371 -18.98 -34.37 24.52
N VAL C 372 -19.43 -33.82 23.39
CA VAL C 372 -20.62 -32.94 23.40
C VAL C 372 -21.52 -33.30 22.20
N VAL C 373 -22.78 -33.63 22.50
CA VAL C 373 -23.79 -33.81 21.48
C VAL C 373 -24.41 -32.44 21.26
N ARG C 374 -24.51 -32.02 20.00
CA ARG C 374 -24.94 -30.66 19.71
C ARG C 374 -26.17 -30.62 18.87
N PHE C 375 -27.03 -29.65 19.16
CA PHE C 375 -28.30 -29.50 18.46
C PHE C 375 -28.28 -28.12 17.82
N ALA C 376 -28.60 -27.98 16.53
CA ALA C 376 -28.71 -26.62 15.89
C ALA C 376 -29.81 -26.62 14.84
N PRO C 377 -31.04 -26.82 15.31
CA PRO C 377 -32.17 -27.07 14.45
C PRO C 377 -32.57 -25.82 13.73
N ALA C 378 -33.39 -25.94 12.68
CA ALA C 378 -33.94 -24.75 12.04
C ALA C 378 -34.52 -23.82 13.11
N LEU C 379 -34.50 -22.51 12.91
CA LEU C 379 -35.11 -21.62 13.90
C LEU C 379 -36.60 -21.75 13.92
N ASN C 380 -37.19 -22.25 12.84
CA ASN C 380 -38.68 -22.40 12.76
C ASN C 380 -39.10 -23.83 12.96
N VAL C 381 -38.25 -24.67 13.54
CA VAL C 381 -38.64 -26.00 13.87
C VAL C 381 -40.00 -25.98 14.65
N SER C 382 -40.91 -26.91 14.35
CA SER C 382 -42.21 -26.89 14.98
C SER C 382 -42.22 -27.65 16.30
N GLU C 383 -43.20 -27.33 17.11
CA GLU C 383 -43.37 -28.07 18.36
C GLU C 383 -43.39 -29.61 18.22
N GLU C 384 -44.19 -30.08 17.25
CA GLU C 384 -44.26 -31.49 16.79
C GLU C 384 -42.89 -32.09 16.36
N GLU C 385 -42.18 -31.34 15.51
CA GLU C 385 -40.82 -31.76 15.08
C GLU C 385 -39.83 -31.95 16.24
N VAL C 386 -39.81 -31.02 17.21
CA VAL C 386 -38.98 -31.15 18.45
C VAL C 386 -39.36 -32.39 19.29
N THR C 387 -40.66 -32.51 19.61
CA THR C 387 -41.16 -33.69 20.45
C THR C 387 -40.80 -35.01 19.76
N THR C 388 -41.15 -35.13 18.45
CA THR C 388 -40.88 -36.33 17.66
C THR C 388 -39.39 -36.61 17.61
N GLY C 389 -38.61 -35.55 17.28
CA GLY C 389 -37.18 -35.67 17.24
C GLY C 389 -36.60 -36.13 18.58
N LEU C 390 -37.04 -35.50 19.64
CA LEU C 390 -36.49 -35.93 20.96
C LEU C 390 -37.08 -37.25 21.47
N ASP C 391 -38.30 -37.64 21.01
CA ASP C 391 -38.74 -39.03 21.29
C ASP C 391 -37.68 -39.96 20.71
N ARG C 392 -37.19 -39.62 19.50
CA ARG C 392 -36.26 -40.52 18.86
C ARG C 392 -34.96 -40.40 19.51
N PHE C 393 -34.59 -39.20 19.99
CA PHE C 393 -33.27 -39.07 20.64
C PHE C 393 -33.32 -39.92 21.97
N ALA C 394 -34.48 -39.88 22.64
CA ALA C 394 -34.64 -40.66 23.89
C ALA C 394 -34.48 -42.12 23.60
N ALA C 395 -35.23 -42.63 22.60
CA ALA C 395 -35.03 -44.03 22.19
C ALA C 395 -33.54 -44.40 21.93
N ALA C 396 -32.81 -43.55 21.18
CA ALA C 396 -31.38 -43.80 20.90
C ALA C 396 -30.56 -43.72 22.19
N CYS C 397 -30.91 -42.79 23.08
CA CYS C 397 -30.24 -42.83 24.40
C CYS C 397 -30.49 -44.15 25.14
N GLU C 398 -31.75 -44.57 25.17
CA GLU C 398 -32.11 -45.86 25.78
C GLU C 398 -31.30 -47.03 25.21
N HIS C 399 -31.02 -47.07 23.89
CA HIS C 399 -30.15 -48.13 23.34
C HIS C 399 -28.74 -47.93 23.78
N PHE C 400 -28.27 -46.69 23.73
CA PHE C 400 -26.88 -46.44 24.08
C PHE C 400 -26.51 -46.86 25.52
N VAL C 401 -27.38 -46.69 26.50
CA VAL C 401 -27.03 -47.31 27.79
C VAL C 401 -27.44 -48.81 27.81
N SER C 402 -26.48 -49.73 27.55
CA SER C 402 -26.72 -51.19 27.31
C SER C 402 -25.44 -51.90 26.82
N GLN D 3 -36.13 4.60 -1.39
CA GLN D 3 -36.40 3.17 -1.77
C GLN D 3 -35.74 2.70 -3.10
N PRO D 4 -35.56 3.61 -4.12
CA PRO D 4 -34.83 3.20 -5.37
C PRO D 4 -33.32 3.13 -5.14
N ILE D 5 -32.70 2.03 -5.50
CA ILE D 5 -31.29 1.84 -5.23
C ILE D 5 -30.50 2.63 -6.24
N THR D 6 -29.48 3.35 -5.82
CA THR D 6 -28.68 4.20 -6.74
C THR D 6 -27.19 3.85 -6.63
N ARG D 7 -26.40 4.30 -7.61
CA ARG D 7 -24.97 4.02 -7.62
C ARG D 7 -24.30 4.74 -6.45
N GLU D 8 -24.97 5.78 -5.91
CA GLU D 8 -24.40 6.53 -4.77
C GLU D 8 -24.43 5.61 -3.53
N ASN D 9 -25.45 4.76 -3.41
CA ASN D 9 -25.59 3.89 -2.24
C ASN D 9 -24.41 2.95 -2.10
N PHE D 10 -23.80 2.60 -3.26
CA PHE D 10 -22.66 1.71 -3.26
C PHE D 10 -21.55 2.32 -2.45
N ASP D 11 -21.35 3.61 -2.70
CA ASP D 11 -20.32 4.40 -2.02
C ASP D 11 -20.60 4.53 -0.54
N GLU D 12 -21.88 4.57 -0.14
CA GLU D 12 -22.24 4.64 1.26
C GLU D 12 -22.14 3.27 1.98
N TRP D 13 -22.56 2.19 1.31
CA TRP D 13 -22.82 0.91 2.01
C TRP D 13 -21.78 -0.16 1.93
N MET D 14 -20.83 -0.03 0.99
CA MET D 14 -19.85 -1.08 0.78
C MET D 14 -18.43 -0.69 1.19
N ILE D 15 -17.71 -1.61 1.82
CA ILE D 15 -16.33 -1.47 2.13
C ILE D 15 -15.68 -1.24 0.75
N PRO D 16 -14.95 -0.15 0.54
CA PRO D 16 -14.73 0.23 -0.89
C PRO D 16 -13.47 -0.40 -1.52
N VAL D 17 -13.44 -1.72 -1.65
CA VAL D 17 -12.37 -2.38 -2.40
C VAL D 17 -12.59 -2.43 -3.92
N TYR D 18 -13.73 -1.94 -4.39
CA TYR D 18 -14.05 -1.99 -5.82
C TYR D 18 -14.61 -0.65 -6.23
N ALA D 19 -14.17 -0.14 -7.37
CA ALA D 19 -14.82 1.00 -7.97
C ALA D 19 -15.64 0.48 -9.14
N PRO D 20 -16.87 -0.06 -8.91
CA PRO D 20 -17.42 -0.71 -10.05
C PRO D 20 -18.06 0.39 -10.90
N ALA D 21 -18.77 -0.02 -11.93
CA ALA D 21 -19.23 0.80 -13.02
C ALA D 21 -20.33 1.78 -12.56
N PRO D 22 -20.53 2.90 -13.29
CA PRO D 22 -21.53 3.89 -12.88
C PRO D 22 -22.95 3.42 -13.06
N PHE D 23 -23.15 2.44 -13.94
CA PHE D 23 -24.46 1.85 -14.15
C PHE D 23 -24.66 0.51 -13.35
N ILE D 24 -25.91 0.18 -13.01
CA ILE D 24 -26.21 -1.05 -12.28
C ILE D 24 -27.08 -2.01 -13.12
N PRO D 25 -26.56 -3.21 -13.48
CA PRO D 25 -27.26 -4.21 -14.29
C PRO D 25 -28.46 -4.75 -13.52
N VAL D 26 -29.54 -5.16 -14.23
CA VAL D 26 -30.70 -5.67 -13.54
C VAL D 26 -31.21 -6.92 -14.19
N ARG D 27 -30.82 -7.26 -15.42
CA ARG D 27 -31.24 -8.53 -16.04
C ARG D 27 -30.43 -8.85 -17.25
N GLY D 28 -30.17 -10.14 -17.48
CA GLY D 28 -29.40 -10.54 -18.67
C GLY D 28 -30.15 -11.60 -19.44
N GLU D 29 -29.71 -11.92 -20.67
CA GLU D 29 -30.21 -13.11 -21.42
C GLU D 29 -29.07 -13.44 -22.31
N GLY D 30 -28.54 -14.68 -22.21
CA GLY D 30 -27.39 -15.02 -23.04
C GLY D 30 -26.24 -14.03 -22.76
N SER D 31 -25.77 -13.32 -23.79
CA SER D 31 -24.71 -12.28 -23.69
C SER D 31 -25.21 -10.88 -23.84
N ARG D 32 -26.50 -10.66 -23.72
CA ARG D 32 -26.99 -9.31 -23.47
C ARG D 32 -27.30 -9.06 -21.98
N LEU D 33 -27.13 -7.83 -21.52
CA LEU D 33 -27.31 -7.43 -20.11
C LEU D 33 -27.91 -6.02 -20.14
N TRP D 34 -28.91 -5.74 -19.32
CA TRP D 34 -29.54 -4.37 -19.23
C TRP D 34 -29.33 -3.77 -17.85
N ASP D 35 -29.11 -2.45 -17.81
CA ASP D 35 -28.89 -1.72 -16.59
C ASP D 35 -30.23 -1.12 -16.15
N GLN D 36 -30.23 -0.33 -15.08
CA GLN D 36 -31.48 0.23 -14.58
C GLN D 36 -32.24 1.16 -15.51
N GLN D 37 -31.59 1.81 -16.48
CA GLN D 37 -32.33 2.72 -17.35
C GLN D 37 -32.66 2.03 -18.65
N GLY D 38 -32.52 0.71 -18.66
CA GLY D 38 -32.87 -0.07 -19.81
C GLY D 38 -31.84 -0.03 -20.91
N LYS D 39 -30.65 0.52 -20.65
CA LYS D 39 -29.60 0.52 -21.64
C LYS D 39 -29.03 -0.88 -21.78
N GLU D 40 -28.78 -1.31 -23.01
CA GLU D 40 -28.42 -2.66 -23.29
C GLU D 40 -26.93 -2.75 -23.59
N TYR D 41 -26.27 -3.78 -23.04
CA TYR D 41 -24.86 -4.00 -23.29
C TYR D 41 -24.67 -5.36 -23.87
N ILE D 42 -23.63 -5.53 -24.67
CA ILE D 42 -23.20 -6.81 -25.04
C ILE D 42 -22.13 -7.15 -24.03
N ASP D 43 -22.29 -8.25 -23.33
CA ASP D 43 -21.40 -8.58 -22.23
C ASP D 43 -20.21 -9.45 -22.71
N PHE D 44 -19.02 -8.85 -22.91
CA PHE D 44 -17.79 -9.67 -23.27
C PHE D 44 -16.93 -9.91 -22.02
N ALA D 45 -17.41 -9.32 -20.93
CA ALA D 45 -16.91 -9.61 -19.58
C ALA D 45 -17.14 -11.06 -19.17
N GLY D 46 -18.32 -11.60 -19.51
CA GLY D 46 -18.74 -12.94 -19.09
C GLY D 46 -18.57 -13.28 -17.59
N GLY D 47 -19.00 -12.33 -16.73
CA GLY D 47 -18.75 -12.39 -15.28
C GLY D 47 -17.28 -12.69 -14.88
N ILE D 48 -16.32 -12.16 -15.63
CA ILE D 48 -14.91 -12.52 -15.43
C ILE D 48 -14.62 -13.98 -15.72
N ALA D 49 -15.03 -14.41 -16.92
CA ALA D 49 -14.90 -15.80 -17.37
C ALA D 49 -15.70 -16.79 -16.47
N VAL D 50 -16.87 -16.37 -15.97
CA VAL D 50 -17.67 -17.25 -15.07
C VAL D 50 -18.93 -17.77 -15.83
N ASN D 51 -19.61 -16.86 -16.54
CA ASN D 51 -20.90 -17.10 -17.13
C ASN D 51 -20.72 -17.82 -18.45
N ALA D 52 -20.10 -18.99 -18.37
CA ALA D 52 -19.87 -19.85 -19.52
C ALA D 52 -21.07 -20.07 -20.41
N LEU D 53 -22.29 -20.13 -19.86
CA LEU D 53 -23.50 -20.40 -20.67
C LEU D 53 -24.33 -19.13 -20.74
N GLY D 54 -23.70 -17.99 -20.42
CA GLY D 54 -24.46 -16.72 -20.48
C GLY D 54 -25.34 -16.36 -19.31
N HIS D 55 -26.08 -15.26 -19.42
CA HIS D 55 -26.99 -14.87 -18.36
C HIS D 55 -28.28 -15.69 -18.37
N ALA D 56 -28.76 -16.02 -17.15
CA ALA D 56 -30.10 -16.59 -16.92
C ALA D 56 -30.36 -17.73 -17.91
N HIS D 57 -29.47 -18.72 -17.94
CA HIS D 57 -29.58 -19.81 -18.87
C HIS D 57 -30.72 -20.76 -18.51
N PRO D 58 -31.72 -20.91 -19.42
CA PRO D 58 -32.93 -21.78 -19.16
C PRO D 58 -32.64 -23.12 -18.48
N GLU D 59 -31.66 -23.87 -18.97
CA GLU D 59 -31.31 -25.15 -18.38
C GLU D 59 -30.67 -25.07 -17.02
N LEU D 60 -29.76 -24.09 -16.82
CA LEU D 60 -29.19 -23.83 -15.52
C LEU D 60 -30.30 -23.44 -14.55
N ARG D 61 -31.21 -22.57 -14.97
CA ARG D 61 -32.31 -22.21 -14.06
C ARG D 61 -33.16 -23.42 -13.62
N GLU D 62 -33.34 -24.39 -14.52
CA GLU D 62 -34.28 -25.46 -14.30
C GLU D 62 -33.54 -26.47 -13.41
N ALA D 63 -32.26 -26.70 -13.67
CA ALA D 63 -31.51 -27.54 -12.76
C ALA D 63 -31.55 -26.85 -11.39
N LEU D 64 -31.56 -25.52 -11.40
CA LEU D 64 -31.56 -24.81 -10.09
C LEU D 64 -32.89 -25.01 -9.32
N ASN D 65 -33.99 -24.63 -9.98
CA ASN D 65 -35.33 -24.80 -9.43
C ASN D 65 -35.53 -26.25 -8.92
N GLU D 66 -35.09 -27.22 -9.69
CA GLU D 66 -35.37 -28.60 -9.41
C GLU D 66 -34.70 -29.16 -8.13
N GLN D 67 -33.40 -28.89 -7.98
CA GLN D 67 -32.75 -29.33 -6.77
C GLN D 67 -33.21 -28.49 -5.61
N ALA D 68 -33.51 -27.23 -5.84
CA ALA D 68 -34.02 -26.34 -4.76
C ALA D 68 -35.31 -26.84 -4.12
N SER D 69 -36.11 -27.58 -4.87
CA SER D 69 -37.35 -28.07 -4.27
C SER D 69 -37.22 -29.41 -3.54
N LYS D 70 -36.02 -30.01 -3.53
CA LYS D 70 -35.61 -31.17 -2.76
C LYS D 70 -34.91 -30.71 -1.46
N PHE D 71 -33.62 -30.31 -1.53
CA PHE D 71 -32.97 -29.66 -0.38
C PHE D 71 -31.71 -29.00 -0.93
N TRP D 72 -31.18 -28.03 -0.20
CA TRP D 72 -30.09 -27.19 -0.68
C TRP D 72 -28.84 -27.59 -0.07
N HIS D 73 -28.86 -28.04 1.17
CA HIS D 73 -27.67 -28.10 1.98
C HIS D 73 -27.89 -29.03 3.20
N THR D 74 -26.93 -29.94 3.48
CA THR D 74 -26.82 -30.55 4.81
C THR D 74 -25.51 -30.29 5.59
N GLY D 75 -24.47 -29.76 4.92
CA GLY D 75 -23.12 -29.81 5.51
C GLY D 75 -22.60 -31.22 5.25
N ASN D 76 -21.31 -31.43 5.45
CA ASN D 76 -20.68 -32.64 4.94
C ASN D 76 -20.69 -33.78 5.92
N GLY D 77 -21.48 -33.71 6.97
CA GLY D 77 -21.82 -34.94 7.67
C GLY D 77 -22.62 -35.95 6.75
N TYR D 78 -23.15 -35.50 5.61
CA TYR D 78 -24.13 -36.28 4.76
C TYR D 78 -23.76 -35.98 3.34
N THR D 79 -23.51 -37.01 2.53
CA THR D 79 -23.31 -36.74 1.12
C THR D 79 -24.65 -36.59 0.45
N ASN D 80 -24.59 -36.28 -0.84
CA ASN D 80 -25.79 -36.10 -1.62
C ASN D 80 -25.58 -36.64 -3.05
N GLU D 81 -26.67 -36.86 -3.77
CA GLU D 81 -26.50 -37.46 -5.06
C GLU D 81 -25.83 -36.48 -6.08
N PRO D 82 -26.32 -35.24 -6.18
CA PRO D 82 -25.66 -34.43 -7.21
C PRO D 82 -24.16 -34.23 -7.03
N VAL D 83 -23.62 -34.24 -5.80
CA VAL D 83 -22.18 -33.98 -5.63
C VAL D 83 -21.41 -35.25 -6.08
N LEU D 84 -22.04 -36.42 -5.94
CA LEU D 84 -21.32 -37.66 -6.29
C LEU D 84 -21.38 -37.75 -7.81
N ARG D 85 -22.50 -37.33 -8.36
CA ARG D 85 -22.66 -37.36 -9.78
C ARG D 85 -21.64 -36.35 -10.40
N LEU D 86 -21.33 -35.26 -9.71
CA LEU D 86 -20.49 -34.19 -10.27
C LEU D 86 -19.05 -34.64 -10.14
N ALA D 87 -18.68 -35.27 -9.02
CA ALA D 87 -17.39 -35.90 -8.87
C ALA D 87 -17.12 -36.89 -9.95
N LYS D 88 -18.09 -37.75 -10.23
CA LYS D 88 -17.91 -38.75 -11.24
C LYS D 88 -17.73 -38.12 -12.62
N LYS D 89 -18.62 -37.23 -13.03
CA LYS D 89 -18.41 -36.47 -14.26
C LYS D 89 -16.96 -35.89 -14.43
N LEU D 90 -16.41 -35.25 -13.39
CA LEU D 90 -15.07 -34.68 -13.39
C LEU D 90 -13.98 -35.78 -13.49
N ILE D 91 -14.11 -36.83 -12.67
CA ILE D 91 -13.15 -37.98 -12.63
C ILE D 91 -13.01 -38.69 -14.02
N ASP D 92 -14.16 -38.83 -14.71
CA ASP D 92 -14.24 -39.52 -15.97
C ASP D 92 -13.61 -38.67 -17.01
N ALA D 93 -13.99 -37.40 -17.01
CA ALA D 93 -13.48 -36.42 -17.98
C ALA D 93 -11.98 -36.00 -17.82
N THR D 94 -11.24 -36.46 -16.79
CA THR D 94 -9.88 -35.82 -16.56
C THR D 94 -8.87 -36.76 -15.91
N PHE D 95 -7.63 -36.31 -15.69
CA PHE D 95 -6.64 -37.17 -15.01
C PHE D 95 -7.08 -37.50 -13.57
N ALA D 96 -8.12 -36.81 -13.09
CA ALA D 96 -8.47 -36.90 -11.65
C ALA D 96 -8.91 -38.26 -11.19
N ASP D 97 -8.53 -38.64 -9.98
CA ASP D 97 -9.16 -39.80 -9.34
C ASP D 97 -10.22 -39.49 -8.27
N ARG D 98 -9.99 -38.40 -7.53
CA ARG D 98 -10.81 -37.95 -6.40
C ARG D 98 -11.05 -36.46 -6.55
N VAL D 99 -12.16 -35.99 -6.02
CA VAL D 99 -12.40 -34.56 -5.92
C VAL D 99 -12.80 -34.06 -4.53
N PHE D 100 -12.43 -32.81 -4.26
CA PHE D 100 -12.88 -32.08 -3.10
C PHE D 100 -13.59 -30.79 -3.59
N PHE D 101 -14.70 -30.48 -2.96
CA PHE D 101 -15.49 -29.33 -3.41
C PHE D 101 -15.49 -28.19 -2.39
N CYS D 102 -15.51 -26.98 -2.92
CA CYS D 102 -15.53 -25.80 -2.05
C CYS D 102 -16.32 -24.68 -2.68
N ASN D 103 -16.05 -23.45 -2.29
CA ASN D 103 -16.94 -22.37 -2.79
C ASN D 103 -16.28 -21.25 -3.57
N SER D 104 -15.00 -21.40 -3.87
CA SER D 104 -14.28 -20.36 -4.59
C SER D 104 -12.95 -20.85 -5.14
N GLY D 105 -12.34 -20.05 -6.02
CA GLY D 105 -11.01 -20.46 -6.51
C GLY D 105 -9.96 -20.38 -5.40
N ALA D 106 -10.05 -19.38 -4.56
CA ALA D 106 -9.08 -19.32 -3.46
C ALA D 106 -9.17 -20.55 -2.54
N GLU D 107 -10.40 -20.98 -2.18
CA GLU D 107 -10.56 -22.21 -1.39
C GLU D 107 -10.00 -23.38 -2.16
N ALA D 108 -10.24 -23.45 -3.48
CA ALA D 108 -9.62 -24.59 -4.19
C ALA D 108 -8.11 -24.56 -4.11
N ASN D 109 -7.44 -23.44 -4.47
CA ASN D 109 -5.98 -23.37 -4.20
C ASN D 109 -5.64 -23.51 -2.71
N GLU D 110 -6.48 -23.01 -1.79
CA GLU D 110 -6.16 -23.34 -0.39
C GLU D 110 -5.99 -24.84 -0.18
N ALA D 111 -7.02 -25.60 -0.59
CA ALA D 111 -7.03 -27.05 -0.54
C ALA D 111 -5.83 -27.71 -1.29
N ALA D 112 -5.46 -27.16 -2.43
CA ALA D 112 -4.36 -27.70 -3.22
C ALA D 112 -3.04 -27.49 -2.50
N LEU D 113 -2.83 -26.27 -2.01
CA LEU D 113 -1.59 -26.07 -1.31
C LEU D 113 -1.58 -26.79 0.05
N LYS D 114 -2.68 -26.81 0.77
CA LYS D 114 -2.66 -27.54 2.04
C LYS D 114 -2.31 -29.02 1.75
N LEU D 115 -2.94 -29.62 0.73
CA LEU D 115 -2.65 -31.02 0.44
C LEU D 115 -1.17 -31.27 0.15
N ALA D 116 -0.57 -30.43 -0.72
CA ALA D 116 0.85 -30.57 -1.06
C ALA D 116 1.76 -30.52 0.19
N ARG D 117 1.45 -29.60 1.08
CA ARG D 117 2.32 -29.38 2.20
C ARG D 117 2.25 -30.59 3.13
N LYS D 118 1.05 -31.20 3.23
CA LYS D 118 0.90 -32.31 4.17
C LYS D 118 1.50 -33.58 3.56
N PHE D 119 1.21 -33.75 2.28
CA PHE D 119 1.74 -34.86 1.50
C PHE D 119 3.26 -34.90 1.59
N ALA D 120 3.94 -33.78 1.30
CA ALA D 120 5.39 -33.80 1.50
C ALA D 120 5.77 -33.98 3.00
N HIS D 121 5.16 -33.22 3.90
CA HIS D 121 5.45 -33.41 5.32
C HIS D 121 5.37 -34.86 5.72
N ASP D 122 4.37 -35.58 5.21
CA ASP D 122 4.19 -37.01 5.51
C ASP D 122 5.23 -37.97 4.86
N ARG D 123 5.44 -37.88 3.55
CA ARG D 123 6.32 -38.78 2.81
C ARG D 123 7.80 -38.40 2.92
N TYR D 124 8.13 -37.14 3.11
CA TYR D 124 9.55 -36.71 3.07
C TYR D 124 10.10 -36.00 4.29
N GLY D 125 9.32 -35.76 5.32
CA GLY D 125 9.81 -34.94 6.45
C GLY D 125 9.38 -33.47 6.43
N SER D 126 9.57 -32.80 7.57
CA SER D 126 9.06 -31.43 7.81
C SER D 126 9.89 -30.30 7.19
N HIS D 127 11.07 -30.65 6.67
CA HIS D 127 11.94 -29.68 6.00
C HIS D 127 11.37 -29.20 4.65
N LYS D 128 10.47 -30.01 4.08
CA LYS D 128 10.02 -29.95 2.70
C LYS D 128 8.65 -29.27 2.58
N SER D 129 8.73 -27.96 2.53
CA SER D 129 7.56 -27.16 2.67
C SER D 129 7.55 -25.99 1.68
N GLY D 130 8.55 -25.94 0.79
CA GLY D 130 8.73 -24.85 -0.19
C GLY D 130 7.70 -24.92 -1.31
N ILE D 131 7.13 -23.75 -1.63
CA ILE D 131 6.12 -23.57 -2.68
C ILE D 131 6.72 -22.60 -3.70
N VAL D 132 6.62 -22.97 -4.99
CA VAL D 132 7.10 -22.12 -6.05
C VAL D 132 5.93 -21.65 -6.91
N ALA D 133 5.77 -20.35 -7.07
CA ALA D 133 4.81 -19.81 -7.98
C ALA D 133 5.57 -18.78 -8.83
N PHE D 134 4.83 -17.90 -9.49
CA PHE D 134 5.34 -17.14 -10.63
C PHE D 134 4.92 -15.71 -10.58
N LYS D 135 5.87 -14.81 -10.84
CA LYS D 135 5.53 -13.42 -10.86
C LYS D 135 4.35 -13.20 -11.76
N ASN D 136 3.53 -12.28 -11.31
CA ASN D 136 2.23 -11.95 -11.88
C ASN D 136 1.10 -12.99 -11.73
N ALA D 137 1.37 -14.16 -11.12
CA ALA D 137 0.30 -15.13 -10.84
C ALA D 137 -0.84 -14.41 -10.11
N PHE D 138 -2.06 -14.91 -10.29
CA PHE D 138 -3.12 -14.54 -9.40
C PHE D 138 -3.81 -15.83 -8.99
N HIS D 139 -3.86 -16.06 -7.67
CA HIS D 139 -4.31 -17.31 -7.12
C HIS D 139 -5.37 -17.18 -6.05
N GLY D 140 -5.82 -15.94 -5.77
CA GLY D 140 -6.88 -15.70 -4.77
C GLY D 140 -6.45 -14.66 -3.73
N ARG D 141 -7.41 -14.36 -2.85
CA ARG D 141 -7.31 -13.29 -1.89
C ARG D 141 -7.22 -13.71 -0.44
N THR D 142 -7.15 -15.03 -0.19
CA THR D 142 -6.92 -15.48 1.18
C THR D 142 -5.44 -15.13 1.48
N LEU D 143 -5.04 -15.09 2.77
CA LEU D 143 -3.68 -14.70 3.17
C LEU D 143 -2.73 -15.58 2.43
N PHE D 144 -3.09 -16.85 2.38
CA PHE D 144 -2.24 -17.87 1.81
C PHE D 144 -2.21 -17.81 0.28
N THR D 145 -3.36 -17.66 -0.38
CA THR D 145 -3.38 -17.69 -1.85
C THR D 145 -2.87 -16.35 -2.41
N VAL D 146 -2.91 -15.31 -1.59
CA VAL D 146 -2.45 -13.97 -2.04
C VAL D 146 -0.92 -13.89 -1.87
N SER D 147 -0.41 -14.72 -0.95
CA SER D 147 1.02 -14.90 -0.74
C SER D 147 1.65 -15.70 -1.85
N ALA D 148 0.95 -16.74 -2.32
CA ALA D 148 1.27 -17.54 -3.54
C ALA D 148 1.15 -16.67 -4.80
N GLY D 149 0.21 -15.74 -4.74
CA GLY D 149 -0.23 -14.87 -5.81
C GLY D 149 0.82 -14.00 -6.49
N GLY D 150 1.89 -13.60 -5.81
CA GLY D 150 2.93 -12.90 -6.64
C GLY D 150 2.60 -11.64 -7.48
N GLN D 151 1.61 -10.86 -7.02
CA GLN D 151 1.66 -9.45 -7.10
C GLN D 151 1.76 -8.94 -5.62
N PRO D 152 2.99 -8.58 -5.16
CA PRO D 152 3.17 -8.16 -3.73
C PRO D 152 2.37 -6.90 -3.31
N ALA D 153 2.00 -6.08 -4.26
CA ALA D 153 1.18 -4.97 -3.85
C ALA D 153 -0.13 -5.42 -3.13
N TYR D 154 -0.58 -6.67 -3.35
CA TYR D 154 -1.87 -7.21 -2.78
C TYR D 154 -1.66 -8.01 -1.48
N SER D 155 -0.43 -8.37 -1.18
CA SER D 155 -0.14 -9.04 0.00
C SER D 155 0.58 -8.22 1.11
N GLN D 156 1.44 -7.22 0.81
CA GLN D 156 2.42 -6.68 1.80
C GLN D 156 1.79 -6.07 3.05
N ASP D 157 0.65 -5.39 2.87
CA ASP D 157 -0.15 -4.88 3.96
C ASP D 157 -0.61 -5.90 5.00
N PHE D 158 -0.49 -7.19 4.75
CA PHE D 158 -1.20 -8.15 5.66
C PHE D 158 -0.14 -9.03 6.32
N ALA D 159 1.16 -8.65 6.14
CA ALA D 159 2.32 -9.34 6.73
C ALA D 159 2.14 -9.46 8.24
N PRO D 160 2.82 -10.43 8.89
CA PRO D 160 3.70 -11.45 8.23
C PRO D 160 2.92 -12.47 7.39
N LEU D 161 3.46 -12.79 6.22
CA LEU D 161 2.82 -13.70 5.28
C LEU D 161 3.29 -15.11 5.60
N PRO D 162 2.53 -16.13 5.20
CA PRO D 162 3.00 -17.51 5.39
C PRO D 162 4.37 -17.68 4.68
N ALA D 163 5.32 -18.34 5.32
CA ALA D 163 6.70 -18.35 4.81
C ALA D 163 6.89 -19.45 3.74
N ASP D 164 8.06 -19.50 3.11
CA ASP D 164 8.52 -20.63 2.22
C ASP D 164 7.84 -20.64 0.88
N ILE D 165 7.44 -19.45 0.45
CA ILE D 165 6.89 -19.24 -0.89
C ILE D 165 7.92 -18.43 -1.68
N ARG D 166 8.33 -18.90 -2.86
CA ARG D 166 9.23 -18.11 -3.73
C ARG D 166 8.63 -17.89 -5.11
N HIS D 167 8.98 -16.80 -5.78
CA HIS D 167 8.40 -16.48 -7.09
C HIS D 167 9.40 -16.44 -8.22
N ALA D 168 9.16 -17.25 -9.26
CA ALA D 168 10.01 -17.37 -10.46
C ALA D 168 9.32 -16.64 -11.60
N ALA D 169 10.02 -16.46 -12.73
CA ALA D 169 9.50 -15.61 -13.84
C ALA D 169 8.71 -16.53 -14.72
N TYR D 170 7.51 -16.09 -15.08
CA TYR D 170 6.60 -16.94 -15.86
C TYR D 170 7.24 -17.28 -17.19
N ASN D 171 7.00 -18.48 -17.71
CA ASN D 171 7.55 -18.87 -19.04
C ASN D 171 9.10 -18.86 -19.03
N ASP D 172 9.68 -18.76 -17.84
CA ASP D 172 11.12 -18.85 -17.72
C ASP D 172 11.53 -20.05 -16.83
N ILE D 173 11.74 -21.15 -17.52
CA ILE D 173 12.13 -22.45 -16.96
C ILE D 173 13.43 -22.43 -16.14
N ASN D 174 14.36 -21.57 -16.52
CA ASN D 174 15.57 -21.40 -15.70
C ASN D 174 15.33 -20.65 -14.40
N SER D 175 14.55 -19.56 -14.49
CA SER D 175 14.07 -18.88 -13.34
C SER D 175 13.45 -19.85 -12.34
N ALA D 176 12.68 -20.81 -12.88
CA ALA D 176 12.02 -21.87 -12.12
C ALA D 176 12.97 -22.87 -11.42
N SER D 177 13.89 -23.54 -12.15
CA SER D 177 14.77 -24.55 -11.47
C SER D 177 15.86 -23.97 -10.56
N ALA D 178 16.08 -22.66 -10.66
CA ALA D 178 16.78 -21.92 -9.62
C ALA D 178 16.07 -22.01 -8.26
N LEU D 179 14.73 -21.93 -8.26
CA LEU D 179 13.92 -21.96 -7.01
C LEU D 179 13.46 -23.35 -6.55
N ILE D 180 13.35 -24.30 -7.47
CA ILE D 180 12.82 -25.62 -7.18
C ILE D 180 14.02 -26.54 -6.87
N ASP D 181 13.89 -27.26 -5.77
CA ASP D 181 14.86 -28.21 -5.29
C ASP D 181 14.14 -29.28 -4.44
N ASP D 182 14.92 -30.08 -3.76
CA ASP D 182 14.39 -31.17 -2.93
C ASP D 182 13.57 -30.78 -1.70
N SER D 183 13.56 -29.54 -1.29
CA SER D 183 12.54 -29.20 -0.31
C SER D 183 11.37 -28.30 -0.82
N THR D 184 11.13 -28.36 -2.12
CA THR D 184 9.87 -27.92 -2.68
C THR D 184 8.84 -29.02 -2.46
N CYS D 185 7.69 -28.63 -1.89
CA CYS D 185 6.48 -29.50 -1.91
C CYS D 185 5.58 -29.22 -3.13
N ALA D 186 5.63 -28.00 -3.67
CA ALA D 186 4.65 -27.65 -4.69
C ALA D 186 5.16 -26.59 -5.59
N VAL D 187 4.80 -26.72 -6.87
CA VAL D 187 4.88 -25.61 -7.83
C VAL D 187 3.50 -25.34 -8.28
N ILE D 188 3.01 -24.12 -8.14
CA ILE D 188 1.64 -23.84 -8.55
C ILE D 188 1.72 -22.90 -9.74
N VAL D 189 0.94 -23.19 -10.77
CA VAL D 189 0.99 -22.33 -11.99
C VAL D 189 -0.29 -22.24 -12.77
N GLU D 190 -0.62 -21.04 -13.25
CA GLU D 190 -1.69 -20.83 -14.22
C GLU D 190 -1.25 -21.26 -15.66
N PRO D 191 -2.10 -22.03 -16.41
CA PRO D 191 -1.70 -22.38 -17.78
C PRO D 191 -1.68 -21.19 -18.71
N ILE D 192 -2.57 -20.24 -18.46
CA ILE D 192 -2.56 -18.93 -19.08
C ILE D 192 -2.66 -17.94 -17.88
N GLN D 193 -1.63 -17.09 -17.66
CA GLN D 193 -1.78 -16.11 -16.61
C GLN D 193 -2.95 -15.20 -16.98
N GLY D 194 -3.95 -15.11 -16.09
CA GLY D 194 -5.21 -14.55 -16.51
C GLY D 194 -5.27 -13.11 -16.22
N GLU D 195 -5.43 -12.77 -14.96
CA GLU D 195 -5.24 -11.38 -14.45
C GLU D 195 -3.91 -10.75 -14.81
N GLY D 196 -2.86 -11.56 -14.81
CA GLY D 196 -1.54 -11.07 -15.19
C GLY D 196 -1.40 -10.51 -16.62
N GLY D 197 -2.39 -10.70 -17.50
CA GLY D 197 -2.33 -10.12 -18.84
C GLY D 197 -2.74 -11.03 -20.01
N VAL D 198 -3.36 -12.18 -19.71
CA VAL D 198 -3.74 -13.18 -20.72
C VAL D 198 -2.45 -13.69 -21.39
N VAL D 199 -1.57 -14.29 -20.61
CA VAL D 199 -0.27 -14.65 -21.10
C VAL D 199 -0.18 -16.18 -21.05
N PRO D 200 -0.37 -16.83 -22.22
CA PRO D 200 -0.31 -18.28 -22.38
C PRO D 200 1.07 -18.80 -22.04
N ALA D 201 1.19 -19.95 -21.38
CA ALA D 201 2.50 -20.57 -21.10
C ALA D 201 2.98 -21.25 -22.35
N SER D 202 4.27 -21.48 -22.51
CA SER D 202 4.69 -22.29 -23.65
C SER D 202 4.58 -23.76 -23.28
N ASN D 203 4.38 -24.62 -24.28
CA ASN D 203 4.54 -26.09 -24.11
C ASN D 203 5.79 -26.43 -23.30
N ALA D 204 6.89 -25.81 -23.71
CA ALA D 204 8.20 -26.12 -23.16
C ALA D 204 8.26 -25.71 -21.70
N PHE D 205 7.55 -24.64 -21.36
CA PHE D 205 7.57 -24.17 -19.98
C PHE D 205 6.75 -25.16 -19.13
N LEU D 206 5.49 -25.43 -19.49
CA LEU D 206 4.69 -26.39 -18.72
C LEU D 206 5.42 -27.75 -18.53
N GLN D 207 6.00 -28.28 -19.64
CA GLN D 207 6.79 -29.53 -19.64
C GLN D 207 7.95 -29.45 -18.69
N GLY D 208 8.70 -28.34 -18.79
CA GLY D 208 9.84 -28.13 -17.91
C GLY D 208 9.46 -28.34 -16.44
N LEU D 209 8.42 -27.60 -16.03
CA LEU D 209 7.85 -27.71 -14.68
C LEU D 209 7.51 -29.17 -14.29
N ARG D 210 6.91 -29.91 -15.21
CA ARG D 210 6.56 -31.29 -14.97
C ARG D 210 7.81 -32.15 -14.61
N GLU D 211 8.84 -32.08 -15.47
CA GLU D 211 10.14 -32.84 -15.31
C GLU D 211 10.84 -32.39 -14.00
N LEU D 212 10.78 -31.08 -13.75
CA LEU D 212 11.38 -30.53 -12.54
C LEU D 212 10.65 -31.07 -11.30
N CYS D 213 9.32 -31.26 -11.41
CA CYS D 213 8.54 -31.72 -10.27
C CYS D 213 8.77 -33.20 -10.01
N ASN D 214 8.94 -33.95 -11.10
CA ASN D 214 9.20 -35.37 -10.94
C ASN D 214 10.58 -35.52 -10.35
N ARG D 215 11.56 -34.77 -10.87
CA ARG D 215 12.93 -34.85 -10.36
C ARG D 215 12.99 -34.57 -8.86
N HIS D 216 12.32 -33.50 -8.43
CA HIS D 216 12.41 -33.12 -7.02
C HIS D 216 11.30 -33.58 -6.08
N ASN D 217 10.34 -34.39 -6.56
CA ASN D 217 9.21 -34.89 -5.74
C ASN D 217 8.34 -33.78 -5.17
N ALA D 218 7.93 -32.89 -6.06
CA ALA D 218 7.13 -31.71 -5.77
C ALA D 218 5.85 -31.90 -6.54
N LEU D 219 4.75 -31.47 -5.97
CA LEU D 219 3.49 -31.63 -6.67
C LEU D 219 3.33 -30.50 -7.68
N LEU D 220 2.82 -30.83 -8.85
CA LEU D 220 2.54 -29.85 -9.88
C LEU D 220 1.04 -29.50 -9.94
N ILE D 221 0.72 -28.25 -9.58
CA ILE D 221 -0.65 -27.81 -9.40
C ILE D 221 -0.99 -26.84 -10.50
N PHE D 222 -1.94 -27.22 -11.33
CA PHE D 222 -2.40 -26.27 -12.28
C PHE D 222 -3.55 -25.45 -11.74
N ASP D 223 -3.33 -24.16 -11.62
CA ASP D 223 -4.46 -23.32 -11.29
C ASP D 223 -5.34 -23.08 -12.53
N GLU D 224 -6.45 -23.83 -12.63
CA GLU D 224 -7.31 -23.69 -13.81
C GLU D 224 -8.65 -22.96 -13.56
N VAL D 225 -8.68 -22.16 -12.53
CA VAL D 225 -9.88 -21.40 -12.20
C VAL D 225 -10.40 -20.52 -13.34
N GLN D 226 -9.47 -19.88 -14.07
CA GLN D 226 -9.85 -19.00 -15.20
C GLN D 226 -9.75 -19.72 -16.57
N THR D 227 -8.81 -20.68 -16.69
CA THR D 227 -8.59 -21.35 -17.96
C THR D 227 -9.56 -22.55 -18.15
N GLY D 228 -10.18 -23.02 -17.05
CA GLY D 228 -10.96 -24.25 -16.97
C GLY D 228 -12.31 -24.25 -17.60
N VAL D 229 -12.95 -25.41 -17.60
CA VAL D 229 -14.30 -25.62 -18.07
C VAL D 229 -14.56 -24.99 -19.41
N GLY D 230 -13.82 -25.45 -20.40
CA GLY D 230 -14.18 -25.11 -21.80
C GLY D 230 -13.51 -23.90 -22.40
N ARG D 231 -12.97 -23.03 -21.53
CA ARG D 231 -12.44 -21.72 -21.87
C ARG D 231 -11.39 -21.74 -23.02
N THR D 232 -10.42 -22.65 -22.96
CA THR D 232 -9.41 -22.66 -23.98
C THR D 232 -9.85 -23.43 -25.19
N GLY D 233 -11.08 -23.97 -25.21
CA GLY D 233 -11.52 -24.81 -26.31
C GLY D 233 -11.30 -26.29 -26.11
N GLU D 234 -10.49 -26.69 -25.10
CA GLU D 234 -10.49 -28.05 -24.51
C GLU D 234 -11.21 -27.94 -23.20
N LEU D 235 -11.39 -29.07 -22.49
CA LEU D 235 -12.19 -29.04 -21.28
C LEU D 235 -11.38 -28.28 -20.22
N TYR D 236 -10.13 -28.69 -20.10
CA TYR D 236 -9.09 -28.00 -19.34
C TYR D 236 -7.84 -27.62 -20.17
N ALA D 237 -7.18 -26.53 -19.79
CA ALA D 237 -6.05 -26.08 -20.56
C ALA D 237 -5.02 -27.17 -20.56
N TYR D 238 -4.93 -28.00 -19.50
CA TYR D 238 -3.87 -29.00 -19.47
C TYR D 238 -4.05 -30.01 -20.59
N MET D 239 -5.29 -30.17 -21.09
CA MET D 239 -5.56 -31.08 -22.24
C MET D 239 -4.97 -30.49 -23.52
N HIS D 240 -5.14 -29.19 -23.68
CA HIS D 240 -4.46 -28.51 -24.76
C HIS D 240 -2.94 -28.69 -24.75
N TYR D 241 -2.26 -28.49 -23.62
CA TYR D 241 -0.80 -28.59 -23.61
C TYR D 241 -0.24 -30.00 -23.59
N GLY D 242 -1.06 -31.02 -23.31
CA GLY D 242 -0.54 -32.37 -23.09
C GLY D 242 0.32 -32.54 -21.84
N VAL D 243 0.26 -31.61 -20.88
CA VAL D 243 1.06 -31.73 -19.62
C VAL D 243 0.07 -31.99 -18.46
N THR D 244 0.33 -33.08 -17.73
CA THR D 244 -0.64 -33.52 -16.72
C THR D 244 -0.18 -33.23 -15.31
N PRO D 245 -0.92 -32.34 -14.60
CA PRO D 245 -0.45 -31.90 -13.29
C PRO D 245 -0.80 -32.96 -12.26
N ASP D 246 -0.26 -32.87 -11.04
CA ASP D 246 -0.68 -33.71 -9.90
C ASP D 246 -2.04 -33.28 -9.28
N LEU D 247 -2.42 -32.00 -9.41
CA LEU D 247 -3.60 -31.41 -8.75
C LEU D 247 -4.08 -30.28 -9.63
N LEU D 248 -5.35 -30.19 -9.80
CA LEU D 248 -5.85 -29.15 -10.62
C LEU D 248 -6.93 -28.44 -9.82
N THR D 249 -7.10 -27.17 -10.04
CA THR D 249 -8.10 -26.45 -9.25
C THR D 249 -8.99 -25.83 -10.21
N THR D 250 -10.25 -25.79 -9.95
CA THR D 250 -11.13 -25.23 -10.96
C THR D 250 -12.20 -24.47 -10.23
N ALA D 251 -12.78 -23.42 -10.82
CA ALA D 251 -13.90 -22.73 -10.19
C ALA D 251 -14.56 -21.85 -11.26
N LYS D 252 -14.85 -20.60 -10.96
CA LYS D 252 -15.42 -19.66 -11.96
C LYS D 252 -16.42 -20.36 -12.84
N ALA D 253 -16.04 -20.83 -14.03
CA ALA D 253 -17.09 -21.34 -14.99
C ALA D 253 -17.78 -22.65 -14.55
N LEU D 254 -17.10 -23.45 -13.70
CA LEU D 254 -17.65 -24.66 -13.17
C LEU D 254 -19.13 -24.56 -12.80
N GLY D 255 -19.55 -23.51 -12.12
CA GLY D 255 -20.95 -23.41 -11.74
C GLY D 255 -21.73 -22.43 -12.60
N GLY D 256 -21.12 -21.98 -13.72
CA GLY D 256 -21.85 -21.04 -14.62
C GLY D 256 -22.48 -19.83 -14.00
N GLY D 257 -21.91 -19.34 -12.90
CA GLY D 257 -22.52 -18.27 -12.12
C GLY D 257 -22.72 -18.59 -10.64
N PHE D 258 -22.92 -19.88 -10.33
CA PHE D 258 -23.18 -20.35 -8.96
C PHE D 258 -21.89 -20.53 -8.22
N PRO D 259 -21.83 -20.09 -6.95
CA PRO D 259 -20.51 -20.13 -6.34
C PRO D 259 -20.07 -21.55 -6.03
N VAL D 260 -18.96 -22.02 -6.61
CA VAL D 260 -18.51 -23.41 -6.45
C VAL D 260 -17.05 -23.45 -6.90
N GLY D 261 -16.27 -24.40 -6.38
CA GLY D 261 -14.96 -24.68 -6.92
C GLY D 261 -14.53 -26.03 -6.45
N ALA D 262 -13.38 -26.55 -6.91
CA ALA D 262 -13.07 -27.98 -6.74
C ALA D 262 -11.61 -28.17 -6.84
N LEU D 263 -11.04 -28.99 -5.99
CA LEU D 263 -9.68 -29.59 -6.25
C LEU D 263 -9.86 -30.96 -6.85
N LEU D 264 -9.21 -31.19 -8.01
CA LEU D 264 -9.04 -32.53 -8.66
C LEU D 264 -7.66 -33.09 -8.32
N ALA D 265 -7.60 -34.30 -7.76
CA ALA D 265 -6.34 -34.88 -7.25
C ALA D 265 -6.17 -36.28 -7.81
N THR D 266 -4.93 -36.75 -7.91
CA THR D 266 -4.65 -38.19 -8.27
C THR D 266 -4.88 -39.04 -7.02
N GLU D 267 -5.17 -40.32 -7.19
CA GLU D 267 -5.47 -41.26 -6.08
C GLU D 267 -4.42 -41.20 -4.99
N GLU D 268 -3.16 -41.06 -5.43
CA GLU D 268 -1.96 -40.98 -4.56
CA GLU D 268 -2.04 -41.06 -4.51
C GLU D 268 -2.00 -39.76 -3.66
N CYS D 269 -2.31 -38.64 -4.29
CA CYS D 269 -2.32 -37.35 -3.61
C CYS D 269 -3.47 -37.27 -2.57
N ALA D 270 -4.67 -37.62 -3.03
CA ALA D 270 -5.88 -37.68 -2.24
C ALA D 270 -5.74 -38.47 -0.94
N ARG D 271 -4.99 -39.60 -0.97
CA ARG D 271 -4.85 -40.59 0.14
CA ARG D 271 -4.97 -40.56 0.13
C ARG D 271 -4.59 -39.91 1.46
N VAL D 272 -3.81 -38.86 1.37
CA VAL D 272 -3.15 -38.24 2.50
C VAL D 272 -4.10 -37.25 3.26
N MET D 273 -5.16 -36.75 2.59
CA MET D 273 -6.16 -35.94 3.29
C MET D 273 -7.24 -36.83 3.88
N THR D 274 -6.92 -37.47 5.01
CA THR D 274 -7.85 -38.32 5.78
C THR D 274 -8.83 -37.46 6.62
N VAL D 275 -9.76 -38.12 7.33
CA VAL D 275 -10.87 -37.47 8.07
C VAL D 275 -10.41 -36.30 8.93
N GLY D 276 -11.02 -35.13 8.70
CA GLY D 276 -10.84 -33.97 9.57
C GLY D 276 -9.58 -33.14 9.26
N THR D 277 -8.83 -33.48 8.21
CA THR D 277 -7.60 -32.73 7.91
C THR D 277 -7.92 -31.45 7.11
N HIS D 278 -9.15 -31.36 6.58
CA HIS D 278 -9.61 -30.16 5.88
C HIS D 278 -11.14 -30.17 5.89
N GLY D 279 -11.81 -29.14 5.36
CA GLY D 279 -13.29 -29.17 5.37
C GLY D 279 -13.86 -27.83 4.95
N THR D 280 -15.19 -27.76 4.85
CA THR D 280 -15.95 -26.55 4.53
C THR D 280 -17.37 -26.85 4.96
N THR D 281 -18.16 -25.83 5.28
CA THR D 281 -19.57 -25.94 5.57
C THR D 281 -20.38 -26.17 4.29
N TYR D 282 -20.26 -25.19 3.37
CA TYR D 282 -20.99 -25.14 2.12
C TYR D 282 -20.50 -26.07 0.93
N GLY D 283 -19.25 -26.50 0.98
CA GLY D 283 -18.68 -27.11 -0.21
C GLY D 283 -19.40 -28.41 -0.46
N GLY D 284 -19.68 -28.70 -1.74
CA GLY D 284 -20.29 -29.95 -2.08
C GLY D 284 -21.79 -29.97 -1.80
N ASN D 285 -22.42 -28.78 -1.61
CA ASN D 285 -23.81 -28.78 -1.29
C ASN D 285 -24.50 -29.22 -2.55
N PRO D 286 -25.67 -29.89 -2.41
CA PRO D 286 -26.28 -30.40 -3.62
C PRO D 286 -26.68 -29.30 -4.56
N LEU D 287 -27.06 -28.10 -4.11
CA LEU D 287 -27.63 -27.07 -5.07
C LEU D 287 -26.53 -26.64 -6.09
N ALA D 288 -25.34 -26.36 -5.56
CA ALA D 288 -24.20 -25.99 -6.40
C ALA D 288 -23.86 -27.16 -7.33
N SER D 289 -23.92 -28.36 -6.80
CA SER D 289 -23.49 -29.51 -7.56
C SER D 289 -24.49 -29.84 -8.66
N ALA D 290 -25.74 -29.43 -8.48
CA ALA D 290 -26.68 -29.78 -9.48
C ALA D 290 -26.44 -28.76 -10.61
N VAL D 291 -26.25 -27.48 -10.32
CA VAL D 291 -25.83 -26.49 -11.35
C VAL D 291 -24.52 -26.85 -12.07
N ALA D 292 -23.48 -27.17 -11.29
CA ALA D 292 -22.21 -27.58 -11.91
C ALA D 292 -22.34 -28.82 -12.82
N GLY D 293 -23.09 -29.82 -12.37
CA GLY D 293 -23.43 -30.99 -13.21
C GLY D 293 -23.97 -30.64 -14.58
N LYS D 294 -24.89 -29.67 -14.59
CA LYS D 294 -25.57 -29.25 -15.77
C LYS D 294 -24.60 -28.41 -16.64
N VAL D 295 -23.73 -27.62 -16.01
CA VAL D 295 -22.76 -26.83 -16.75
C VAL D 295 -21.87 -27.78 -17.52
N LEU D 296 -21.32 -28.82 -16.88
CA LEU D 296 -20.40 -29.69 -17.51
C LEU D 296 -21.04 -30.42 -18.68
N GLU D 297 -22.30 -30.81 -18.50
CA GLU D 297 -23.00 -31.66 -19.47
C GLU D 297 -23.14 -30.86 -20.75
N LEU D 298 -23.48 -29.57 -20.58
CA LEU D 298 -23.74 -28.66 -21.64
C LEU D 298 -22.49 -28.08 -22.35
N ILE D 299 -21.33 -28.09 -21.68
CA ILE D 299 -20.09 -27.41 -22.07
C ILE D 299 -19.17 -28.51 -22.61
N ASN D 300 -19.12 -29.66 -21.94
CA ASN D 300 -18.20 -30.72 -22.36
C ASN D 300 -18.77 -31.60 -23.50
N THR D 301 -19.08 -30.97 -24.63
CA THR D 301 -19.53 -31.63 -25.85
C THR D 301 -18.62 -31.15 -26.96
N PRO D 302 -18.33 -32.01 -27.96
CA PRO D 302 -17.53 -31.55 -29.09
C PRO D 302 -18.16 -30.33 -29.78
N GLU D 303 -19.49 -30.29 -29.89
CA GLU D 303 -20.11 -29.15 -30.53
CA GLU D 303 -20.11 -29.11 -30.55
C GLU D 303 -19.68 -27.82 -29.83
N MET D 304 -19.93 -27.70 -28.51
CA MET D 304 -19.59 -26.48 -27.74
C MET D 304 -18.06 -26.17 -27.72
N LEU D 305 -17.25 -27.18 -27.50
CA LEU D 305 -15.82 -27.01 -27.44
C LEU D 305 -15.17 -26.58 -28.77
N ASN D 306 -15.68 -27.09 -29.89
CA ASN D 306 -15.23 -26.69 -31.23
C ASN D 306 -15.84 -25.34 -31.51
N GLY D 307 -17.10 -25.13 -31.17
CA GLY D 307 -17.67 -23.78 -31.16
C GLY D 307 -16.83 -22.72 -30.40
N VAL D 308 -15.99 -23.13 -29.44
CA VAL D 308 -15.15 -22.16 -28.71
C VAL D 308 -14.00 -21.76 -29.60
N LYS D 309 -13.35 -22.76 -30.22
CA LYS D 309 -12.32 -22.58 -31.22
C LYS D 309 -12.78 -21.73 -32.42
N GLN D 310 -14.02 -21.94 -32.86
CA GLN D 310 -14.57 -21.23 -33.99
C GLN D 310 -14.69 -19.79 -33.52
N ARG D 311 -15.24 -19.61 -32.33
CA ARG D 311 -15.34 -18.26 -31.75
C ARG D 311 -13.97 -17.46 -31.53
N HIS D 312 -12.91 -18.17 -31.16
CA HIS D 312 -11.62 -17.58 -31.00
C HIS D 312 -11.33 -16.84 -32.29
N ASP D 313 -11.57 -17.50 -33.42
CA ASP D 313 -11.34 -16.91 -34.74
C ASP D 313 -12.22 -15.72 -35.05
N TRP D 314 -13.51 -15.80 -34.74
CA TRP D 314 -14.32 -14.64 -35.00
C TRP D 314 -13.80 -13.46 -34.30
N PHE D 315 -13.24 -13.64 -33.09
CA PHE D 315 -12.85 -12.49 -32.22
C PHE D 315 -11.51 -11.97 -32.75
N VAL D 316 -10.52 -12.86 -32.88
CA VAL D 316 -9.16 -12.53 -33.26
C VAL D 316 -9.17 -11.76 -34.59
N GLU D 317 -9.99 -12.23 -35.52
CA GLU D 317 -10.08 -11.71 -36.82
C GLU D 317 -10.77 -10.33 -36.85
N ARG D 318 -11.84 -10.08 -36.10
CA ARG D 318 -12.46 -8.75 -36.20
C ARG D 318 -11.62 -7.74 -35.39
N LEU D 319 -10.95 -8.20 -34.34
CA LEU D 319 -10.10 -7.33 -33.54
C LEU D 319 -8.92 -6.80 -34.36
N ASN D 320 -8.15 -7.70 -35.02
CA ASN D 320 -7.18 -7.34 -36.07
C ASN D 320 -7.68 -6.32 -37.11
N THR D 321 -8.79 -6.60 -37.78
CA THR D 321 -9.31 -5.57 -38.65
C THR D 321 -9.59 -4.32 -37.85
N ILE D 322 -10.00 -4.42 -36.59
CA ILE D 322 -10.25 -3.17 -35.83
C ILE D 322 -8.92 -2.39 -35.58
N ASN D 323 -7.88 -3.13 -35.27
CA ASN D 323 -6.63 -2.59 -34.93
C ASN D 323 -5.90 -1.96 -36.13
N HIS D 324 -6.08 -2.58 -37.31
CA HIS D 324 -5.52 -2.13 -38.58
C HIS D 324 -6.16 -0.79 -38.81
N ARG D 325 -7.45 -0.64 -38.51
CA ARG D 325 -8.06 0.66 -38.63
C ARG D 325 -7.53 1.77 -37.64
N TYR D 326 -7.47 1.46 -36.33
CA TYR D 326 -7.34 2.49 -35.28
C TYR D 326 -5.93 2.52 -34.58
N GLY D 327 -5.14 1.46 -34.80
CA GLY D 327 -3.72 1.39 -34.36
C GLY D 327 -3.51 1.49 -32.84
N LEU D 328 -4.29 0.71 -32.06
CA LEU D 328 -4.18 0.63 -30.62
C LEU D 328 -3.30 -0.48 -30.07
N PHE D 329 -3.03 -1.58 -30.78
CA PHE D 329 -2.47 -2.70 -30.04
C PHE D 329 -1.26 -3.26 -30.69
N SER D 330 -0.34 -3.86 -29.93
CA SER D 330 0.76 -4.58 -30.56
C SER D 330 0.34 -5.96 -31.01
N GLU D 331 -0.57 -6.59 -30.26
CA GLU D 331 -0.97 -7.97 -30.54
C GLU D 331 -2.25 -8.34 -29.83
N VAL D 332 -2.96 -9.30 -30.40
CA VAL D 332 -4.13 -9.97 -29.80
C VAL D 332 -3.66 -11.41 -29.45
N ARG D 333 -3.53 -11.78 -28.18
CA ARG D 333 -3.10 -13.13 -27.76
C ARG D 333 -4.18 -13.88 -26.90
N GLY D 334 -3.82 -15.08 -26.49
CA GLY D 334 -4.70 -15.95 -25.71
C GLY D 334 -5.17 -17.21 -26.46
N LEU D 335 -5.86 -18.11 -25.76
CA LEU D 335 -6.46 -19.36 -26.30
C LEU D 335 -7.97 -19.33 -26.21
N GLY D 336 -8.63 -19.87 -27.21
CA GLY D 336 -10.03 -20.20 -26.98
C GLY D 336 -10.70 -18.90 -26.68
N LEU D 337 -11.57 -18.83 -25.66
CA LEU D 337 -12.24 -17.56 -25.46
C LEU D 337 -11.69 -16.78 -24.24
N LEU D 338 -10.39 -16.91 -23.98
CA LEU D 338 -9.73 -15.98 -23.03
C LEU D 338 -8.71 -15.19 -23.84
N ILE D 339 -9.12 -14.00 -24.25
CA ILE D 339 -8.38 -13.23 -25.26
C ILE D 339 -7.90 -11.87 -24.69
N GLY D 340 -6.63 -11.54 -24.96
CA GLY D 340 -6.04 -10.21 -24.57
C GLY D 340 -5.45 -9.41 -25.74
N CYS D 341 -5.91 -8.17 -25.87
CA CYS D 341 -5.43 -7.14 -26.75
C CYS D 341 -4.37 -6.27 -26.03
N VAL D 342 -3.09 -6.52 -26.33
CA VAL D 342 -1.99 -5.82 -25.68
C VAL D 342 -1.89 -4.38 -26.24
N LEU D 343 -1.81 -3.39 -25.36
CA LEU D 343 -1.75 -1.99 -25.82
C LEU D 343 -0.33 -1.61 -26.34
N ASN D 344 -0.24 -0.70 -27.31
CA ASN D 344 1.09 -0.44 -27.92
C ASN D 344 1.78 0.65 -27.13
N ALA D 345 3.03 0.96 -27.48
CA ALA D 345 3.85 1.88 -26.63
C ALA D 345 3.11 3.19 -26.42
N ASP D 346 2.48 3.64 -27.47
CA ASP D 346 1.77 4.90 -27.54
C ASP D 346 0.60 4.96 -26.57
N TYR D 347 -0.11 3.85 -26.36
CA TYR D 347 -1.22 3.86 -25.45
C TYR D 347 -0.98 3.05 -24.17
N ALA D 348 0.26 2.61 -23.93
CA ALA D 348 0.50 1.77 -22.76
C ALA D 348 -0.19 2.30 -21.48
N GLY D 349 -0.81 1.40 -20.70
CA GLY D 349 -1.37 1.78 -19.37
C GLY D 349 -2.80 2.32 -19.43
N GLN D 350 -3.33 2.49 -20.64
CA GLN D 350 -4.69 2.95 -20.83
C GLN D 350 -5.80 1.86 -21.07
N ALA D 351 -5.53 0.62 -20.70
CA ALA D 351 -6.55 -0.50 -20.81
C ALA D 351 -7.86 -0.07 -20.17
N LYS D 352 -7.80 0.46 -18.94
CA LYS D 352 -9.01 0.87 -18.26
C LYS D 352 -9.85 1.96 -18.94
N GLN D 353 -9.15 2.87 -19.56
CA GLN D 353 -9.79 3.95 -20.30
C GLN D 353 -10.53 3.46 -21.51
N ILE D 354 -9.95 2.51 -22.24
CA ILE D 354 -10.62 1.91 -23.38
C ILE D 354 -11.89 1.15 -22.87
N SER D 355 -11.69 0.38 -21.79
CA SER D 355 -12.74 -0.34 -21.11
C SER D 355 -13.91 0.51 -20.76
N GLN D 356 -13.66 1.73 -20.36
CA GLN D 356 -14.74 2.64 -19.97
C GLN D 356 -15.45 3.25 -21.18
N GLU D 357 -14.72 3.30 -22.32
CA GLU D 357 -15.25 3.92 -23.54
C GLU D 357 -16.21 2.85 -24.07
N ALA D 358 -15.71 1.61 -24.00
CA ALA D 358 -16.42 0.45 -24.47
C ALA D 358 -17.80 0.41 -23.78
N ALA D 359 -17.84 0.68 -22.49
CA ALA D 359 -19.07 0.56 -21.74
C ALA D 359 -20.00 1.71 -22.12
N LYS D 360 -19.43 2.86 -22.45
CA LYS D 360 -20.25 4.02 -22.86
C LYS D 360 -20.95 3.69 -24.17
N ALA D 361 -20.29 2.93 -25.03
CA ALA D 361 -20.78 2.47 -26.33
C ALA D 361 -21.65 1.17 -26.27
N GLY D 362 -21.87 0.63 -25.06
CA GLY D 362 -22.73 -0.53 -24.85
C GLY D 362 -22.02 -1.87 -24.96
N VAL D 363 -20.72 -1.90 -24.77
CA VAL D 363 -20.06 -3.19 -24.67
C VAL D 363 -19.11 -3.34 -23.42
N MET D 364 -19.35 -4.39 -22.64
CA MET D 364 -18.60 -4.69 -21.45
C MET D 364 -17.32 -5.46 -21.79
N VAL D 365 -16.13 -4.88 -21.54
CA VAL D 365 -14.86 -5.61 -21.70
C VAL D 365 -14.13 -5.55 -20.36
N LEU D 366 -13.10 -6.39 -20.16
CA LEU D 366 -12.28 -6.34 -18.98
C LEU D 366 -10.89 -5.70 -19.29
N ILE D 367 -10.05 -5.51 -18.27
CA ILE D 367 -8.64 -5.33 -18.41
C ILE D 367 -7.93 -6.48 -17.73
N ALA D 368 -6.62 -6.59 -17.89
CA ALA D 368 -5.85 -7.64 -17.25
C ALA D 368 -4.50 -6.99 -17.04
N GLY D 369 -4.46 -6.04 -16.07
CA GLY D 369 -3.29 -5.11 -15.92
C GLY D 369 -3.61 -3.89 -16.79
N GLY D 370 -2.95 -2.76 -16.52
CA GLY D 370 -3.22 -1.47 -17.23
C GLY D 370 -2.89 -1.47 -18.72
N ASN D 371 -2.24 -2.53 -19.17
CA ASN D 371 -1.88 -2.63 -20.52
C ASN D 371 -2.65 -3.60 -21.43
N VAL D 372 -3.67 -4.30 -20.90
CA VAL D 372 -4.30 -5.33 -21.71
C VAL D 372 -5.79 -5.24 -21.65
N VAL D 373 -6.43 -5.24 -22.80
CA VAL D 373 -7.89 -5.32 -22.78
C VAL D 373 -8.32 -6.77 -22.93
N ARG D 374 -9.10 -7.30 -21.97
CA ARG D 374 -9.42 -8.72 -21.89
C ARG D 374 -10.89 -8.96 -22.22
N PHE D 375 -11.08 -10.00 -23.05
CA PHE D 375 -12.39 -10.59 -23.46
C PHE D 375 -12.49 -11.96 -22.87
N ALA D 376 -13.59 -12.26 -22.16
CA ALA D 376 -13.91 -13.58 -21.63
C ALA D 376 -15.42 -13.91 -21.83
N PRO D 377 -15.92 -13.80 -23.08
CA PRO D 377 -17.39 -13.94 -23.22
C PRO D 377 -17.97 -15.33 -22.88
N ALA D 378 -19.29 -15.45 -22.67
CA ALA D 378 -19.94 -16.82 -22.76
C ALA D 378 -19.33 -17.76 -23.84
N LEU D 379 -19.12 -19.03 -23.51
CA LEU D 379 -18.70 -19.98 -24.50
C LEU D 379 -19.75 -20.18 -25.65
N ASN D 380 -21.01 -19.80 -25.38
CA ASN D 380 -22.16 -19.99 -26.26
C ASN D 380 -22.61 -18.65 -26.85
N VAL D 381 -21.70 -17.68 -26.86
CA VAL D 381 -22.04 -16.36 -27.42
C VAL D 381 -22.37 -16.58 -28.90
N SER D 382 -23.39 -15.91 -29.36
CA SER D 382 -23.79 -16.07 -30.76
C SER D 382 -22.95 -15.15 -31.60
N GLU D 383 -22.83 -15.57 -32.86
CA GLU D 383 -22.18 -14.80 -33.89
C GLU D 383 -22.82 -13.43 -34.02
N GLU D 384 -24.13 -13.33 -33.97
CA GLU D 384 -24.71 -12.00 -33.97
C GLU D 384 -24.25 -11.19 -32.74
N GLU D 385 -24.08 -11.87 -31.60
CA GLU D 385 -23.76 -11.15 -30.35
C GLU D 385 -22.31 -10.73 -30.41
N VAL D 386 -21.45 -11.53 -31.02
CA VAL D 386 -20.07 -11.16 -31.22
C VAL D 386 -19.95 -9.93 -32.12
N THR D 387 -20.48 -10.06 -33.30
CA THR D 387 -20.59 -8.97 -34.26
C THR D 387 -21.19 -7.68 -33.73
N THR D 388 -22.32 -7.70 -33.06
CA THR D 388 -22.83 -6.42 -32.51
C THR D 388 -21.89 -5.81 -31.42
N GLY D 389 -21.26 -6.66 -30.59
CA GLY D 389 -20.43 -6.16 -29.50
C GLY D 389 -19.16 -5.52 -30.04
N LEU D 390 -18.53 -6.23 -30.98
CA LEU D 390 -17.34 -5.78 -31.71
C LEU D 390 -17.62 -4.48 -32.50
N ASP D 391 -18.83 -4.32 -33.08
CA ASP D 391 -19.23 -2.99 -33.63
C ASP D 391 -19.24 -1.90 -32.53
N ARG D 392 -19.68 -2.25 -31.33
CA ARG D 392 -19.67 -1.22 -30.31
C ARG D 392 -18.21 -0.97 -29.80
N PHE D 393 -17.40 -2.03 -29.76
CA PHE D 393 -16.01 -1.91 -29.37
C PHE D 393 -15.25 -1.13 -30.42
N ALA D 394 -15.35 -1.51 -31.68
CA ALA D 394 -14.92 -0.62 -32.78
C ALA D 394 -15.37 0.83 -32.61
N ALA D 395 -16.64 1.09 -32.30
CA ALA D 395 -17.05 2.50 -32.20
C ALA D 395 -16.35 3.18 -31.01
N ALA D 396 -16.18 2.40 -29.92
CA ALA D 396 -15.53 2.93 -28.73
C ALA D 396 -14.05 3.25 -29.04
N CYS D 397 -13.34 2.37 -29.81
CA CYS D 397 -12.01 2.63 -30.26
C CYS D 397 -11.89 3.91 -31.09
N GLU D 398 -12.77 4.10 -32.09
CA GLU D 398 -12.87 5.38 -32.80
C GLU D 398 -12.92 6.53 -31.82
N HIS D 399 -13.93 6.62 -30.92
CA HIS D 399 -13.97 7.82 -30.05
CA HIS D 399 -14.11 7.67 -29.90
C HIS D 399 -12.84 7.87 -29.06
N PHE D 400 -12.17 6.75 -28.79
CA PHE D 400 -10.97 6.78 -27.96
C PHE D 400 -9.83 7.53 -28.63
N VAL D 401 -9.38 7.11 -29.82
CA VAL D 401 -8.48 7.94 -30.64
C VAL D 401 -9.06 9.37 -31.04
N SER D 402 -8.71 10.44 -30.32
CA SER D 402 -9.30 11.78 -30.59
C SER D 402 -8.34 12.99 -30.47
#